data_5JO7
#
_entry.id   5JO7
#
_cell.length_a   100.449
_cell.length_b   100.690
_cell.length_c   222.730
_cell.angle_alpha   90.00
_cell.angle_beta   90.00
_cell.angle_gamma   90.00
#
_symmetry.space_group_name_H-M   'P 21 21 21'
#
loop_
_entity.id
_entity.type
_entity.pdbx_description
1 polymer 'Vetispiradiene synthase 1'
2 water water
#
_entity_poly.entity_id   1
_entity_poly.type   'polypeptide(L)'
_entity_poly.pdbx_seq_one_letter_code
;GSHMASPSLWGDRFHSFSVDNQVAEKYAQEIETLKEQTSTMLSAACGTTLTEKLNLIDIIERLGIAYHFEKQIEDMLDHI
YRADPYFEAHEYNDLNTSSVQFRLLRQHGYNVSPNIFSRFQDANGKFKESLRSDIRGLLNLYEASHVRTHKEDILEEALV
FSVGHLESAAPHLKSPLSKQVTHALEQSLHKSIPRVEIRYFISIYEEEEFKNDLLLRFAKLDYNLLQMLHKHELSEVSRW
WKDLDFVTTLPYARDRAVECYFWTMGVYAEPQYSQARVMLAKTIAMISIVDDTFDAYGIVKELEVYTDAIQRWDISQIDR
LPEYMKISYKALLDLYDDYEKELSKDGRSDVVHYAKERMKEIVRNYFIEAKWFIEGYMPSVSEYLSNALATSTYYLLTTT
SYLGMKSATKEHFEWLATNPKILEANATLCRVVDDIATYEVEKGRGQIATGIECYMRDYGVSTEVAMEKFQEMADIAWKD
VNEEILRPTPVSSEILTRILNLARIIDVTYKHNQDGYTHPEKVLKPHIIALVVDSIDI
;
_entity_poly.pdbx_strand_id   A,B,C,D
#
# COMPACT_ATOMS: atom_id res chain seq x y z
N ASP A 20 -21.34 13.89 -4.50
CA ASP A 20 -20.75 15.22 -4.31
C ASP A 20 -21.44 15.97 -3.17
N ASN A 21 -20.63 16.54 -2.29
CA ASN A 21 -21.11 17.21 -1.08
C ASN A 21 -22.17 18.26 -1.33
N GLN A 22 -22.06 18.95 -2.46
CA GLN A 22 -22.88 20.14 -2.67
C GLN A 22 -24.12 19.77 -3.47
N VAL A 23 -24.02 18.69 -4.24
CA VAL A 23 -25.17 18.14 -4.93
C VAL A 23 -26.13 17.55 -3.90
N ALA A 24 -25.57 16.91 -2.88
CA ALA A 24 -26.36 16.33 -1.81
C ALA A 24 -27.02 17.42 -0.98
N GLU A 25 -26.31 18.52 -0.76
CA GLU A 25 -26.87 19.64 0.00
C GLU A 25 -28.06 20.26 -0.72
N LYS A 26 -27.88 20.51 -2.02
CA LYS A 26 -28.93 21.04 -2.87
C LYS A 26 -30.20 20.16 -2.81
N TYR A 27 -30.02 18.84 -3.00
CA TYR A 27 -31.12 17.90 -2.87
C TYR A 27 -31.82 18.02 -1.53
N ALA A 28 -31.03 18.00 -0.47
CA ALA A 28 -31.56 17.95 0.90
C ALA A 28 -32.36 19.21 1.23
N GLN A 29 -31.95 20.32 0.64
CA GLN A 29 -32.58 21.60 0.91
C GLN A 29 -33.99 21.57 0.35
N GLU A 30 -34.09 21.25 -0.93
CA GLU A 30 -35.38 21.19 -1.58
C GLU A 30 -36.28 20.12 -0.96
N ILE A 31 -35.69 19.00 -0.59
CA ILE A 31 -36.45 17.93 0.04
C ILE A 31 -37.11 18.39 1.33
N GLU A 32 -36.39 19.17 2.12
CA GLU A 32 -36.94 19.73 3.35
C GLU A 32 -38.29 20.41 3.10
N THR A 33 -38.32 21.27 2.09
CA THR A 33 -39.55 21.98 1.80
C THR A 33 -40.61 21.07 1.21
N LEU A 34 -40.20 20.17 0.33
CA LEU A 34 -41.11 19.27 -0.36
C LEU A 34 -41.74 18.36 0.69
N LYS A 35 -40.98 18.04 1.72
CA LYS A 35 -41.48 17.19 2.77
C LYS A 35 -42.61 17.90 3.50
N GLU A 36 -42.40 19.18 3.79
CA GLU A 36 -43.36 19.97 4.55
C GLU A 36 -44.65 20.12 3.77
N GLN A 37 -44.54 20.39 2.48
CA GLN A 37 -45.70 20.52 1.59
C GLN A 37 -46.46 19.18 1.50
N THR A 38 -45.73 18.07 1.52
CA THR A 38 -46.39 16.78 1.47
C THR A 38 -47.06 16.43 2.81
N SER A 39 -46.43 16.79 3.94
CA SER A 39 -47.07 16.62 5.23
C SER A 39 -48.42 17.34 5.29
N THR A 40 -48.43 18.56 4.74
CA THR A 40 -49.63 19.39 4.65
C THR A 40 -50.68 18.72 3.75
N MET A 41 -50.20 18.10 2.68
CA MET A 41 -51.04 17.38 1.75
C MET A 41 -51.74 16.19 2.44
N LEU A 42 -51.02 15.50 3.33
CA LEU A 42 -51.58 14.38 4.06
C LEU A 42 -52.56 14.88 5.14
N SER A 43 -52.24 16.00 5.78
CA SER A 43 -53.14 16.62 6.75
C SER A 43 -54.47 17.00 6.11
N ALA A 44 -54.43 17.48 4.88
CA ALA A 44 -55.63 17.90 4.22
C ALA A 44 -56.06 16.87 3.18
N ALA A 45 -55.86 15.61 3.51
CA ALA A 45 -56.65 14.54 2.93
C ALA A 45 -57.70 14.18 3.97
N CYS A 46 -57.76 15.00 5.03
CA CYS A 46 -58.76 14.86 6.09
C CYS A 46 -60.15 14.95 5.50
N GLY A 47 -60.38 15.97 4.68
CA GLY A 47 -61.68 16.16 4.08
C GLY A 47 -61.71 15.80 2.61
N THR A 48 -61.20 14.62 2.29
CA THR A 48 -61.31 14.05 0.96
C THR A 48 -61.94 12.65 1.06
N THR A 49 -62.51 12.17 -0.04
CA THR A 49 -63.12 10.85 -0.05
C THR A 49 -62.07 9.82 0.35
N LEU A 50 -62.54 8.69 0.89
CA LEU A 50 -61.65 7.58 1.26
C LEU A 50 -60.77 7.14 0.12
N THR A 51 -61.33 7.11 -1.09
CA THR A 51 -60.65 6.55 -2.25
C THR A 51 -59.38 7.35 -2.51
N GLU A 52 -59.49 8.66 -2.39
CA GLU A 52 -58.36 9.52 -2.70
C GLU A 52 -57.37 9.68 -1.53
N LYS A 53 -57.80 9.46 -0.29
CA LYS A 53 -56.83 9.35 0.83
C LYS A 53 -55.93 8.12 0.62
N LEU A 54 -56.57 7.02 0.25
CA LEU A 54 -55.89 5.75 -0.03
C LEU A 54 -54.91 5.86 -1.20
N ASN A 55 -55.34 6.54 -2.26
CA ASN A 55 -54.50 6.70 -3.42
C ASN A 55 -53.24 7.52 -3.10
N LEU A 56 -53.39 8.58 -2.32
CA LEU A 56 -52.27 9.43 -1.94
C LEU A 56 -51.25 8.65 -1.10
N ILE A 57 -51.73 7.94 -0.10
CA ILE A 57 -50.86 7.09 0.71
C ILE A 57 -50.17 6.04 -0.13
N ASP A 58 -50.92 5.36 -0.99
CA ASP A 58 -50.34 4.32 -1.85
C ASP A 58 -49.25 4.95 -2.73
N ILE A 59 -49.51 6.12 -3.33
CA ILE A 59 -48.51 6.79 -4.19
C ILE A 59 -47.25 7.20 -3.41
N ILE A 60 -47.45 7.85 -2.26
CA ILE A 60 -46.32 8.27 -1.43
C ILE A 60 -45.51 7.07 -0.96
N GLU A 61 -46.19 6.00 -0.57
CA GLU A 61 -45.48 4.78 -0.18
C GLU A 61 -44.72 4.15 -1.35
N ARG A 62 -45.33 4.06 -2.53
CA ARG A 62 -44.65 3.40 -3.65
C ARG A 62 -43.54 4.23 -4.29
N LEU A 63 -43.60 5.55 -4.08
CA LEU A 63 -42.56 6.46 -4.52
C LEU A 63 -41.36 6.46 -3.58
N GLY A 64 -41.51 5.74 -2.47
CA GLY A 64 -40.44 5.58 -1.49
C GLY A 64 -40.19 6.76 -0.56
N ILE A 65 -41.15 7.66 -0.42
CA ILE A 65 -40.96 8.87 0.40
C ILE A 65 -41.83 8.83 1.64
N ALA A 66 -42.49 7.69 1.85
CA ALA A 66 -43.40 7.52 2.95
C ALA A 66 -42.69 7.56 4.30
N TYR A 67 -41.39 7.23 4.33
CA TYR A 67 -40.65 7.16 5.59
C TYR A 67 -40.46 8.53 6.27
N HIS A 68 -40.66 9.62 5.53
CA HIS A 68 -40.60 10.99 6.09
C HIS A 68 -41.85 11.25 6.92
N PHE A 69 -42.89 10.46 6.66
CA PHE A 69 -44.19 10.70 7.26
C PHE A 69 -44.74 9.47 7.96
N GLU A 70 -43.89 8.71 8.65
CA GLU A 70 -44.31 7.39 9.18
C GLU A 70 -45.52 7.42 10.11
N LYS A 71 -45.41 8.19 11.18
CA LYS A 71 -46.45 8.22 12.20
C LYS A 71 -47.72 8.87 11.66
N GLN A 72 -47.55 9.86 10.79
CA GLN A 72 -48.69 10.56 10.21
C GLN A 72 -49.53 9.60 9.34
N ILE A 73 -48.87 8.84 8.49
CA ILE A 73 -49.54 7.89 7.63
C ILE A 73 -50.17 6.76 8.48
N GLU A 74 -49.45 6.33 9.50
CA GLU A 74 -49.87 5.25 10.36
C GLU A 74 -51.13 5.66 11.14
N ASP A 75 -51.22 6.93 11.53
CA ASP A 75 -52.43 7.44 12.18
C ASP A 75 -53.64 7.49 11.24
N MET A 76 -53.43 7.96 10.01
CA MET A 76 -54.48 7.98 9.01
C MET A 76 -55.02 6.58 8.72
N LEU A 77 -54.12 5.61 8.61
CA LEU A 77 -54.54 4.22 8.32
C LEU A 77 -55.27 3.59 9.51
N ASP A 78 -54.74 3.81 10.71
CA ASP A 78 -55.37 3.32 11.93
C ASP A 78 -56.80 3.81 11.98
N HIS A 79 -56.96 5.10 11.70
CA HIS A 79 -58.27 5.74 11.69
C HIS A 79 -59.21 5.04 10.71
N ILE A 80 -58.68 4.72 9.54
CA ILE A 80 -59.46 4.08 8.49
C ILE A 80 -59.92 2.70 8.94
N TYR A 81 -59.04 1.96 9.59
CA TYR A 81 -59.33 0.63 10.08
C TYR A 81 -60.47 0.68 11.08
N ARG A 82 -60.42 1.69 11.97
CA ARG A 82 -61.40 1.79 13.06
C ARG A 82 -62.72 2.43 12.65
N ALA A 83 -62.69 3.27 11.62
CA ALA A 83 -63.85 4.10 11.28
C ALA A 83 -65.03 3.30 10.77
N ASP A 84 -64.73 2.38 9.86
CA ASP A 84 -65.77 1.65 9.18
C ASP A 84 -65.38 0.19 9.04
N PRO A 85 -65.35 -0.53 10.16
CA PRO A 85 -64.81 -1.88 10.23
C PRO A 85 -65.56 -2.89 9.35
N TYR A 86 -66.88 -2.79 9.24
CA TYR A 86 -67.58 -3.72 8.37
C TYR A 86 -67.81 -2.99 7.06
N PHE A 87 -66.70 -2.70 6.38
CA PHE A 87 -66.64 -1.90 5.15
C PHE A 87 -67.94 -1.60 4.44
N GLU A 88 -68.89 -1.01 5.14
CA GLU A 88 -70.17 -0.70 4.53
C GLU A 88 -70.00 0.72 4.06
N ALA A 89 -71.08 1.34 3.58
CA ALA A 89 -71.01 2.65 2.94
C ALA A 89 -70.41 2.52 1.55
N HIS A 90 -70.68 3.50 0.71
CA HIS A 90 -70.79 3.22 -0.71
C HIS A 90 -69.45 3.08 -1.41
N GLU A 91 -68.39 3.67 -0.85
CA GLU A 91 -67.09 3.60 -1.49
C GLU A 91 -66.58 2.17 -1.63
N TYR A 92 -66.99 1.30 -0.72
CA TYR A 92 -66.45 -0.06 -0.70
C TYR A 92 -67.08 -0.97 -1.71
N ASN A 93 -68.06 -0.46 -2.43
CA ASN A 93 -68.60 -1.16 -3.57
C ASN A 93 -67.63 -1.15 -4.72
N ASP A 94 -66.59 -0.34 -4.57
CA ASP A 94 -65.57 -0.23 -5.59
C ASP A 94 -64.42 -1.19 -5.27
N LEU A 95 -64.15 -2.10 -6.19
CA LEU A 95 -63.16 -3.14 -5.98
C LEU A 95 -61.79 -2.57 -5.70
N ASN A 96 -61.41 -1.57 -6.47
CA ASN A 96 -60.08 -0.97 -6.32
C ASN A 96 -59.87 -0.33 -4.95
N THR A 97 -60.88 0.39 -4.48
CA THR A 97 -60.80 1.04 -3.16
C THR A 97 -60.65 0.00 -2.07
N SER A 98 -61.42 -1.08 -2.18
CA SER A 98 -61.40 -2.15 -1.17
C SER A 98 -60.09 -2.91 -1.13
N SER A 99 -59.59 -3.23 -2.33
CA SER A 99 -58.34 -3.94 -2.50
C SER A 99 -57.16 -3.11 -1.96
N VAL A 100 -57.11 -1.82 -2.30
CA VAL A 100 -55.99 -0.96 -1.84
C VAL A 100 -56.06 -0.79 -0.32
N GLN A 101 -57.23 -0.48 0.21
CA GLN A 101 -57.33 -0.39 1.67
C GLN A 101 -56.90 -1.70 2.35
N PHE A 102 -57.38 -2.83 1.83
CA PHE A 102 -57.04 -4.14 2.40
C PHE A 102 -55.54 -4.38 2.44
N ARG A 103 -54.86 -4.17 1.33
CA ARG A 103 -53.40 -4.33 1.31
C ARG A 103 -52.69 -3.40 2.29
N LEU A 104 -52.98 -2.10 2.22
CA LEU A 104 -52.30 -1.12 3.09
C LEU A 104 -52.49 -1.48 4.55
N LEU A 105 -53.74 -1.74 4.92
CA LEU A 105 -54.04 -2.04 6.31
C LEU A 105 -53.33 -3.34 6.76
N ARG A 106 -53.35 -4.38 5.93
CA ARG A 106 -52.73 -5.64 6.34
C ARG A 106 -51.21 -5.47 6.43
N GLN A 107 -50.62 -4.75 5.49
CA GLN A 107 -49.18 -4.50 5.52
C GLN A 107 -48.77 -3.69 6.75
N HIS A 108 -49.66 -2.83 7.26
CA HIS A 108 -49.36 -2.08 8.47
C HIS A 108 -49.82 -2.79 9.72
N GLY A 109 -50.17 -4.08 9.61
CA GLY A 109 -50.45 -4.86 10.79
C GLY A 109 -51.89 -4.82 11.30
N TYR A 110 -52.81 -4.28 10.51
CA TYR A 110 -54.20 -4.26 10.92
C TYR A 110 -54.86 -5.50 10.37
N ASN A 111 -55.36 -6.35 11.25
CA ASN A 111 -55.99 -7.61 10.89
C ASN A 111 -57.39 -7.43 10.33
N VAL A 112 -57.50 -6.86 9.13
CA VAL A 112 -58.81 -6.68 8.52
C VAL A 112 -59.25 -7.96 7.82
N SER A 113 -60.50 -8.33 8.01
CA SER A 113 -61.02 -9.55 7.44
C SER A 113 -61.12 -9.51 5.93
N PRO A 114 -60.77 -10.61 5.27
CA PRO A 114 -61.01 -10.65 3.83
C PRO A 114 -62.53 -10.72 3.53
N ASN A 115 -63.38 -10.85 4.55
CA ASN A 115 -64.83 -10.70 4.38
C ASN A 115 -65.24 -9.41 3.71
N ILE A 116 -64.36 -8.41 3.68
CA ILE A 116 -64.67 -7.18 2.96
C ILE A 116 -64.83 -7.42 1.48
N PHE A 117 -64.35 -8.57 0.99
CA PHE A 117 -64.42 -8.83 -0.44
C PHE A 117 -65.67 -9.59 -0.82
N SER A 118 -66.43 -10.00 0.19
CA SER A 118 -67.63 -10.83 0.02
C SER A 118 -68.60 -10.27 -1.03
N ARG A 119 -68.76 -8.96 -1.06
CA ARG A 119 -69.73 -8.36 -1.98
C ARG A 119 -69.36 -8.52 -3.44
N PHE A 120 -68.08 -8.78 -3.73
CA PHE A 120 -67.65 -8.92 -5.11
C PHE A 120 -67.75 -10.38 -5.56
N GLN A 121 -68.30 -11.20 -4.69
CA GLN A 121 -68.46 -12.64 -4.93
C GLN A 121 -69.93 -13.01 -5.04
N ASP A 122 -70.26 -14.03 -5.82
CA ASP A 122 -71.64 -14.50 -5.77
C ASP A 122 -71.74 -15.75 -4.88
N ALA A 123 -72.85 -16.47 -4.96
CA ALA A 123 -73.18 -17.54 -4.02
C ALA A 123 -72.02 -18.48 -3.66
N ASN A 124 -71.41 -19.09 -4.68
CA ASN A 124 -70.42 -20.14 -4.45
C ASN A 124 -68.99 -19.66 -4.23
N GLY A 125 -68.84 -18.43 -3.76
CA GLY A 125 -67.52 -17.91 -3.42
C GLY A 125 -66.67 -17.55 -4.62
N LYS A 126 -67.27 -17.57 -5.81
CA LYS A 126 -66.58 -17.14 -7.02
C LYS A 126 -66.78 -15.65 -7.25
N PHE A 127 -65.70 -14.96 -7.63
CA PHE A 127 -65.74 -13.53 -7.95
C PHE A 127 -66.57 -13.25 -9.20
N LYS A 128 -67.31 -12.14 -9.17
CA LYS A 128 -68.24 -11.77 -10.24
C LYS A 128 -67.55 -11.52 -11.58
N GLU A 129 -68.09 -12.09 -12.65
CA GLU A 129 -67.46 -11.97 -13.96
C GLU A 129 -67.53 -10.52 -14.46
N SER A 130 -68.54 -9.78 -13.98
CA SER A 130 -68.70 -8.36 -14.30
C SER A 130 -67.50 -7.51 -13.91
N LEU A 131 -66.67 -8.01 -12.99
CA LEU A 131 -65.48 -7.28 -12.53
C LEU A 131 -64.30 -7.33 -13.51
N ARG A 132 -64.35 -8.23 -14.48
CA ARG A 132 -63.17 -8.53 -15.31
C ARG A 132 -62.76 -7.39 -16.24
N SER A 133 -63.55 -6.32 -16.24
CA SER A 133 -63.33 -5.19 -17.11
C SER A 133 -62.62 -4.07 -16.38
N ASP A 134 -62.60 -4.17 -15.06
CA ASP A 134 -61.92 -3.18 -14.22
C ASP A 134 -60.47 -3.61 -13.96
N ILE A 135 -59.59 -3.33 -14.93
CA ILE A 135 -58.22 -3.84 -14.89
C ILE A 135 -57.46 -3.32 -13.67
N ARG A 136 -57.63 -2.03 -13.36
CA ARG A 136 -56.97 -1.42 -12.21
C ARG A 136 -57.39 -2.10 -10.93
N GLY A 137 -58.69 -2.35 -10.82
CA GLY A 137 -59.25 -3.03 -9.66
C GLY A 137 -58.72 -4.44 -9.54
N LEU A 138 -58.71 -5.15 -10.66
CA LEU A 138 -58.16 -6.48 -10.72
C LEU A 138 -56.70 -6.47 -10.28
N LEU A 139 -55.96 -5.46 -10.71
CA LEU A 139 -54.53 -5.40 -10.41
C LEU A 139 -54.32 -5.26 -8.91
N ASN A 140 -55.09 -4.37 -8.29
CA ASN A 140 -54.99 -4.19 -6.84
C ASN A 140 -55.62 -5.32 -6.09
N LEU A 141 -56.59 -6.02 -6.71
CA LEU A 141 -57.11 -7.20 -6.07
C LEU A 141 -55.99 -8.22 -5.98
N TYR A 142 -55.28 -8.38 -7.10
CA TYR A 142 -54.12 -9.27 -7.18
C TYR A 142 -53.06 -8.99 -6.11
N GLU A 143 -52.65 -7.72 -5.99
CA GLU A 143 -51.68 -7.31 -4.98
C GLU A 143 -52.17 -7.59 -3.58
N ALA A 144 -53.46 -7.37 -3.35
CA ALA A 144 -54.03 -7.61 -2.03
C ALA A 144 -53.98 -9.11 -1.67
N SER A 145 -54.13 -9.95 -2.67
CA SER A 145 -54.22 -11.39 -2.41
C SER A 145 -52.89 -11.94 -1.89
N HIS A 146 -51.78 -11.25 -2.15
CA HIS A 146 -50.48 -11.78 -1.74
C HIS A 146 -50.14 -11.45 -0.29
N VAL A 147 -51.06 -10.78 0.37
CA VAL A 147 -50.89 -10.53 1.78
C VAL A 147 -51.63 -11.59 2.59
N ARG A 148 -52.18 -12.58 1.88
CA ARG A 148 -53.00 -13.58 2.55
C ARG A 148 -52.19 -14.44 3.50
N THR A 149 -52.87 -14.96 4.52
CA THR A 149 -52.27 -15.91 5.45
C THR A 149 -53.06 -17.21 5.35
N HIS A 150 -53.08 -18.03 6.40
CA HIS A 150 -53.71 -19.35 6.35
C HIS A 150 -55.24 -19.25 6.37
N LYS A 151 -55.90 -20.16 5.65
CA LYS A 151 -57.36 -20.32 5.69
C LYS A 151 -58.11 -19.08 5.27
N GLU A 152 -57.58 -18.36 4.29
CA GLU A 152 -58.27 -17.21 3.70
C GLU A 152 -58.62 -17.56 2.28
N ASP A 153 -59.64 -18.42 2.14
CA ASP A 153 -60.05 -18.93 0.84
C ASP A 153 -60.51 -17.84 -0.12
N ILE A 154 -61.19 -16.83 0.42
CA ILE A 154 -61.57 -15.68 -0.41
C ILE A 154 -60.35 -15.12 -1.15
N LEU A 155 -59.22 -15.01 -0.46
CA LEU A 155 -58.03 -14.44 -1.07
C LEU A 155 -57.36 -15.44 -2.00
N GLU A 156 -57.45 -16.74 -1.65
CA GLU A 156 -57.00 -17.78 -2.55
C GLU A 156 -57.77 -17.69 -3.86
N GLU A 157 -59.08 -17.48 -3.75
CA GLU A 157 -59.94 -17.35 -4.93
C GLU A 157 -59.61 -16.06 -5.68
N ALA A 158 -59.37 -14.98 -4.94
CA ALA A 158 -59.00 -13.68 -5.56
C ALA A 158 -57.71 -13.78 -6.40
N LEU A 159 -56.75 -14.53 -5.90
CA LEU A 159 -55.50 -14.77 -6.60
C LEU A 159 -55.74 -15.49 -7.93
N VAL A 160 -56.42 -16.64 -7.89
CA VAL A 160 -56.67 -17.38 -9.12
C VAL A 160 -57.52 -16.53 -10.08
N PHE A 161 -58.54 -15.87 -9.54
CA PHE A 161 -59.45 -15.05 -10.35
C PHE A 161 -58.74 -13.86 -11.03
N SER A 162 -58.00 -13.05 -10.27
CA SER A 162 -57.40 -11.83 -10.87
C SER A 162 -56.30 -12.20 -11.86
N VAL A 163 -55.51 -13.21 -11.52
CA VAL A 163 -54.44 -13.67 -12.40
C VAL A 163 -54.95 -14.08 -13.78
N GLY A 164 -56.03 -14.84 -13.83
CA GLY A 164 -56.60 -15.25 -15.10
C GLY A 164 -56.99 -14.08 -15.99
N HIS A 165 -57.70 -13.12 -15.41
CA HIS A 165 -58.21 -12.00 -16.20
C HIS A 165 -57.09 -11.00 -16.55
N LEU A 166 -56.15 -10.80 -15.64
CA LEU A 166 -55.07 -9.88 -15.92
C LEU A 166 -54.20 -10.44 -17.05
N GLU A 167 -53.89 -11.73 -17.00
CA GLU A 167 -53.14 -12.37 -18.07
C GLU A 167 -53.83 -12.27 -19.44
N SER A 168 -55.14 -12.43 -19.48
CA SER A 168 -55.86 -12.37 -20.76
C SER A 168 -56.03 -10.95 -21.31
N ALA A 169 -56.01 -9.95 -20.43
CA ALA A 169 -56.27 -8.57 -20.86
C ALA A 169 -54.97 -7.88 -21.28
N ALA A 170 -53.86 -8.32 -20.69
CA ALA A 170 -52.55 -7.68 -20.90
C ALA A 170 -52.22 -7.36 -22.37
N PRO A 171 -52.50 -8.28 -23.32
CA PRO A 171 -52.13 -7.98 -24.71
C PRO A 171 -52.70 -6.68 -25.29
N HIS A 172 -53.85 -6.21 -24.81
CA HIS A 172 -54.46 -5.00 -25.36
C HIS A 172 -54.36 -3.78 -24.43
N LEU A 173 -53.67 -3.93 -23.29
CA LEU A 173 -53.49 -2.79 -22.37
C LEU A 173 -52.48 -1.77 -22.90
N LYS A 174 -52.70 -0.50 -22.59
CA LYS A 174 -51.73 0.50 -23.00
C LYS A 174 -50.74 0.69 -21.84
N SER A 175 -49.67 1.41 -22.10
CA SER A 175 -48.64 1.72 -21.14
C SER A 175 -48.98 3.01 -20.36
N PRO A 176 -48.52 3.13 -19.11
CA PRO A 176 -47.74 2.18 -18.30
C PRO A 176 -48.55 1.09 -17.61
N LEU A 177 -49.88 1.08 -17.73
CA LEU A 177 -50.69 0.05 -17.06
C LEU A 177 -50.30 -1.38 -17.48
N SER A 178 -50.06 -1.57 -18.78
CA SER A 178 -49.60 -2.84 -19.32
C SER A 178 -48.30 -3.27 -18.61
N LYS A 179 -47.38 -2.34 -18.49
CA LYS A 179 -46.13 -2.59 -17.78
C LYS A 179 -46.37 -3.02 -16.34
N GLN A 180 -47.21 -2.27 -15.63
CA GLN A 180 -47.49 -2.58 -14.24
C GLN A 180 -48.03 -3.98 -14.07
N VAL A 181 -48.97 -4.34 -14.94
CA VAL A 181 -49.61 -5.65 -14.86
C VAL A 181 -48.57 -6.78 -15.06
N THR A 182 -47.79 -6.68 -16.12
CA THR A 182 -46.76 -7.68 -16.40
C THR A 182 -45.83 -7.84 -15.21
N HIS A 183 -45.35 -6.70 -14.74
CA HIS A 183 -44.44 -6.63 -13.59
C HIS A 183 -45.06 -7.26 -12.36
N ALA A 184 -46.29 -6.85 -12.03
CA ALA A 184 -47.00 -7.38 -10.87
C ALA A 184 -47.13 -8.91 -10.97
N LEU A 185 -47.48 -9.42 -12.14
CA LEU A 185 -47.65 -10.89 -12.32
C LEU A 185 -46.35 -11.68 -12.08
N GLU A 186 -45.20 -11.12 -12.48
CA GLU A 186 -43.92 -11.78 -12.28
C GLU A 186 -43.51 -11.84 -10.81
N GLN A 187 -43.74 -10.77 -10.08
CA GLN A 187 -43.46 -10.72 -8.63
C GLN A 187 -44.31 -9.64 -7.98
N SER A 188 -45.17 -10.02 -7.06
CA SER A 188 -46.09 -9.07 -6.44
C SER A 188 -45.35 -8.04 -5.59
N LEU A 189 -45.99 -6.89 -5.38
CA LEU A 189 -45.41 -5.81 -4.59
C LEU A 189 -45.02 -6.25 -3.19
N HIS A 190 -45.94 -6.94 -2.53
CA HIS A 190 -45.76 -7.32 -1.15
C HIS A 190 -44.59 -8.26 -0.91
N LYS A 191 -44.23 -9.04 -1.93
CA LYS A 191 -43.14 -10.00 -1.81
C LYS A 191 -41.89 -9.53 -2.56
N SER A 192 -41.79 -8.22 -2.84
CA SER A 192 -40.62 -7.72 -3.57
C SER A 192 -39.73 -6.83 -2.69
N ILE A 193 -38.50 -6.60 -3.14
CA ILE A 193 -37.57 -5.73 -2.39
C ILE A 193 -38.08 -4.30 -2.50
N PRO A 194 -38.42 -3.68 -1.37
CA PRO A 194 -39.01 -2.33 -1.39
C PRO A 194 -38.22 -1.34 -2.27
N ARG A 195 -36.90 -1.24 -2.12
CA ARG A 195 -36.12 -0.23 -2.84
C ARG A 195 -36.14 -0.47 -4.35
N VAL A 196 -36.12 -1.75 -4.73
CA VAL A 196 -36.20 -2.10 -6.15
C VAL A 196 -37.54 -1.66 -6.73
N GLU A 197 -38.63 -1.93 -6.01
CA GLU A 197 -39.98 -1.53 -6.45
C GLU A 197 -40.16 -0.02 -6.50
N ILE A 198 -39.57 0.68 -5.53
CA ILE A 198 -39.61 2.15 -5.48
C ILE A 198 -39.02 2.72 -6.78
N ARG A 199 -37.82 2.28 -7.14
CA ARG A 199 -37.20 2.72 -8.38
C ARG A 199 -38.08 2.37 -9.59
N TYR A 200 -38.65 1.18 -9.57
CA TYR A 200 -39.53 0.80 -10.67
C TYR A 200 -40.78 1.70 -10.66
N PHE A 201 -41.39 1.89 -9.51
CA PHE A 201 -42.63 2.69 -9.50
C PHE A 201 -42.40 4.14 -9.93
N ILE A 202 -41.23 4.69 -9.64
CA ILE A 202 -40.90 6.04 -10.06
C ILE A 202 -40.95 6.16 -11.59
N SER A 203 -40.45 5.12 -12.26
CA SER A 203 -40.49 5.09 -13.71
C SER A 203 -41.92 5.01 -14.22
N ILE A 204 -42.77 4.25 -13.54
CA ILE A 204 -44.18 4.18 -13.89
C ILE A 204 -44.91 5.52 -13.72
N TYR A 205 -44.69 6.16 -12.58
CA TYR A 205 -45.41 7.39 -12.25
C TYR A 205 -45.01 8.49 -13.21
N GLU A 206 -43.75 8.48 -13.63
CA GLU A 206 -43.25 9.45 -14.61
C GLU A 206 -44.09 9.39 -15.88
N GLU A 207 -44.43 8.17 -16.28
CA GLU A 207 -45.06 7.91 -17.57
C GLU A 207 -46.56 8.24 -17.56
N GLU A 208 -47.18 8.28 -16.39
CA GLU A 208 -48.58 8.65 -16.23
C GLU A 208 -48.91 10.06 -16.73
N GLU A 209 -50.18 10.27 -17.06
CA GLU A 209 -50.68 11.56 -17.54
C GLU A 209 -51.23 12.48 -16.43
N PHE A 210 -51.82 11.88 -15.40
CA PHE A 210 -52.51 12.63 -14.36
C PHE A 210 -51.76 12.58 -13.04
N LYS A 211 -50.44 12.72 -13.08
CA LYS A 211 -49.66 12.52 -11.87
C LYS A 211 -49.37 13.83 -11.16
N ASN A 212 -48.97 13.71 -9.90
CA ASN A 212 -48.54 14.87 -9.15
C ASN A 212 -47.05 15.14 -9.38
N ASP A 213 -46.76 16.26 -10.04
CA ASP A 213 -45.37 16.55 -10.42
C ASP A 213 -44.51 16.87 -9.21
N LEU A 214 -45.10 17.38 -8.14
CA LEU A 214 -44.35 17.63 -6.93
C LEU A 214 -43.91 16.32 -6.25
N LEU A 215 -44.83 15.38 -6.10
CA LEU A 215 -44.48 14.11 -5.50
C LEU A 215 -43.45 13.39 -6.35
N LEU A 216 -43.60 13.48 -7.66
CA LEU A 216 -42.67 12.82 -8.56
C LEU A 216 -41.26 13.40 -8.38
N ARG A 217 -41.14 14.73 -8.37
CA ARG A 217 -39.82 15.35 -8.23
C ARG A 217 -39.21 15.06 -6.86
N PHE A 218 -40.04 15.17 -5.84
CA PHE A 218 -39.67 14.79 -4.49
C PHE A 218 -39.10 13.36 -4.48
N ALA A 219 -39.82 12.40 -5.08
CA ALA A 219 -39.37 11.00 -5.13
C ALA A 219 -38.02 10.82 -5.84
N LYS A 220 -37.80 11.54 -6.94
CA LYS A 220 -36.56 11.41 -7.67
C LYS A 220 -35.37 12.00 -6.89
N LEU A 221 -35.56 13.17 -6.27
CA LEU A 221 -34.49 13.81 -5.50
C LEU A 221 -34.10 12.95 -4.29
N ASP A 222 -35.11 12.42 -3.61
CA ASP A 222 -34.92 11.61 -2.42
C ASP A 222 -34.21 10.28 -2.80
N TYR A 223 -34.63 9.64 -3.90
CA TYR A 223 -33.95 8.44 -4.38
C TYR A 223 -32.45 8.73 -4.61
N ASN A 224 -32.15 9.75 -5.42
CA ASN A 224 -30.75 10.10 -5.73
C ASN A 224 -29.94 10.46 -4.50
N LEU A 225 -30.55 11.17 -3.56
CA LEU A 225 -29.86 11.54 -2.34
C LEU A 225 -29.55 10.29 -1.49
N LEU A 226 -30.54 9.42 -1.34
CA LEU A 226 -30.32 8.18 -0.59
C LEU A 226 -29.23 7.32 -1.26
N GLN A 227 -29.25 7.31 -2.58
CA GLN A 227 -28.28 6.54 -3.34
C GLN A 227 -26.83 7.02 -3.08
N MET A 228 -26.66 8.33 -2.92
CA MET A 228 -25.36 8.89 -2.55
C MET A 228 -24.88 8.35 -1.21
N LEU A 229 -25.77 8.31 -0.25
CA LEU A 229 -25.46 7.72 1.04
C LEU A 229 -25.05 6.26 0.83
N HIS A 230 -25.85 5.53 0.05
CA HIS A 230 -25.59 4.10 -0.20
C HIS A 230 -24.22 3.87 -0.86
N LYS A 231 -23.87 4.68 -1.85
CA LYS A 231 -22.56 4.57 -2.50
C LYS A 231 -21.45 4.84 -1.49
N HIS A 232 -21.70 5.78 -0.59
CA HIS A 232 -20.75 6.12 0.45
C HIS A 232 -20.55 4.95 1.41
N GLU A 233 -21.65 4.36 1.85
CA GLU A 233 -21.58 3.19 2.72
C GLU A 233 -20.84 2.02 2.05
N LEU A 234 -21.13 1.80 0.78
CA LEU A 234 -20.48 0.75 0.01
C LEU A 234 -18.96 0.99 -0.02
N SER A 235 -18.53 2.24 -0.18
CA SER A 235 -17.10 2.54 -0.19
C SER A 235 -16.46 2.18 1.13
N GLU A 236 -17.15 2.49 2.23
CA GLU A 236 -16.64 2.17 3.55
C GLU A 236 -16.51 0.65 3.74
N VAL A 237 -17.58 -0.07 3.42
CA VAL A 237 -17.54 -1.54 3.45
C VAL A 237 -16.37 -2.09 2.61
N SER A 238 -16.27 -1.59 1.40
CA SER A 238 -15.24 -2.00 0.47
C SER A 238 -13.83 -1.68 0.94
N ARG A 239 -13.63 -0.54 1.60
CA ARG A 239 -12.30 -0.19 2.12
C ARG A 239 -11.98 -1.06 3.32
N TRP A 240 -12.99 -1.34 4.13
CA TRP A 240 -12.79 -2.21 5.26
C TRP A 240 -12.32 -3.60 4.76
N TRP A 241 -12.99 -4.13 3.74
CA TRP A 241 -12.65 -5.45 3.19
C TRP A 241 -11.22 -5.48 2.67
N LYS A 242 -10.86 -4.46 1.92
CA LYS A 242 -9.52 -4.40 1.35
C LYS A 242 -8.46 -4.31 2.43
N ASP A 243 -8.74 -3.61 3.53
CA ASP A 243 -7.76 -3.52 4.61
C ASP A 243 -7.48 -4.90 5.22
N LEU A 244 -8.50 -5.72 5.32
CA LEU A 244 -8.36 -7.08 5.85
C LEU A 244 -7.42 -7.92 4.97
N ASP A 245 -7.42 -7.61 3.68
CA ASP A 245 -6.43 -8.17 2.75
C ASP A 245 -6.48 -9.70 2.67
N PHE A 246 -7.68 -10.25 2.62
CA PHE A 246 -7.84 -11.70 2.58
C PHE A 246 -7.24 -12.35 1.33
N VAL A 247 -7.43 -11.74 0.17
CA VAL A 247 -7.04 -12.34 -1.09
C VAL A 247 -5.52 -12.46 -1.26
N THR A 248 -4.78 -11.80 -0.38
CA THR A 248 -3.33 -11.92 -0.37
C THR A 248 -2.95 -13.18 0.40
N THR A 249 -3.66 -13.46 1.49
CA THR A 249 -3.38 -14.65 2.27
C THR A 249 -4.26 -15.82 1.83
N LEU A 250 -5.49 -15.54 1.39
CA LEU A 250 -6.39 -16.59 0.86
C LEU A 250 -6.84 -16.28 -0.58
N PRO A 251 -5.96 -16.49 -1.55
CA PRO A 251 -6.20 -16.00 -2.92
C PRO A 251 -7.39 -16.67 -3.60
N TYR A 252 -7.76 -17.84 -3.10
CA TYR A 252 -8.94 -18.55 -3.60
C TYR A 252 -10.25 -17.98 -3.00
N ALA A 253 -10.14 -17.05 -2.04
CA ALA A 253 -11.32 -16.44 -1.40
C ALA A 253 -12.10 -15.56 -2.35
N ARG A 254 -13.43 -15.58 -2.28
CA ARG A 254 -14.24 -14.75 -3.17
C ARG A 254 -14.21 -13.27 -2.77
N ASP A 255 -13.83 -12.42 -3.71
CA ASP A 255 -13.81 -10.97 -3.49
C ASP A 255 -15.14 -10.35 -3.87
N ARG A 256 -16.11 -10.39 -2.94
CA ARG A 256 -17.48 -10.01 -3.26
C ARG A 256 -18.15 -9.04 -2.25
N ALA A 257 -17.47 -7.96 -1.91
CA ALA A 257 -17.98 -7.01 -0.92
C ALA A 257 -19.27 -6.32 -1.36
N VAL A 258 -19.35 -6.04 -2.66
CA VAL A 258 -20.50 -5.33 -3.22
C VAL A 258 -21.79 -6.09 -3.01
N GLU A 259 -21.73 -7.41 -3.29
CA GLU A 259 -22.83 -8.33 -3.08
C GLU A 259 -23.22 -8.40 -1.62
N CYS A 260 -22.22 -8.45 -0.74
CA CYS A 260 -22.51 -8.43 0.71
C CYS A 260 -23.25 -7.15 1.13
N TYR A 261 -22.79 -5.99 0.64
CA TYR A 261 -23.44 -4.70 0.95
C TYR A 261 -24.84 -4.63 0.29
N PHE A 262 -24.98 -5.17 -0.91
CA PHE A 262 -26.27 -5.05 -1.60
C PHE A 262 -27.46 -5.55 -0.79
N TRP A 263 -27.32 -6.70 -0.15
CA TRP A 263 -28.43 -7.29 0.60
CA TRP A 263 -28.40 -7.31 0.61
C TRP A 263 -28.97 -6.33 1.64
N THR A 264 -28.09 -5.51 2.21
CA THR A 264 -28.48 -4.64 3.31
C THR A 264 -29.43 -3.51 2.88
N MET A 265 -29.34 -3.06 1.63
CA MET A 265 -30.27 -2.05 1.10
C MET A 265 -31.69 -2.63 0.98
N GLY A 266 -31.78 -3.94 0.82
CA GLY A 266 -33.07 -4.63 0.82
C GLY A 266 -33.67 -4.74 2.20
N VAL A 267 -32.82 -4.79 3.23
CA VAL A 267 -33.29 -4.93 4.60
C VAL A 267 -33.82 -3.57 5.13
N TYR A 268 -33.14 -2.49 4.78
CA TYR A 268 -33.56 -1.09 5.10
C TYR A 268 -32.81 -0.12 4.21
N ALA A 269 -33.55 0.81 3.62
CA ALA A 269 -32.94 1.81 2.74
C ALA A 269 -32.84 3.17 3.39
N GLU A 270 -33.63 3.40 4.44
CA GLU A 270 -33.73 4.73 5.05
C GLU A 270 -32.42 5.16 5.72
N PRO A 271 -32.16 6.50 5.76
CA PRO A 271 -30.91 7.07 6.26
C PRO A 271 -30.55 6.63 7.66
N GLN A 272 -31.55 6.51 8.53
CA GLN A 272 -31.26 6.23 9.93
C GLN A 272 -30.71 4.81 10.15
N TYR A 273 -30.77 3.94 9.14
CA TYR A 273 -30.26 2.56 9.29
C TYR A 273 -28.89 2.42 8.64
N SER A 274 -28.22 3.55 8.43
CA SER A 274 -26.91 3.59 7.79
C SER A 274 -25.86 2.76 8.53
N GLN A 275 -25.77 2.97 9.84
CA GLN A 275 -24.81 2.27 10.68
C GLN A 275 -25.19 0.78 10.70
N ALA A 276 -26.49 0.49 10.69
CA ALA A 276 -27.00 -0.87 10.65
C ALA A 276 -26.61 -1.64 9.38
N ARG A 277 -26.69 -0.97 8.23
CA ARG A 277 -26.34 -1.57 6.98
C ARG A 277 -24.86 -1.97 6.92
N VAL A 278 -23.99 -1.07 7.36
CA VAL A 278 -22.55 -1.29 7.32
C VAL A 278 -22.19 -2.45 8.24
N MET A 279 -22.77 -2.49 9.44
CA MET A 279 -22.56 -3.62 10.34
C MET A 279 -23.02 -4.94 9.74
N LEU A 280 -24.22 -4.95 9.13
CA LEU A 280 -24.79 -6.15 8.52
C LEU A 280 -23.92 -6.59 7.36
N ALA A 281 -23.51 -5.62 6.54
CA ALA A 281 -22.64 -5.86 5.41
C ALA A 281 -21.39 -6.65 5.81
N LYS A 282 -20.74 -6.23 6.89
CA LYS A 282 -19.50 -6.85 7.34
C LYS A 282 -19.67 -8.30 7.83
N THR A 283 -20.75 -8.57 8.54
CA THR A 283 -21.06 -9.92 8.97
C THR A 283 -21.30 -10.81 7.75
N ILE A 284 -21.96 -10.26 6.74
CA ILE A 284 -22.25 -11.05 5.54
C ILE A 284 -20.94 -11.40 4.83
N ALA A 285 -20.05 -10.42 4.74
CA ALA A 285 -18.70 -10.63 4.18
C ALA A 285 -17.91 -11.66 5.00
N MET A 286 -18.04 -11.63 6.33
CA MET A 286 -17.33 -12.59 7.18
C MET A 286 -17.90 -14.01 7.02
N ILE A 287 -19.21 -14.11 6.82
CA ILE A 287 -19.82 -15.40 6.53
C ILE A 287 -19.16 -16.00 5.30
N SER A 288 -19.01 -15.16 4.29
CA SER A 288 -18.39 -15.52 3.02
C SER A 288 -16.98 -16.06 3.24
N ILE A 289 -16.23 -15.39 4.12
CA ILE A 289 -14.88 -15.79 4.44
C ILE A 289 -14.84 -17.10 5.22
N VAL A 290 -15.79 -17.28 6.13
CA VAL A 290 -15.93 -18.56 6.85
C VAL A 290 -16.31 -19.71 5.91
N ASP A 291 -17.18 -19.47 4.93
CA ASP A 291 -17.51 -20.49 3.92
C ASP A 291 -16.26 -20.94 3.13
N ASP A 292 -15.51 -19.95 2.67
CA ASP A 292 -14.30 -20.20 1.91
C ASP A 292 -13.26 -20.95 2.73
N THR A 293 -13.24 -20.69 4.04
CA THR A 293 -12.29 -21.38 4.90
C THR A 293 -12.72 -22.83 5.11
N PHE A 294 -14.02 -23.06 5.24
CA PHE A 294 -14.52 -24.41 5.40
C PHE A 294 -14.27 -25.27 4.17
N ASP A 295 -14.41 -24.66 3.01
CA ASP A 295 -14.39 -25.37 1.76
C ASP A 295 -12.98 -25.46 1.14
N ALA A 296 -11.99 -24.85 1.79
CA ALA A 296 -10.64 -24.76 1.25
C ALA A 296 -9.98 -26.13 1.06
N TYR A 297 -9.99 -26.94 2.11
CA TYR A 297 -9.35 -28.25 2.04
C TYR A 297 -10.38 -29.33 2.37
N GLY A 298 -11.24 -29.07 3.35
CA GLY A 298 -12.24 -30.05 3.73
C GLY A 298 -11.58 -31.22 4.45
N ILE A 299 -10.53 -30.92 5.21
CA ILE A 299 -9.89 -31.90 6.08
C ILE A 299 -10.58 -31.85 7.45
N VAL A 300 -11.24 -32.94 7.83
CA VAL A 300 -12.15 -32.94 8.95
C VAL A 300 -11.49 -32.56 10.29
N LYS A 301 -10.28 -33.03 10.55
CA LYS A 301 -9.54 -32.67 11.76
C LYS A 301 -9.32 -31.16 11.85
N GLU A 302 -9.12 -30.52 10.71
CA GLU A 302 -8.95 -29.07 10.68
C GLU A 302 -10.29 -28.39 10.96
N LEU A 303 -11.35 -28.81 10.28
CA LEU A 303 -12.66 -28.22 10.50
C LEU A 303 -13.05 -28.37 11.97
N GLU A 304 -12.67 -29.51 12.56
CA GLU A 304 -12.98 -29.82 13.95
C GLU A 304 -12.39 -28.80 14.93
N VAL A 305 -11.09 -28.54 14.83
CA VAL A 305 -10.43 -27.56 15.71
C VAL A 305 -10.89 -26.12 15.41
N TYR A 306 -11.14 -25.84 14.14
CA TYR A 306 -11.66 -24.54 13.74
C TYR A 306 -13.00 -24.29 14.43
N THR A 307 -13.90 -25.24 14.26
CA THR A 307 -15.22 -25.20 14.87
C THR A 307 -15.14 -25.08 16.39
N ASP A 308 -14.26 -25.86 17.00
CA ASP A 308 -14.14 -25.81 18.46
C ASP A 308 -13.59 -24.45 18.89
N ALA A 309 -12.58 -23.98 18.17
CA ALA A 309 -11.94 -22.70 18.46
C ALA A 309 -12.95 -21.57 18.42
N ILE A 310 -13.88 -21.67 17.47
CA ILE A 310 -14.93 -20.66 17.29
C ILE A 310 -15.93 -20.70 18.45
N GLN A 311 -16.30 -21.91 18.88
CA GLN A 311 -17.21 -22.08 20.01
C GLN A 311 -16.59 -21.46 21.24
N ARG A 312 -15.28 -21.61 21.40
CA ARG A 312 -14.62 -21.13 22.61
C ARG A 312 -14.40 -19.64 22.47
N TRP A 313 -14.16 -19.18 21.24
CA TRP A 313 -14.07 -17.75 20.92
C TRP A 313 -13.13 -16.94 21.81
N ASP A 314 -11.83 -17.15 21.63
CA ASP A 314 -10.81 -16.40 22.34
C ASP A 314 -9.51 -16.45 21.58
N ILE A 315 -8.73 -15.37 21.66
CA ILE A 315 -7.48 -15.27 20.91
C ILE A 315 -6.49 -16.36 21.34
N SER A 316 -6.66 -16.84 22.57
CA SER A 316 -5.78 -17.87 23.10
C SER A 316 -5.87 -19.14 22.25
N GLN A 317 -6.99 -19.28 21.53
CA GLN A 317 -7.27 -20.44 20.69
C GLN A 317 -6.58 -20.43 19.32
N ILE A 318 -6.05 -19.28 18.92
CA ILE A 318 -5.59 -19.09 17.54
C ILE A 318 -4.39 -20.00 17.20
N ASP A 319 -3.59 -20.35 18.20
CA ASP A 319 -2.41 -21.16 17.98
C ASP A 319 -2.77 -22.63 17.72
N ARG A 320 -4.00 -23.01 18.00
CA ARG A 320 -4.43 -24.38 17.76
C ARG A 320 -4.65 -24.63 16.27
N LEU A 321 -4.80 -23.57 15.49
CA LEU A 321 -5.27 -23.64 14.11
C LEU A 321 -4.18 -23.78 13.05
N PRO A 322 -4.51 -24.45 11.93
CA PRO A 322 -3.66 -24.33 10.74
C PRO A 322 -3.52 -22.85 10.39
N GLU A 323 -2.40 -22.47 9.79
CA GLU A 323 -2.11 -21.06 9.49
C GLU A 323 -3.20 -20.33 8.70
N TYR A 324 -3.74 -21.00 7.70
CA TYR A 324 -4.72 -20.35 6.84
C TYR A 324 -6.01 -20.02 7.61
N MET A 325 -6.30 -20.81 8.64
CA MET A 325 -7.49 -20.58 9.46
C MET A 325 -7.33 -19.47 10.49
N LYS A 326 -6.09 -19.17 10.87
CA LYS A 326 -5.82 -18.12 11.84
C LYS A 326 -6.27 -16.79 11.29
N ILE A 327 -6.17 -16.65 9.98
CA ILE A 327 -6.53 -15.42 9.29
C ILE A 327 -8.00 -15.08 9.52
N SER A 328 -8.89 -16.04 9.27
CA SER A 328 -10.32 -15.75 9.45
C SER A 328 -10.64 -15.61 10.93
N TYR A 329 -10.01 -16.44 11.77
CA TYR A 329 -10.29 -16.41 13.20
C TYR A 329 -9.99 -15.04 13.83
N LYS A 330 -8.85 -14.43 13.53
CA LYS A 330 -8.59 -13.14 14.16
C LYS A 330 -9.58 -12.09 13.67
N ALA A 331 -9.99 -12.20 12.40
CA ALA A 331 -10.85 -11.18 11.83
C ALA A 331 -12.27 -11.33 12.39
N LEU A 332 -12.74 -12.56 12.62
CA LEU A 332 -13.99 -12.82 13.37
C LEU A 332 -13.96 -12.11 14.71
N LEU A 333 -12.91 -12.42 15.46
CA LEU A 333 -12.73 -11.84 16.78
C LEU A 333 -12.65 -10.30 16.74
N ASP A 334 -11.85 -9.76 15.80
CA ASP A 334 -11.69 -8.31 15.72
C ASP A 334 -13.03 -7.65 15.36
N LEU A 335 -13.76 -8.28 14.44
CA LEU A 335 -15.04 -7.75 13.97
C LEU A 335 -16.04 -7.59 15.10
N TYR A 336 -16.21 -8.65 15.89
CA TYR A 336 -17.16 -8.60 17.01
C TYR A 336 -16.69 -7.67 18.16
N ASP A 337 -15.38 -7.55 18.34
CA ASP A 337 -14.82 -6.52 19.24
C ASP A 337 -15.17 -5.13 18.80
N ASP A 338 -14.94 -4.83 17.53
CA ASP A 338 -15.27 -3.53 16.98
C ASP A 338 -16.76 -3.23 17.17
N TYR A 339 -17.61 -4.22 16.94
CA TYR A 339 -19.06 -4.04 17.12
C TYR A 339 -19.34 -3.55 18.53
N GLU A 340 -18.74 -4.22 19.53
CA GLU A 340 -18.91 -3.83 20.92
C GLU A 340 -18.39 -2.41 21.16
N LYS A 341 -17.22 -2.10 20.62
CA LYS A 341 -16.66 -0.76 20.83
C LYS A 341 -17.54 0.29 20.18
N GLU A 342 -18.02 -0.01 18.99
CA GLU A 342 -18.81 0.92 18.23
C GLU A 342 -20.16 1.23 18.90
N LEU A 343 -20.74 0.25 19.59
CA LEU A 343 -22.07 0.42 20.19
C LEU A 343 -21.94 0.94 21.59
N SER A 344 -20.71 0.97 22.07
CA SER A 344 -20.39 1.37 23.43
C SER A 344 -20.90 2.76 23.71
N LYS A 345 -20.70 3.64 22.73
CA LYS A 345 -21.21 5.00 22.75
C LYS A 345 -22.65 5.05 23.24
N ASP A 346 -23.46 4.07 22.84
CA ASP A 346 -24.90 4.09 23.12
C ASP A 346 -25.33 3.14 24.22
N GLY A 347 -24.34 2.53 24.88
CA GLY A 347 -24.58 1.54 25.90
C GLY A 347 -25.25 0.28 25.41
N ARG A 348 -25.00 -0.06 24.15
CA ARG A 348 -25.62 -1.22 23.56
C ARG A 348 -24.58 -2.30 23.21
N SER A 349 -23.41 -2.24 23.85
CA SER A 349 -22.35 -3.24 23.58
C SER A 349 -22.85 -4.65 23.91
N ASP A 350 -23.83 -4.72 24.80
CA ASP A 350 -24.33 -5.96 25.37
C ASP A 350 -25.21 -6.78 24.40
N VAL A 351 -25.61 -6.19 23.27
CA VAL A 351 -26.45 -6.92 22.32
C VAL A 351 -25.63 -7.74 21.33
N VAL A 352 -24.33 -7.45 21.27
CA VAL A 352 -23.46 -8.07 20.26
C VAL A 352 -23.34 -9.59 20.47
N HIS A 353 -23.36 -10.02 21.73
CA HIS A 353 -23.16 -11.42 22.00
C HIS A 353 -24.32 -12.27 21.46
N TYR A 354 -25.48 -11.68 21.23
CA TYR A 354 -26.58 -12.44 20.61
C TYR A 354 -26.29 -12.79 19.16
N ALA A 355 -25.64 -11.88 18.44
CA ALA A 355 -25.21 -12.11 17.06
C ALA A 355 -24.02 -13.07 17.02
N LYS A 356 -23.13 -12.92 17.99
CA LYS A 356 -21.99 -13.81 18.10
C LYS A 356 -22.47 -15.25 18.28
N GLU A 357 -23.47 -15.45 19.13
CA GLU A 357 -24.02 -16.80 19.32
C GLU A 357 -24.55 -17.42 18.01
N ARG A 358 -25.18 -16.61 17.17
CA ARG A 358 -25.67 -17.12 15.91
C ARG A 358 -24.52 -17.48 14.96
N MET A 359 -23.41 -16.75 15.07
CA MET A 359 -22.21 -17.04 14.31
C MET A 359 -21.63 -18.40 14.77
N LYS A 360 -21.60 -18.64 16.08
CA LYS A 360 -21.14 -19.94 16.61
C LYS A 360 -22.03 -21.07 16.10
N GLU A 361 -23.33 -20.82 16.13
CA GLU A 361 -24.32 -21.79 15.72
C GLU A 361 -24.12 -22.20 14.29
N ILE A 362 -23.92 -21.24 13.42
CA ILE A 362 -23.82 -21.60 12.01
C ILE A 362 -22.52 -22.41 11.77
N VAL A 363 -21.44 -22.06 12.47
CA VAL A 363 -20.21 -22.80 12.26
C VAL A 363 -20.41 -24.26 12.72
N ARG A 364 -21.08 -24.48 13.86
CA ARG A 364 -21.42 -25.82 14.34
C ARG A 364 -22.13 -26.61 13.26
N ASN A 365 -23.10 -25.97 12.63
CA ASN A 365 -23.91 -26.66 11.63
C ASN A 365 -23.17 -26.87 10.33
N TYR A 366 -22.21 -25.98 10.04
CA TYR A 366 -21.31 -26.17 8.90
C TYR A 366 -20.49 -27.44 9.07
N PHE A 367 -20.05 -27.68 10.30
CA PHE A 367 -19.26 -28.85 10.67
C PHE A 367 -20.09 -30.12 10.56
N ILE A 368 -21.33 -30.06 11.03
CA ILE A 368 -22.23 -31.22 11.01
C ILE A 368 -22.47 -31.70 9.57
N GLU A 369 -22.79 -30.78 8.67
CA GLU A 369 -23.01 -31.19 7.27
C GLU A 369 -21.72 -31.62 6.59
N ALA A 370 -20.60 -31.05 7.00
CA ALA A 370 -19.33 -31.49 6.44
C ALA A 370 -19.12 -32.97 6.79
N LYS A 371 -19.43 -33.32 8.03
CA LYS A 371 -19.24 -34.70 8.47
C LYS A 371 -20.21 -35.67 7.79
N TRP A 372 -21.48 -35.28 7.65
CA TRP A 372 -22.45 -36.08 6.91
C TRP A 372 -21.90 -36.35 5.54
N PHE A 373 -21.38 -35.30 4.93
CA PHE A 373 -20.82 -35.41 3.59
C PHE A 373 -19.71 -36.45 3.54
N ILE A 374 -18.75 -36.37 4.46
CA ILE A 374 -17.68 -37.35 4.57
C ILE A 374 -18.21 -38.76 4.83
N GLU A 375 -19.17 -38.87 5.74
CA GLU A 375 -19.75 -40.17 6.10
C GLU A 375 -20.72 -40.64 5.03
N GLY A 376 -20.97 -39.77 4.05
CA GLY A 376 -21.91 -40.09 3.00
C GLY A 376 -23.29 -40.32 3.59
N TYR A 377 -23.62 -39.60 4.66
CA TYR A 377 -24.90 -39.82 5.33
C TYR A 377 -25.99 -38.92 4.76
N MET A 378 -27.14 -39.52 4.49
CA MET A 378 -28.30 -38.81 3.98
C MET A 378 -29.30 -38.56 5.08
N PRO A 379 -29.35 -37.33 5.59
CA PRO A 379 -30.26 -37.12 6.72
C PRO A 379 -31.72 -37.24 6.29
N SER A 380 -32.57 -37.61 7.24
CA SER A 380 -34.00 -37.48 7.04
C SER A 380 -34.35 -36.00 6.90
N VAL A 381 -35.59 -35.73 6.51
CA VAL A 381 -36.01 -34.36 6.35
C VAL A 381 -35.92 -33.63 7.69
N SER A 382 -36.42 -34.25 8.77
CA SER A 382 -36.34 -33.59 10.08
C SER A 382 -34.90 -33.24 10.49
N GLU A 383 -33.98 -34.19 10.38
CA GLU A 383 -32.57 -33.97 10.73
C GLU A 383 -31.93 -32.91 9.85
N TYR A 384 -32.28 -32.94 8.57
CA TYR A 384 -31.74 -32.01 7.60
C TYR A 384 -32.13 -30.59 7.98
N LEU A 385 -33.44 -30.36 8.11
CA LEU A 385 -33.99 -29.05 8.46
C LEU A 385 -33.48 -28.57 9.81
N SER A 386 -33.34 -29.47 10.76
CA SER A 386 -32.85 -29.12 12.09
C SER A 386 -31.48 -28.44 11.98
N ASN A 387 -30.69 -28.84 10.97
CA ASN A 387 -29.35 -28.30 10.72
C ASN A 387 -29.36 -27.14 9.72
N ALA A 388 -30.19 -27.27 8.70
CA ALA A 388 -30.07 -26.45 7.50
C ALA A 388 -30.82 -25.12 7.57
N LEU A 389 -31.62 -24.90 8.60
CA LEU A 389 -32.24 -23.59 8.76
C LEU A 389 -31.15 -22.59 9.08
N ALA A 390 -30.24 -22.96 9.97
CA ALA A 390 -29.14 -22.08 10.34
C ALA A 390 -28.14 -21.84 9.20
N THR A 391 -27.83 -22.89 8.42
CA THR A 391 -26.87 -22.76 7.33
C THR A 391 -27.41 -21.93 6.19
N SER A 392 -28.70 -21.62 6.25
CA SER A 392 -29.25 -20.66 5.33
C SER A 392 -28.71 -19.24 5.65
N THR A 393 -28.07 -19.11 6.81
CA THR A 393 -27.53 -17.85 7.38
C THR A 393 -28.62 -16.94 7.95
N TYR A 394 -29.88 -17.28 7.79
CA TYR A 394 -30.94 -16.32 8.09
C TYR A 394 -31.20 -16.07 9.57
N TYR A 395 -30.79 -16.95 10.47
CA TYR A 395 -30.79 -16.64 11.91
C TYR A 395 -29.75 -15.56 12.21
N LEU A 396 -28.56 -15.76 11.66
CA LEU A 396 -27.48 -14.83 11.85
C LEU A 396 -27.76 -13.47 11.20
N LEU A 397 -28.18 -13.48 9.94
CA LEU A 397 -28.46 -12.25 9.21
C LEU A 397 -29.59 -11.46 9.89
N THR A 398 -30.65 -12.16 10.29
CA THR A 398 -31.77 -11.52 10.97
C THR A 398 -31.27 -10.86 12.25
N THR A 399 -30.60 -11.64 13.10
CA THR A 399 -30.11 -11.12 14.35
C THR A 399 -29.15 -9.94 14.18
N THR A 400 -28.27 -10.04 13.18
CA THR A 400 -27.28 -9.01 12.94
C THR A 400 -27.91 -7.70 12.45
N SER A 401 -29.06 -7.80 11.77
CA SER A 401 -29.69 -6.61 11.23
C SER A 401 -30.11 -5.62 12.31
N TYR A 402 -30.16 -6.07 13.56
CA TYR A 402 -30.51 -5.18 14.67
C TYR A 402 -29.33 -4.57 15.44
N LEU A 403 -28.11 -5.00 15.15
CA LEU A 403 -26.95 -4.49 15.87
C LEU A 403 -26.88 -2.96 15.75
N GLY A 404 -27.06 -2.43 14.54
CA GLY A 404 -26.97 -0.98 14.29
C GLY A 404 -28.28 -0.19 14.46
N MET A 405 -29.32 -0.83 14.96
CA MET A 405 -30.57 -0.12 15.22
C MET A 405 -30.66 0.23 16.69
N LYS A 406 -30.66 1.52 17.00
CA LYS A 406 -30.70 1.99 18.40
C LYS A 406 -31.98 1.56 19.10
N SER A 407 -33.05 1.43 18.31
CA SER A 407 -34.36 1.05 18.82
C SER A 407 -34.48 -0.46 19.13
N ALA A 408 -33.47 -1.25 18.72
CA ALA A 408 -33.48 -2.68 19.02
C ALA A 408 -32.80 -2.96 20.37
N THR A 409 -33.60 -3.40 21.31
CA THR A 409 -33.17 -3.55 22.69
C THR A 409 -32.96 -5.01 23.10
N LYS A 410 -32.41 -5.22 24.30
CA LYS A 410 -32.21 -6.56 24.84
C LYS A 410 -33.47 -7.40 24.71
N GLU A 411 -34.64 -6.83 24.97
CA GLU A 411 -35.85 -7.63 24.91
C GLU A 411 -36.12 -8.17 23.49
N HIS A 412 -35.71 -7.42 22.47
CA HIS A 412 -35.89 -7.91 21.11
C HIS A 412 -34.96 -9.09 20.80
N PHE A 413 -33.70 -8.98 21.24
CA PHE A 413 -32.75 -10.06 21.06
C PHE A 413 -33.15 -11.29 21.87
N GLU A 414 -33.74 -11.08 23.04
CA GLU A 414 -34.22 -12.19 23.88
C GLU A 414 -35.33 -12.95 23.14
N TRP A 415 -36.21 -12.18 22.52
CA TRP A 415 -37.29 -12.72 21.73
C TRP A 415 -36.74 -13.56 20.56
N LEU A 416 -35.81 -12.97 19.82
CA LEU A 416 -35.16 -13.62 18.71
C LEU A 416 -34.53 -14.93 19.13
N ALA A 417 -33.95 -14.95 20.33
CA ALA A 417 -33.29 -16.14 20.86
C ALA A 417 -34.29 -17.30 21.04
N THR A 418 -35.58 -17.01 21.14
CA THR A 418 -36.55 -18.08 21.35
C THR A 418 -36.90 -18.75 20.04
N ASN A 419 -36.28 -18.32 18.94
CA ASN A 419 -36.64 -18.81 17.60
C ASN A 419 -38.14 -18.66 17.37
N PRO A 420 -38.65 -17.41 17.35
CA PRO A 420 -40.10 -17.23 17.23
C PRO A 420 -40.60 -17.60 15.84
N LYS A 421 -41.91 -17.75 15.71
CA LYS A 421 -42.50 -18.29 14.49
C LYS A 421 -42.05 -17.54 13.26
N ILE A 422 -42.05 -16.22 13.34
CA ILE A 422 -41.72 -15.47 12.14
C ILE A 422 -40.26 -15.67 11.72
N LEU A 423 -39.36 -15.93 12.67
CA LEU A 423 -37.96 -16.18 12.30
C LEU A 423 -37.81 -17.56 11.67
N GLU A 424 -38.48 -18.55 12.25
CA GLU A 424 -38.45 -19.93 11.72
C GLU A 424 -38.97 -19.94 10.31
N ALA A 425 -40.08 -19.22 10.08
CA ALA A 425 -40.65 -19.13 8.74
C ALA A 425 -39.69 -18.46 7.77
N ASN A 426 -39.03 -17.40 8.25
CA ASN A 426 -38.07 -16.64 7.43
C ASN A 426 -36.96 -17.55 6.95
N ALA A 427 -36.36 -18.27 7.89
CA ALA A 427 -35.27 -19.18 7.55
C ALA A 427 -35.75 -20.36 6.70
N THR A 428 -36.95 -20.86 6.99
CA THR A 428 -37.51 -21.98 6.22
C THR A 428 -37.67 -21.59 4.76
N LEU A 429 -38.26 -20.40 4.56
CA LEU A 429 -38.41 -19.83 3.23
C LEU A 429 -37.08 -19.81 2.52
N CYS A 430 -36.08 -19.26 3.18
CA CYS A 430 -34.77 -19.11 2.58
C CYS A 430 -34.13 -20.48 2.26
N ARG A 431 -34.20 -21.39 3.21
CA ARG A 431 -33.68 -22.73 2.97
C ARG A 431 -34.38 -23.43 1.80
N VAL A 432 -35.72 -23.44 1.80
CA VAL A 432 -36.42 -24.31 0.85
C VAL A 432 -36.32 -23.72 -0.55
N VAL A 433 -36.34 -22.40 -0.67
CA VAL A 433 -36.27 -21.78 -1.98
C VAL A 433 -34.84 -21.92 -2.56
N ASP A 434 -33.83 -21.87 -1.71
CA ASP A 434 -32.46 -22.15 -2.15
C ASP A 434 -32.35 -23.61 -2.64
N ASP A 435 -32.93 -24.54 -1.89
CA ASP A 435 -32.82 -25.98 -2.20
C ASP A 435 -33.56 -26.32 -3.50
N ILE A 436 -34.70 -25.68 -3.71
CA ILE A 436 -35.45 -25.82 -4.96
C ILE A 436 -34.56 -25.38 -6.11
N ALA A 437 -33.95 -24.21 -5.98
CA ALA A 437 -33.08 -23.66 -7.02
C ALA A 437 -31.85 -24.51 -7.29
N THR A 438 -31.19 -24.99 -6.24
CA THR A 438 -29.92 -25.68 -6.47
C THR A 438 -30.11 -27.15 -6.83
N TYR A 439 -31.32 -27.70 -6.66
CA TYR A 439 -31.54 -29.07 -7.12
C TYR A 439 -31.69 -29.13 -8.63
N GLU A 440 -32.47 -28.20 -9.20
CA GLU A 440 -32.68 -28.19 -10.66
C GLU A 440 -31.37 -27.98 -11.42
N VAL A 441 -30.29 -27.71 -10.69
CA VAL A 441 -28.99 -27.49 -11.29
C VAL A 441 -28.01 -28.62 -10.96
N GLU A 442 -27.40 -28.57 -9.78
CA GLU A 442 -26.39 -29.57 -9.41
C GLU A 442 -26.94 -30.97 -9.16
N LYS A 443 -28.26 -31.11 -9.08
CA LYS A 443 -28.92 -32.41 -8.87
C LYS A 443 -28.23 -33.34 -7.86
N GLY A 444 -27.22 -34.07 -8.32
CA GLY A 444 -26.52 -35.06 -7.52
C GLY A 444 -25.36 -34.58 -6.67
N ARG A 445 -24.15 -35.00 -7.06
CA ARG A 445 -22.88 -34.78 -6.35
C ARG A 445 -22.93 -34.02 -5.03
N GLY A 446 -23.01 -32.69 -5.11
CA GLY A 446 -22.88 -31.82 -3.96
C GLY A 446 -21.68 -32.18 -3.09
N GLN A 447 -21.87 -32.59 -1.84
CA GLN A 447 -23.14 -32.62 -1.08
C GLN A 447 -24.38 -33.26 -1.72
N ILE A 448 -24.44 -34.60 -1.74
CA ILE A 448 -25.63 -35.32 -2.17
C ILE A 448 -26.79 -34.80 -1.33
N ALA A 449 -26.76 -35.14 -0.05
CA ALA A 449 -27.66 -34.64 1.00
C ALA A 449 -28.28 -33.22 0.85
N THR A 450 -28.70 -32.84 -0.35
CA THR A 450 -29.50 -31.62 -0.53
C THR A 450 -30.92 -31.86 -0.03
N GLY A 451 -31.69 -30.80 0.22
CA GLY A 451 -33.01 -30.99 0.81
C GLY A 451 -34.03 -31.75 -0.05
N ILE A 452 -34.03 -31.52 -1.37
CA ILE A 452 -34.93 -32.25 -2.23
C ILE A 452 -34.59 -33.75 -2.26
N GLU A 453 -33.31 -34.08 -2.34
CA GLU A 453 -32.91 -35.49 -2.33
C GLU A 453 -33.33 -36.17 -1.03
N CYS A 454 -33.12 -35.46 0.08
CA CYS A 454 -33.51 -35.99 1.38
C CYS A 454 -34.99 -36.30 1.48
N TYR A 455 -35.81 -35.45 0.88
CA TYR A 455 -37.25 -35.63 0.92
C TYR A 455 -37.68 -36.87 0.12
N MET A 456 -37.08 -37.03 -1.05
CA MET A 456 -37.37 -38.16 -1.92
C MET A 456 -37.14 -39.48 -1.19
N ARG A 457 -35.96 -39.62 -0.61
CA ARG A 457 -35.62 -40.87 0.07
C ARG A 457 -36.46 -41.08 1.31
N ASP A 458 -36.58 -40.05 2.13
CA ASP A 458 -37.26 -40.15 3.42
C ASP A 458 -38.74 -40.54 3.31
N TYR A 459 -39.46 -39.85 2.43
CA TYR A 459 -40.89 -40.05 2.27
C TYR A 459 -41.26 -41.05 1.17
N GLY A 460 -40.27 -41.48 0.41
CA GLY A 460 -40.46 -42.43 -0.67
C GLY A 460 -41.33 -41.85 -1.77
N VAL A 461 -41.02 -40.63 -2.20
CA VAL A 461 -41.79 -39.93 -3.23
C VAL A 461 -40.85 -39.52 -4.36
N SER A 462 -41.41 -39.13 -5.49
CA SER A 462 -40.59 -38.70 -6.63
C SER A 462 -40.12 -37.27 -6.50
N THR A 463 -39.34 -36.84 -7.47
CA THR A 463 -38.76 -35.51 -7.51
C THR A 463 -39.85 -34.47 -7.70
N GLU A 464 -40.86 -34.79 -8.51
CA GLU A 464 -41.91 -33.82 -8.80
C GLU A 464 -42.66 -33.53 -7.52
N VAL A 465 -42.94 -34.58 -6.77
CA VAL A 465 -43.68 -34.49 -5.52
C VAL A 465 -42.85 -33.85 -4.42
N ALA A 466 -41.56 -34.19 -4.38
CA ALA A 466 -40.67 -33.57 -3.42
C ALA A 466 -40.60 -32.06 -3.66
N MET A 467 -40.51 -31.67 -4.93
CA MET A 467 -40.49 -30.28 -5.33
C MET A 467 -41.75 -29.53 -4.91
N GLU A 468 -42.90 -30.20 -4.98
CA GLU A 468 -44.19 -29.54 -4.75
C GLU A 468 -44.31 -29.31 -3.27
N LYS A 469 -43.78 -30.25 -2.51
CA LYS A 469 -43.79 -30.17 -1.06
C LYS A 469 -42.88 -29.05 -0.57
N PHE A 470 -41.76 -28.84 -1.24
CA PHE A 470 -40.88 -27.75 -0.86
C PHE A 470 -41.54 -26.44 -1.25
N GLN A 471 -42.16 -26.41 -2.43
CA GLN A 471 -42.93 -25.24 -2.84
C GLN A 471 -44.02 -24.90 -1.84
N GLU A 472 -44.69 -25.93 -1.35
CA GLU A 472 -45.74 -25.75 -0.37
C GLU A 472 -45.21 -25.16 0.93
N MET A 473 -44.04 -25.63 1.35
CA MET A 473 -43.39 -25.10 2.55
C MET A 473 -43.06 -23.60 2.40
N ALA A 474 -42.73 -23.17 1.19
CA ALA A 474 -42.46 -21.76 0.94
C ALA A 474 -43.78 -20.96 1.05
N ASP A 475 -44.84 -21.52 0.47
CA ASP A 475 -46.17 -20.89 0.54
C ASP A 475 -46.59 -20.73 1.99
N ILE A 476 -46.45 -21.81 2.75
CA ILE A 476 -46.74 -21.83 4.18
C ILE A 476 -45.88 -20.80 4.93
N ALA A 477 -44.59 -20.71 4.55
CA ALA A 477 -43.69 -19.72 5.17
C ALA A 477 -44.22 -18.31 4.96
N TRP A 478 -44.64 -18.01 3.74
CA TRP A 478 -45.20 -16.71 3.41
C TRP A 478 -46.46 -16.41 4.21
N LYS A 479 -47.29 -17.42 4.40
CA LYS A 479 -48.51 -17.25 5.17
C LYS A 479 -48.23 -17.03 6.65
N ASP A 480 -47.19 -17.70 7.17
CA ASP A 480 -46.76 -17.50 8.53
C ASP A 480 -46.31 -16.05 8.77
N VAL A 481 -45.47 -15.53 7.86
CA VAL A 481 -44.95 -14.17 7.93
C VAL A 481 -46.11 -13.18 7.89
N ASN A 482 -46.97 -13.33 6.89
CA ASN A 482 -48.15 -12.47 6.73
C ASN A 482 -49.09 -12.46 7.91
N GLU A 483 -49.14 -13.56 8.67
CA GLU A 483 -49.91 -13.62 9.90
C GLU A 483 -49.15 -13.04 11.09
N GLU A 484 -47.85 -13.30 11.17
CA GLU A 484 -47.07 -12.84 12.32
C GLU A 484 -46.93 -11.30 12.35
N ILE A 485 -47.11 -10.62 11.23
CA ILE A 485 -47.05 -9.14 11.25
C ILE A 485 -48.39 -8.48 11.64
N LEU A 486 -49.44 -9.27 11.85
CA LEU A 486 -50.75 -8.69 12.22
C LEU A 486 -50.84 -8.44 13.72
N ARG A 487 -51.25 -7.23 14.10
CA ARG A 487 -51.43 -6.84 15.52
C ARG A 487 -52.51 -7.65 16.20
N PRO A 488 -52.30 -8.01 17.49
CA PRO A 488 -51.16 -7.63 18.35
C PRO A 488 -49.87 -8.44 18.08
N THR A 489 -48.75 -7.75 17.86
CA THR A 489 -47.48 -8.40 17.57
C THR A 489 -46.60 -8.41 18.83
N PRO A 490 -45.69 -9.40 18.96
CA PRO A 490 -44.82 -9.50 20.15
C PRO A 490 -43.75 -8.43 20.23
N VAL A 491 -43.37 -7.91 19.08
CA VAL A 491 -42.44 -6.82 19.01
C VAL A 491 -43.00 -5.91 17.98
N SER A 492 -42.39 -4.75 17.89
CA SER A 492 -42.87 -3.66 17.06
C SER A 492 -42.77 -3.92 15.59
N SER A 493 -43.58 -3.19 14.83
CA SER A 493 -43.55 -3.28 13.38
C SER A 493 -42.15 -3.04 12.78
N GLU A 494 -41.39 -2.09 13.35
CA GLU A 494 -40.04 -1.77 12.87
C GLU A 494 -39.08 -2.98 12.94
N ILE A 495 -39.18 -3.73 14.03
CA ILE A 495 -38.39 -4.91 14.23
C ILE A 495 -38.81 -5.98 13.22
N LEU A 496 -40.12 -6.15 13.07
CA LEU A 496 -40.66 -7.21 12.19
C LEU A 496 -40.37 -6.92 10.72
N THR A 497 -40.29 -5.65 10.36
CA THR A 497 -40.12 -5.32 8.96
C THR A 497 -38.75 -5.78 8.47
N ARG A 498 -37.73 -5.85 9.34
CA ARG A 498 -36.43 -6.42 8.91
C ARG A 498 -36.55 -7.88 8.52
N ILE A 499 -37.37 -8.64 9.25
CA ILE A 499 -37.54 -10.05 8.93
C ILE A 499 -38.35 -10.23 7.64
N LEU A 500 -39.42 -9.46 7.52
CA LEU A 500 -40.23 -9.43 6.28
C LEU A 500 -39.35 -9.15 5.06
N ASN A 501 -38.47 -8.18 5.22
CA ASN A 501 -37.58 -7.75 4.14
C ASN A 501 -36.54 -8.80 3.78
N LEU A 502 -36.06 -9.54 4.77
CA LEU A 502 -35.18 -10.67 4.46
C LEU A 502 -35.95 -11.73 3.67
N ALA A 503 -37.24 -11.89 3.98
CA ALA A 503 -38.05 -12.87 3.24
C ALA A 503 -38.21 -12.41 1.79
N ARG A 504 -38.49 -11.12 1.64
CA ARG A 504 -38.65 -10.50 0.33
C ARG A 504 -37.40 -10.66 -0.53
N ILE A 505 -36.23 -10.37 0.05
CA ILE A 505 -34.99 -10.45 -0.71
C ILE A 505 -34.78 -11.88 -1.23
N ILE A 506 -34.90 -12.86 -0.36
CA ILE A 506 -34.56 -14.20 -0.78
C ILE A 506 -35.58 -14.69 -1.81
N ASP A 507 -36.82 -14.22 -1.69
CA ASP A 507 -37.85 -14.68 -2.62
C ASP A 507 -37.59 -14.19 -4.06
N VAL A 508 -37.17 -12.94 -4.17
CA VAL A 508 -36.85 -12.34 -5.45
C VAL A 508 -35.57 -12.96 -6.06
N THR A 509 -34.55 -13.12 -5.22
CA THR A 509 -33.26 -13.67 -5.65
C THR A 509 -33.45 -15.03 -6.31
N TYR A 510 -34.27 -15.86 -5.71
CA TYR A 510 -34.46 -17.21 -6.23
C TYR A 510 -35.80 -17.40 -6.96
N LYS A 511 -36.25 -16.40 -7.71
CA LYS A 511 -37.51 -16.55 -8.40
C LYS A 511 -37.28 -17.33 -9.67
N GLU A 521 -27.86 -15.42 -8.15
CA GLU A 521 -27.00 -15.30 -9.32
C GLU A 521 -26.70 -13.85 -9.66
N LYS A 522 -26.57 -13.59 -10.96
CA LYS A 522 -26.50 -12.23 -11.49
C LYS A 522 -27.93 -11.77 -11.78
N VAL A 523 -28.87 -12.44 -11.12
CA VAL A 523 -30.24 -12.00 -11.02
C VAL A 523 -30.27 -10.65 -10.29
N LEU A 524 -29.25 -10.41 -9.46
CA LEU A 524 -29.18 -9.19 -8.66
C LEU A 524 -28.46 -8.05 -9.37
N LYS A 525 -27.70 -8.37 -10.42
CA LYS A 525 -26.91 -7.37 -11.12
C LYS A 525 -27.71 -6.18 -11.66
N PRO A 526 -28.89 -6.42 -12.29
CA PRO A 526 -29.61 -5.21 -12.70
C PRO A 526 -30.10 -4.40 -11.49
N HIS A 527 -30.34 -5.05 -10.36
CA HIS A 527 -30.71 -4.36 -9.13
C HIS A 527 -29.55 -3.62 -8.48
N ILE A 528 -28.34 -4.21 -8.53
CA ILE A 528 -27.15 -3.53 -8.05
C ILE A 528 -26.96 -2.22 -8.82
N ILE A 529 -27.06 -2.32 -10.13
CA ILE A 529 -26.95 -1.15 -10.99
C ILE A 529 -28.01 -0.08 -10.71
N ALA A 530 -29.27 -0.49 -10.56
CA ALA A 530 -30.36 0.46 -10.36
C ALA A 530 -30.20 1.18 -9.03
N LEU A 531 -29.66 0.47 -8.05
CA LEU A 531 -29.61 0.99 -6.68
C LEU A 531 -28.35 1.75 -6.33
N VAL A 532 -27.22 1.28 -6.82
CA VAL A 532 -25.95 1.85 -6.40
C VAL A 532 -25.10 2.40 -7.56
N VAL A 533 -25.58 2.26 -8.79
CA VAL A 533 -24.85 2.85 -9.93
C VAL A 533 -25.52 4.03 -10.63
N ASP A 534 -26.70 3.77 -11.19
CA ASP A 534 -27.38 4.73 -12.04
C ASP A 534 -28.27 5.67 -11.20
N SER A 535 -28.05 6.98 -11.37
CA SER A 535 -28.92 7.97 -10.73
C SER A 535 -30.12 8.23 -11.63
N ILE A 536 -31.21 8.75 -11.07
CA ILE A 536 -32.39 9.09 -11.86
C ILE A 536 -32.18 10.47 -12.47
N ASP A 537 -32.47 10.60 -13.77
CA ASP A 537 -32.34 11.89 -14.42
C ASP A 537 -33.43 12.80 -13.90
N ILE A 538 -33.02 13.99 -13.45
CA ILE A 538 -33.95 14.94 -12.87
C ILE A 538 -34.61 15.81 -13.93
N ASN B 21 15.79 -12.93 -4.06
CA ASN B 21 15.46 -11.69 -3.36
C ASN B 21 14.57 -11.86 -2.13
N GLN B 22 15.17 -12.07 -0.96
CA GLN B 22 16.58 -12.47 -0.82
C GLN B 22 16.65 -13.95 -0.49
N VAL B 23 15.53 -14.47 0.00
CA VAL B 23 15.38 -15.87 0.34
C VAL B 23 15.59 -16.73 -0.90
N ALA B 24 15.20 -16.19 -2.04
CA ALA B 24 15.31 -16.87 -3.34
C ALA B 24 16.76 -17.15 -3.72
N GLU B 25 17.67 -16.26 -3.33
CA GLU B 25 19.08 -16.43 -3.65
C GLU B 25 19.61 -17.72 -3.01
N LYS B 26 19.29 -17.92 -1.73
CA LYS B 26 19.66 -19.13 -1.02
C LYS B 26 19.18 -20.38 -1.77
N TYR B 27 17.90 -20.37 -2.15
CA TYR B 27 17.34 -21.43 -2.96
C TYR B 27 18.14 -21.66 -4.24
N ALA B 28 18.36 -20.59 -5.01
CA ALA B 28 19.05 -20.73 -6.29
C ALA B 28 20.52 -21.10 -6.11
N GLN B 29 21.02 -20.97 -4.88
CA GLN B 29 22.41 -21.27 -4.56
C GLN B 29 22.67 -22.77 -4.65
N GLU B 30 22.00 -23.52 -3.76
CA GLU B 30 22.12 -24.97 -3.69
C GLU B 30 21.70 -25.60 -4.99
N ILE B 31 20.68 -25.02 -5.63
CA ILE B 31 20.19 -25.50 -6.91
C ILE B 31 21.30 -25.50 -7.95
N GLU B 32 22.15 -24.47 -7.91
CA GLU B 32 23.30 -24.41 -8.82
C GLU B 32 24.19 -25.63 -8.73
N THR B 33 24.53 -26.03 -7.50
CA THR B 33 25.39 -27.19 -7.29
C THR B 33 24.64 -28.46 -7.69
N LEU B 34 23.34 -28.49 -7.41
CA LEU B 34 22.52 -29.66 -7.74
C LEU B 34 22.35 -29.84 -9.25
N LYS B 35 22.36 -28.75 -10.00
CA LYS B 35 22.27 -28.86 -11.44
C LYS B 35 23.47 -29.63 -11.98
N GLU B 36 24.64 -29.28 -11.50
CA GLU B 36 25.88 -29.86 -12.02
C GLU B 36 25.92 -31.36 -11.79
N GLN B 37 25.51 -31.80 -10.60
CA GLN B 37 25.41 -33.23 -10.32
C GLN B 37 24.37 -33.92 -11.21
N THR B 38 23.25 -33.25 -11.46
CA THR B 38 22.19 -33.82 -12.30
C THR B 38 22.60 -33.83 -13.75
N SER B 39 23.30 -32.80 -14.19
CA SER B 39 23.88 -32.79 -15.52
C SER B 39 24.85 -33.98 -15.73
N THR B 40 25.68 -34.27 -14.72
CA THR B 40 26.60 -35.39 -14.80
C THR B 40 25.86 -36.73 -14.90
N MET B 41 24.78 -36.88 -14.15
CA MET B 41 23.97 -38.10 -14.14
C MET B 41 23.39 -38.40 -15.52
N LEU B 42 23.04 -37.32 -16.21
CA LEU B 42 22.48 -37.35 -17.55
C LEU B 42 23.54 -37.63 -18.61
N SER B 43 24.79 -37.27 -18.31
CA SER B 43 25.75 -36.78 -19.32
C SER B 43 26.10 -37.62 -20.58
N ALA B 44 26.35 -38.93 -20.56
CA ALA B 44 26.75 -39.78 -19.46
C ALA B 44 27.42 -40.99 -20.11
N ALA B 45 28.60 -41.48 -19.69
CA ALA B 45 29.47 -41.10 -18.55
C ALA B 45 28.96 -41.48 -17.16
N CYS B 46 27.65 -41.73 -17.04
CA CYS B 46 27.07 -42.10 -15.75
C CYS B 46 26.17 -43.34 -15.77
N GLY B 47 25.72 -43.76 -16.94
CA GLY B 47 24.89 -44.95 -17.02
C GLY B 47 25.58 -46.14 -17.64
N THR B 48 24.90 -47.29 -17.66
CA THR B 48 25.39 -48.43 -18.46
C THR B 48 24.33 -48.94 -19.40
N THR B 49 23.12 -48.39 -19.27
CA THR B 49 21.96 -48.83 -20.04
C THR B 49 21.10 -47.72 -20.63
N LEU B 50 20.46 -48.05 -21.74
CA LEU B 50 19.47 -47.20 -22.40
C LEU B 50 18.31 -46.89 -21.46
N THR B 51 17.91 -47.91 -20.69
CA THR B 51 16.71 -47.80 -19.87
C THR B 51 16.83 -46.76 -18.76
N GLU B 52 17.99 -46.70 -18.10
CA GLU B 52 18.08 -45.82 -16.95
C GLU B 52 18.18 -44.38 -17.43
N LYS B 53 18.64 -44.17 -18.66
CA LYS B 53 18.62 -42.85 -19.26
C LYS B 53 17.22 -42.38 -19.59
N LEU B 54 16.41 -43.28 -20.16
CA LEU B 54 15.00 -42.95 -20.45
C LEU B 54 14.25 -42.66 -19.16
N ASN B 55 14.50 -43.50 -18.15
CA ASN B 55 13.84 -43.32 -16.89
C ASN B 55 14.26 -42.03 -16.20
N LEU B 56 15.57 -41.73 -16.23
CA LEU B 56 16.10 -40.52 -15.62
C LEU B 56 15.52 -39.28 -16.29
N ILE B 57 15.52 -39.28 -17.62
CA ILE B 57 14.92 -38.17 -18.36
C ILE B 57 13.45 -38.03 -17.96
N ASP B 58 12.73 -39.15 -17.91
CA ASP B 58 11.31 -39.11 -17.55
C ASP B 58 11.13 -38.52 -16.14
N ILE B 59 11.94 -38.96 -15.18
CA ILE B 59 11.90 -38.47 -13.79
C ILE B 59 12.23 -36.96 -13.70
N ILE B 60 13.29 -36.54 -14.38
CA ILE B 60 13.72 -35.14 -14.37
C ILE B 60 12.61 -34.26 -14.95
N GLU B 61 11.99 -34.74 -16.01
CA GLU B 61 10.88 -34.01 -16.60
C GLU B 61 9.67 -33.91 -15.66
N ARG B 62 9.29 -35.01 -15.04
CA ARG B 62 8.08 -35.02 -14.22
C ARG B 62 8.26 -34.34 -12.87
N LEU B 63 9.51 -34.23 -12.43
CA LEU B 63 9.85 -33.48 -11.22
C LEU B 63 9.92 -31.99 -11.53
N GLY B 64 9.79 -31.63 -12.81
CA GLY B 64 9.74 -30.25 -13.22
C GLY B 64 11.06 -29.53 -13.27
N ILE B 65 12.17 -30.26 -13.33
CA ILE B 65 13.47 -29.60 -13.35
C ILE B 65 14.19 -29.80 -14.70
N ALA B 66 13.50 -30.37 -15.68
CA ALA B 66 14.08 -30.61 -17.00
C ALA B 66 14.44 -29.32 -17.72
N TYR B 67 13.80 -28.21 -17.36
CA TYR B 67 14.06 -26.98 -18.08
C TYR B 67 15.49 -26.47 -17.84
N HIS B 68 16.16 -26.97 -16.82
CA HIS B 68 17.55 -26.62 -16.58
C HIS B 68 18.56 -27.29 -17.54
N PHE B 69 18.15 -28.38 -18.18
CA PHE B 69 19.06 -29.18 -19.01
C PHE B 69 18.45 -29.40 -20.38
N GLU B 70 17.79 -28.38 -20.91
CA GLU B 70 16.94 -28.51 -22.09
C GLU B 70 17.71 -29.03 -23.29
N LYS B 71 18.83 -28.39 -23.59
CA LYS B 71 19.65 -28.77 -24.74
C LYS B 71 20.27 -30.16 -24.59
N GLN B 72 20.70 -30.49 -23.36
CA GLN B 72 21.31 -31.77 -23.07
C GLN B 72 20.31 -32.92 -23.25
N ILE B 73 19.12 -32.75 -22.68
CA ILE B 73 18.09 -33.78 -22.79
C ILE B 73 17.68 -33.90 -24.26
N GLU B 74 17.59 -32.77 -24.95
CA GLU B 74 17.17 -32.81 -26.34
C GLU B 74 18.22 -33.53 -27.22
N ASP B 75 19.49 -33.32 -26.92
CA ASP B 75 20.55 -34.03 -27.62
C ASP B 75 20.51 -35.53 -27.31
N MET B 76 20.32 -35.89 -26.03
CA MET B 76 20.24 -37.30 -25.65
C MET B 76 19.13 -38.02 -26.39
N LEU B 77 17.98 -37.37 -26.47
CA LEU B 77 16.83 -37.96 -27.16
C LEU B 77 17.09 -38.11 -28.66
N ASP B 78 17.60 -37.05 -29.28
CA ASP B 78 17.90 -37.07 -30.72
C ASP B 78 18.86 -38.21 -31.05
N HIS B 79 19.95 -38.31 -30.30
CA HIS B 79 20.94 -39.36 -30.47
C HIS B 79 20.30 -40.74 -30.33
N ILE B 80 19.42 -40.89 -29.36
CA ILE B 80 18.72 -42.14 -29.11
C ILE B 80 17.78 -42.48 -30.27
N TYR B 81 17.00 -41.51 -30.73
CA TYR B 81 16.08 -41.77 -31.83
C TYR B 81 16.82 -42.11 -33.13
N ARG B 82 17.87 -41.36 -33.45
CA ARG B 82 18.55 -41.48 -34.74
C ARG B 82 19.43 -42.72 -34.81
N ALA B 83 19.84 -43.23 -33.65
CA ALA B 83 20.65 -44.44 -33.63
C ALA B 83 19.79 -45.61 -34.12
N ASP B 84 18.55 -45.66 -33.63
CA ASP B 84 17.67 -46.80 -33.85
C ASP B 84 16.24 -46.34 -34.14
N PRO B 85 16.01 -45.75 -35.33
CA PRO B 85 14.72 -45.11 -35.65
C PRO B 85 13.54 -46.08 -35.57
N TYR B 86 13.77 -47.36 -35.87
CA TYR B 86 12.70 -48.34 -35.78
C TYR B 86 12.75 -49.03 -34.40
N PHE B 87 12.12 -50.18 -34.27
CA PHE B 87 12.06 -50.88 -32.99
C PHE B 87 13.40 -51.47 -32.57
N GLU B 88 14.33 -51.52 -33.52
CA GLU B 88 15.07 -52.76 -33.74
C GLU B 88 15.85 -53.38 -32.57
N ALA B 89 16.50 -52.58 -31.72
CA ALA B 89 17.30 -53.16 -30.63
C ALA B 89 16.47 -54.03 -29.70
N HIS B 90 17.15 -54.85 -28.90
CA HIS B 90 16.47 -55.81 -28.03
C HIS B 90 15.94 -55.17 -26.75
N GLU B 91 16.50 -54.03 -26.36
CA GLU B 91 15.96 -53.30 -25.22
C GLU B 91 14.49 -52.95 -25.45
N TYR B 92 14.13 -52.70 -26.70
CA TYR B 92 12.78 -52.24 -27.05
C TYR B 92 11.78 -53.40 -27.07
N ASN B 93 12.26 -54.61 -26.79
CA ASN B 93 11.38 -55.78 -26.64
C ASN B 93 10.53 -55.69 -25.39
N ASP B 94 10.92 -54.81 -24.49
CA ASP B 94 10.21 -54.66 -23.23
C ASP B 94 9.20 -53.54 -23.38
N LEU B 95 7.94 -53.84 -23.11
CA LEU B 95 6.82 -52.90 -23.27
C LEU B 95 7.06 -51.52 -22.64
N ASN B 96 7.58 -51.54 -21.42
CA ASN B 96 7.82 -50.30 -20.71
C ASN B 96 8.87 -49.41 -21.36
N THR B 97 9.95 -50.04 -21.82
CA THR B 97 11.00 -49.27 -22.46
C THR B 97 10.50 -48.60 -23.74
N SER B 98 9.75 -49.35 -24.55
CA SER B 98 9.24 -48.81 -25.80
C SER B 98 8.19 -47.73 -25.54
N SER B 99 7.30 -47.99 -24.58
CA SER B 99 6.25 -47.01 -24.29
C SER B 99 6.82 -45.68 -23.82
N VAL B 100 7.77 -45.74 -22.89
CA VAL B 100 8.34 -44.51 -22.35
C VAL B 100 9.12 -43.73 -23.41
N GLN B 101 9.97 -44.40 -24.16
CA GLN B 101 10.68 -43.72 -25.24
C GLN B 101 9.73 -43.11 -26.30
N PHE B 102 8.71 -43.87 -26.71
CA PHE B 102 7.75 -43.38 -27.70
C PHE B 102 7.10 -42.07 -27.22
N ARG B 103 6.61 -42.07 -26.00
CA ARG B 103 6.02 -40.84 -25.43
C ARG B 103 7.01 -39.67 -25.43
N LEU B 104 8.20 -39.89 -24.87
CA LEU B 104 9.22 -38.84 -24.76
C LEU B 104 9.56 -38.25 -26.12
N LEU B 105 9.80 -39.14 -27.09
CA LEU B 105 10.17 -38.73 -28.44
C LEU B 105 9.06 -37.95 -29.15
N ARG B 106 7.81 -38.40 -29.01
CA ARG B 106 6.68 -37.75 -29.68
C ARG B 106 6.45 -36.36 -29.06
N GLN B 107 6.56 -36.30 -27.75
CA GLN B 107 6.44 -35.06 -27.05
C GLN B 107 7.56 -34.10 -27.45
N HIS B 108 8.73 -34.61 -27.83
CA HIS B 108 9.77 -33.69 -28.27
C HIS B 108 9.74 -33.48 -29.79
N GLY B 109 8.64 -33.87 -30.43
CA GLY B 109 8.40 -33.51 -31.80
C GLY B 109 8.95 -34.43 -32.87
N TYR B 110 9.39 -35.63 -32.46
CA TYR B 110 9.87 -36.64 -33.41
C TYR B 110 8.68 -37.49 -33.84
N ASN B 111 8.35 -37.49 -35.12
CA ASN B 111 7.20 -38.27 -35.57
C ASN B 111 7.57 -39.76 -35.61
N VAL B 112 7.64 -40.36 -34.43
CA VAL B 112 7.95 -41.77 -34.34
C VAL B 112 6.74 -42.61 -34.72
N SER B 113 6.93 -43.61 -35.56
CA SER B 113 5.84 -44.49 -35.96
C SER B 113 5.43 -45.42 -34.82
N PRO B 114 4.12 -45.56 -34.58
CA PRO B 114 3.63 -46.54 -33.60
C PRO B 114 3.86 -47.98 -34.07
N ASN B 115 4.38 -48.19 -35.28
CA ASN B 115 4.81 -49.52 -35.72
C ASN B 115 5.79 -50.21 -34.74
N ILE B 116 6.45 -49.44 -33.87
CA ILE B 116 7.33 -50.01 -32.84
C ILE B 116 6.56 -50.84 -31.83
N PHE B 117 5.24 -50.71 -31.82
CA PHE B 117 4.42 -51.45 -30.89
C PHE B 117 3.91 -52.75 -31.50
N SER B 118 4.10 -52.92 -32.80
CA SER B 118 3.59 -54.09 -33.51
C SER B 118 4.00 -55.38 -32.83
N ARG B 119 5.23 -55.42 -32.32
CA ARG B 119 5.76 -56.65 -31.72
C ARG B 119 4.95 -57.07 -30.49
N PHE B 120 4.21 -56.15 -29.89
CA PHE B 120 3.43 -56.50 -28.71
C PHE B 120 2.03 -56.99 -29.11
N GLN B 121 1.79 -57.10 -30.42
CA GLN B 121 0.50 -57.54 -30.91
C GLN B 121 0.56 -58.89 -31.61
N ASP B 122 -0.53 -59.66 -31.51
CA ASP B 122 -0.60 -60.89 -32.30
C ASP B 122 -1.39 -60.59 -33.58
N ALA B 123 -1.82 -61.67 -34.24
CA ALA B 123 -2.40 -61.64 -35.59
C ALA B 123 -3.42 -60.54 -35.86
N ASN B 124 -4.49 -60.50 -35.08
CA ASN B 124 -5.63 -59.62 -35.36
C ASN B 124 -5.52 -58.21 -34.78
N GLY B 125 -4.29 -57.73 -34.58
CA GLY B 125 -4.06 -56.37 -34.14
C GLY B 125 -4.35 -56.16 -32.67
N LYS B 126 -4.56 -57.26 -31.94
CA LYS B 126 -4.79 -57.20 -30.51
C LYS B 126 -3.49 -57.34 -29.72
N PHE B 127 -3.33 -56.53 -28.68
CA PHE B 127 -2.16 -56.63 -27.82
C PHE B 127 -2.17 -57.97 -27.06
N LYS B 128 -1.00 -58.58 -26.94
CA LYS B 128 -0.87 -59.90 -26.34
C LYS B 128 -1.29 -59.91 -24.87
N GLU B 129 -2.15 -60.85 -24.48
CA GLU B 129 -2.69 -60.86 -23.12
C GLU B 129 -1.63 -61.09 -22.03
N SER B 130 -0.52 -61.75 -22.38
CA SER B 130 0.57 -61.97 -21.42
C SER B 130 1.12 -60.66 -20.84
N LEU B 131 0.85 -59.55 -21.52
CA LEU B 131 1.31 -58.23 -21.08
C LEU B 131 0.50 -57.69 -19.90
N ARG B 132 -0.62 -58.34 -19.58
CA ARG B 132 -1.55 -57.76 -18.63
C ARG B 132 -1.05 -57.71 -17.19
N SER B 133 0.10 -58.33 -16.92
CA SER B 133 0.61 -58.43 -15.56
C SER B 133 1.63 -57.33 -15.25
N ASP B 134 2.14 -56.71 -16.30
CA ASP B 134 3.14 -55.66 -16.19
C ASP B 134 2.46 -54.30 -16.07
N ILE B 135 2.05 -53.97 -14.85
CA ILE B 135 1.28 -52.75 -14.59
C ILE B 135 2.03 -51.48 -15.00
N ARG B 136 3.31 -51.43 -14.67
CA ARG B 136 4.16 -50.28 -15.03
C ARG B 136 4.23 -50.14 -16.55
N GLY B 137 4.39 -51.27 -17.23
CA GLY B 137 4.41 -51.27 -18.69
C GLY B 137 3.06 -50.80 -19.23
N LEU B 138 1.98 -51.32 -18.65
CA LEU B 138 0.64 -50.89 -19.03
C LEU B 138 0.46 -49.40 -18.74
N LEU B 139 0.96 -48.92 -17.61
CA LEU B 139 0.76 -47.53 -17.26
C LEU B 139 1.41 -46.65 -18.33
N ASN B 140 2.64 -46.97 -18.69
CA ASN B 140 3.31 -46.16 -19.68
C ASN B 140 2.82 -46.37 -21.11
N LEU B 141 2.24 -47.54 -21.39
CA LEU B 141 1.58 -47.75 -22.68
C LEU B 141 0.35 -46.84 -22.77
N TYR B 142 -0.43 -46.83 -21.69
CA TYR B 142 -1.57 -45.94 -21.56
C TYR B 142 -1.16 -44.49 -21.82
N GLU B 143 -0.15 -44.03 -21.10
CA GLU B 143 0.37 -42.67 -21.29
C GLU B 143 0.82 -42.45 -22.72
N ALA B 144 1.42 -43.46 -23.34
CA ALA B 144 1.87 -43.33 -24.73
C ALA B 144 0.69 -43.17 -25.67
N SER B 145 -0.43 -43.81 -25.34
CA SER B 145 -1.56 -43.83 -26.27
C SER B 145 -2.17 -42.44 -26.44
N HIS B 146 -1.97 -41.55 -25.47
CA HIS B 146 -2.64 -40.26 -25.50
C HIS B 146 -1.90 -39.21 -26.30
N VAL B 147 -0.75 -39.58 -26.87
CA VAL B 147 -0.06 -38.68 -27.79
C VAL B 147 -0.44 -39.02 -29.22
N ARG B 148 -1.42 -39.92 -29.38
CA ARG B 148 -1.79 -40.45 -30.69
C ARG B 148 -2.40 -39.39 -31.60
N THR B 149 -2.27 -39.62 -32.90
CA THR B 149 -2.85 -38.73 -33.87
C THR B 149 -3.92 -39.48 -34.65
N HIS B 150 -4.20 -39.04 -35.88
CA HIS B 150 -5.26 -39.67 -36.63
C HIS B 150 -4.82 -41.03 -37.19
N LYS B 151 -5.75 -41.99 -37.21
CA LYS B 151 -5.55 -43.25 -37.91
C LYS B 151 -4.33 -44.04 -37.38
N GLU B 152 -4.12 -43.98 -36.07
CA GLU B 152 -3.09 -44.76 -35.43
C GLU B 152 -3.83 -45.83 -34.61
N ASP B 153 -4.32 -46.84 -35.32
CA ASP B 153 -5.14 -47.90 -34.73
C ASP B 153 -4.40 -48.65 -33.63
N ILE B 154 -3.11 -48.85 -33.82
CA ILE B 154 -2.29 -49.53 -32.80
C ILE B 154 -2.46 -48.82 -31.46
N LEU B 155 -2.45 -47.48 -31.45
CA LEU B 155 -2.59 -46.69 -30.22
C LEU B 155 -4.05 -46.63 -29.73
N GLU B 156 -5.00 -46.64 -30.65
CA GLU B 156 -6.41 -46.81 -30.29
C GLU B 156 -6.61 -48.13 -29.57
N GLU B 157 -5.98 -49.20 -30.11
CA GLU B 157 -6.02 -50.52 -29.49
C GLU B 157 -5.25 -50.50 -28.18
N ALA B 158 -4.11 -49.82 -28.20
CA ALA B 158 -3.27 -49.70 -27.01
C ALA B 158 -4.02 -49.02 -25.87
N LEU B 159 -4.81 -47.99 -26.19
CA LEU B 159 -5.60 -47.29 -25.18
C LEU B 159 -6.65 -48.20 -24.59
N VAL B 160 -7.47 -48.79 -25.45
CA VAL B 160 -8.54 -49.66 -24.96
C VAL B 160 -7.95 -50.86 -24.17
N PHE B 161 -6.86 -51.42 -24.67
CA PHE B 161 -6.22 -52.57 -24.00
C PHE B 161 -5.72 -52.21 -22.59
N SER B 162 -4.92 -51.16 -22.48
CA SER B 162 -4.30 -50.79 -21.20
C SER B 162 -5.33 -50.29 -20.17
N VAL B 163 -6.31 -49.53 -20.64
CA VAL B 163 -7.34 -49.07 -19.72
C VAL B 163 -8.04 -50.25 -19.06
N GLY B 164 -8.44 -51.24 -19.86
CA GLY B 164 -9.17 -52.38 -19.36
C GLY B 164 -8.44 -53.10 -18.25
N HIS B 165 -7.18 -53.43 -18.50
CA HIS B 165 -6.40 -54.17 -17.51
C HIS B 165 -5.97 -53.30 -16.32
N LEU B 166 -5.68 -52.02 -16.56
CA LEU B 166 -5.30 -51.14 -15.45
C LEU B 166 -6.46 -50.92 -14.48
N GLU B 167 -7.67 -50.73 -14.99
CA GLU B 167 -8.84 -50.54 -14.12
C GLU B 167 -9.13 -51.74 -13.22
N SER B 168 -9.07 -52.94 -13.79
CA SER B 168 -9.37 -54.14 -13.03
C SER B 168 -8.25 -54.44 -12.02
N ALA B 169 -7.05 -53.91 -12.26
CA ALA B 169 -5.91 -54.22 -11.41
C ALA B 169 -5.73 -53.23 -10.24
N ALA B 170 -6.17 -51.99 -10.45
CA ALA B 170 -5.99 -50.93 -9.46
C ALA B 170 -6.39 -51.30 -8.01
N PRO B 171 -7.54 -51.98 -7.80
CA PRO B 171 -7.95 -52.33 -6.44
C PRO B 171 -6.93 -53.16 -5.65
N HIS B 172 -6.08 -53.93 -6.32
CA HIS B 172 -5.08 -54.70 -5.57
CA HIS B 172 -5.08 -54.75 -5.65
C HIS B 172 -3.66 -54.14 -5.71
N LEU B 173 -3.53 -52.93 -6.26
CA LEU B 173 -2.23 -52.27 -6.30
C LEU B 173 -1.89 -51.57 -4.98
N LYS B 174 -0.63 -51.61 -4.56
CA LYS B 174 -0.15 -50.91 -3.38
C LYS B 174 0.73 -49.68 -3.68
N SER B 175 1.28 -49.08 -2.61
CA SER B 175 2.38 -48.11 -2.72
C SER B 175 1.90 -46.80 -3.38
N PRO B 176 2.80 -45.95 -3.94
CA PRO B 176 2.16 -44.94 -4.79
C PRO B 176 1.82 -45.38 -6.23
N LEU B 177 2.13 -46.60 -6.65
CA LEU B 177 1.78 -47.06 -7.98
C LEU B 177 0.25 -47.03 -8.18
N SER B 178 -0.50 -47.46 -7.16
CA SER B 178 -1.96 -47.41 -7.19
C SER B 178 -2.45 -45.99 -7.42
N LYS B 179 -1.87 -45.05 -6.68
CA LYS B 179 -2.19 -43.65 -6.84
C LYS B 179 -1.92 -43.20 -8.26
N GLN B 180 -0.74 -43.53 -8.78
CA GLN B 180 -0.39 -43.14 -10.15
C GLN B 180 -1.40 -43.66 -11.15
N VAL B 181 -1.76 -44.93 -11.02
CA VAL B 181 -2.68 -45.53 -11.98
C VAL B 181 -4.02 -44.82 -11.98
N THR B 182 -4.62 -44.64 -10.80
CA THR B 182 -5.91 -43.94 -10.67
C THR B 182 -5.83 -42.53 -11.27
N HIS B 183 -4.78 -41.81 -10.91
CA HIS B 183 -4.54 -40.45 -11.40
C HIS B 183 -4.47 -40.38 -12.93
N ALA B 184 -3.63 -41.23 -13.54
CA ALA B 184 -3.46 -41.26 -14.99
C ALA B 184 -4.77 -41.54 -15.71
N LEU B 185 -5.51 -42.52 -15.20
CA LEU B 185 -6.78 -42.90 -15.81
C LEU B 185 -7.74 -41.73 -15.76
N GLU B 186 -7.68 -40.96 -14.69
CA GLU B 186 -8.56 -39.79 -14.61
C GLU B 186 -8.17 -38.71 -15.63
N GLN B 187 -6.87 -38.51 -15.82
CA GLN B 187 -6.37 -37.55 -16.79
C GLN B 187 -4.92 -37.87 -17.15
N SER B 188 -4.66 -38.16 -18.43
CA SER B 188 -3.33 -38.56 -18.86
C SER B 188 -2.29 -37.45 -18.65
N LEU B 189 -1.03 -37.84 -18.55
CA LEU B 189 0.06 -36.88 -18.34
C LEU B 189 0.11 -35.88 -19.47
N HIS B 190 0.04 -36.39 -20.69
CA HIS B 190 0.20 -35.58 -21.87
C HIS B 190 -0.88 -34.50 -21.98
N LYS B 191 -2.05 -34.78 -21.40
CA LYS B 191 -3.19 -33.87 -21.50
C LYS B 191 -3.48 -33.16 -20.19
N SER B 192 -2.48 -33.05 -19.33
CA SER B 192 -2.68 -32.38 -18.05
C SER B 192 -1.87 -31.09 -17.94
N ILE B 193 -2.21 -30.26 -16.96
CA ILE B 193 -1.43 -29.03 -16.75
C ILE B 193 -0.08 -29.42 -16.15
N PRO B 194 1.02 -29.12 -16.85
CA PRO B 194 2.37 -29.54 -16.46
C PRO B 194 2.76 -29.28 -15.00
N ARG B 195 2.57 -28.05 -14.54
CA ARG B 195 2.96 -27.65 -13.20
C ARG B 195 2.10 -28.36 -12.16
N VAL B 196 0.82 -28.57 -12.49
CA VAL B 196 -0.06 -29.28 -11.57
C VAL B 196 0.48 -30.71 -11.44
N GLU B 197 0.87 -31.34 -12.55
CA GLU B 197 1.39 -32.71 -12.50
C GLU B 197 2.72 -32.78 -11.79
N ILE B 198 3.54 -31.76 -11.99
CA ILE B 198 4.86 -31.70 -11.36
C ILE B 198 4.74 -31.76 -9.85
N ARG B 199 3.90 -30.90 -9.29
CA ARG B 199 3.60 -30.93 -7.85
C ARG B 199 3.06 -32.30 -7.43
N TYR B 200 2.23 -32.88 -8.28
CA TYR B 200 1.67 -34.18 -7.97
C TYR B 200 2.77 -35.23 -7.97
N PHE B 201 3.59 -35.24 -9.00
CA PHE B 201 4.63 -36.25 -9.11
C PHE B 201 5.65 -36.18 -7.99
N ILE B 202 5.91 -34.98 -7.50
CA ILE B 202 6.84 -34.78 -6.39
C ILE B 202 6.36 -35.53 -5.17
N SER B 203 5.06 -35.47 -4.91
CA SER B 203 4.49 -36.22 -3.79
C SER B 203 4.60 -37.73 -4.06
N ILE B 204 4.38 -38.16 -5.30
CA ILE B 204 4.58 -39.58 -5.63
C ILE B 204 6.04 -40.03 -5.41
N TYR B 205 6.97 -39.24 -5.92
CA TYR B 205 8.39 -39.58 -5.85
C TYR B 205 8.89 -39.64 -4.42
N GLU B 206 8.40 -38.72 -3.60
CA GLU B 206 8.70 -38.68 -2.17
C GLU B 206 8.31 -40.02 -1.53
N GLU B 207 7.20 -40.58 -1.98
CA GLU B 207 6.64 -41.78 -1.37
C GLU B 207 7.35 -43.09 -1.79
N GLU B 208 8.00 -43.10 -2.96
CA GLU B 208 8.74 -44.27 -3.43
C GLU B 208 9.79 -44.69 -2.41
N GLU B 209 10.19 -45.95 -2.46
CA GLU B 209 11.16 -46.47 -1.51
C GLU B 209 12.57 -46.27 -2.04
N PHE B 210 12.70 -46.43 -3.35
CA PHE B 210 13.99 -46.42 -4.00
C PHE B 210 14.13 -45.17 -4.85
N LYS B 211 13.98 -44.02 -4.20
CA LYS B 211 14.01 -42.75 -4.91
C LYS B 211 15.44 -42.22 -4.90
N ASN B 212 15.74 -41.30 -5.82
CA ASN B 212 17.02 -40.59 -5.75
C ASN B 212 16.80 -39.36 -4.87
N ASP B 213 17.47 -39.31 -3.74
CA ASP B 213 17.20 -38.25 -2.77
C ASP B 213 17.68 -36.88 -3.23
N LEU B 214 18.73 -36.84 -4.03
CA LEU B 214 19.24 -35.60 -4.56
C LEU B 214 18.21 -34.97 -5.50
N LEU B 215 17.67 -35.77 -6.41
CA LEU B 215 16.67 -35.30 -7.35
C LEU B 215 15.42 -34.83 -6.61
N LEU B 216 15.04 -35.54 -5.56
CA LEU B 216 13.87 -35.12 -4.81
C LEU B 216 14.10 -33.73 -4.19
N ARG B 217 15.26 -33.52 -3.58
CA ARG B 217 15.53 -32.25 -2.93
C ARG B 217 15.66 -31.13 -3.96
N PHE B 218 16.32 -31.42 -5.07
CA PHE B 218 16.41 -30.48 -6.19
C PHE B 218 15.00 -30.07 -6.63
N ALA B 219 14.11 -31.04 -6.81
CA ALA B 219 12.73 -30.76 -7.25
C ALA B 219 11.93 -29.85 -6.30
N LYS B 220 12.04 -30.10 -5.01
CA LYS B 220 11.31 -29.32 -4.02
C LYS B 220 11.87 -27.90 -3.91
N LEU B 221 13.19 -27.76 -3.92
CA LEU B 221 13.79 -26.42 -3.85
C LEU B 221 13.37 -25.57 -5.03
N ASP B 222 13.34 -26.19 -6.20
CA ASP B 222 13.00 -25.49 -7.44
C ASP B 222 11.53 -25.10 -7.48
N TYR B 223 10.66 -26.02 -7.05
CA TYR B 223 9.25 -25.73 -6.95
C TYR B 223 9.03 -24.50 -6.06
N ASN B 224 9.57 -24.53 -4.85
CA ASN B 224 9.42 -23.43 -3.90
C ASN B 224 9.98 -22.12 -4.43
N LEU B 225 11.08 -22.21 -5.16
CA LEU B 225 11.70 -21.00 -5.71
C LEU B 225 10.82 -20.36 -6.77
N LEU B 226 10.38 -21.17 -7.72
CA LEU B 226 9.50 -20.71 -8.78
C LEU B 226 8.16 -20.22 -8.22
N GLN B 227 7.67 -20.90 -7.18
CA GLN B 227 6.40 -20.51 -6.55
C GLN B 227 6.49 -19.11 -5.95
N MET B 228 7.65 -18.79 -5.39
CA MET B 228 7.88 -17.44 -4.88
C MET B 228 7.80 -16.39 -5.99
N LEU B 229 8.43 -16.66 -7.12
CA LEU B 229 8.33 -15.79 -8.27
C LEU B 229 6.86 -15.64 -8.70
N HIS B 230 6.17 -16.78 -8.78
CA HIS B 230 4.77 -16.78 -9.18
C HIS B 230 3.89 -15.93 -8.24
N LYS B 231 4.14 -16.04 -6.93
CA LYS B 231 3.40 -15.23 -5.95
C LYS B 231 3.68 -13.76 -6.14
N HIS B 232 4.94 -13.43 -6.46
CA HIS B 232 5.32 -12.05 -6.76
C HIS B 232 4.61 -11.57 -8.02
N GLU B 233 4.55 -12.42 -9.04
CA GLU B 233 3.87 -12.02 -10.26
C GLU B 233 2.39 -11.75 -9.99
N LEU B 234 1.75 -12.64 -9.22
CA LEU B 234 0.34 -12.50 -8.84
C LEU B 234 0.06 -11.19 -8.10
N SER B 235 0.95 -10.80 -7.21
CA SER B 235 0.83 -9.54 -6.49
C SER B 235 0.86 -8.36 -7.46
N GLU B 236 1.75 -8.42 -8.45
CA GLU B 236 1.84 -7.38 -9.46
C GLU B 236 0.55 -7.31 -10.31
N VAL B 237 0.09 -8.44 -10.84
CA VAL B 237 -1.19 -8.44 -11.56
C VAL B 237 -2.27 -7.82 -10.68
N SER B 238 -2.32 -8.27 -9.44
CA SER B 238 -3.32 -7.87 -8.46
C SER B 238 -3.25 -6.39 -8.07
N ARG B 239 -2.06 -5.83 -7.95
CA ARG B 239 -1.95 -4.40 -7.66
C ARG B 239 -2.36 -3.63 -8.90
N TRP B 240 -1.96 -4.13 -10.06
CA TRP B 240 -2.36 -3.51 -11.30
C TRP B 240 -3.88 -3.47 -11.39
N TRP B 241 -4.53 -4.60 -11.10
CA TRP B 241 -5.98 -4.65 -11.13
C TRP B 241 -6.60 -3.66 -10.16
N LYS B 242 -6.08 -3.63 -8.95
CA LYS B 242 -6.64 -2.77 -7.92
C LYS B 242 -6.53 -1.30 -8.29
N ASP B 243 -5.42 -0.92 -8.92
CA ASP B 243 -5.21 0.47 -9.28
C ASP B 243 -6.22 0.93 -10.33
N LEU B 244 -6.64 0.02 -11.21
CA LEU B 244 -7.65 0.35 -12.21
C LEU B 244 -8.97 0.71 -11.56
N ASP B 245 -9.20 0.16 -10.37
CA ASP B 245 -10.32 0.58 -9.52
C ASP B 245 -11.68 0.34 -10.19
N PHE B 246 -11.81 -0.81 -10.86
CA PHE B 246 -13.04 -1.15 -11.58
C PHE B 246 -14.26 -1.28 -10.66
N VAL B 247 -14.08 -1.87 -9.49
CA VAL B 247 -15.17 -2.17 -8.58
C VAL B 247 -15.80 -0.94 -7.94
N THR B 248 -15.14 0.20 -8.08
CA THR B 248 -15.69 1.47 -7.61
C THR B 248 -16.61 2.06 -8.67
N THR B 249 -16.19 1.90 -9.91
CA THR B 249 -16.90 2.44 -11.06
C THR B 249 -17.88 1.47 -11.71
N LEU B 250 -17.51 0.19 -11.71
CA LEU B 250 -18.35 -0.90 -12.22
C LEU B 250 -18.59 -1.93 -11.10
N PRO B 251 -19.47 -1.63 -10.15
CA PRO B 251 -19.57 -2.40 -8.90
C PRO B 251 -20.03 -3.86 -9.12
N TYR B 252 -20.71 -4.09 -10.24
CA TYR B 252 -21.13 -5.43 -10.64
C TYR B 252 -20.02 -6.25 -11.31
N ALA B 253 -18.90 -5.60 -11.62
CA ALA B 253 -17.80 -6.28 -12.30
C ALA B 253 -17.14 -7.29 -11.36
N ARG B 254 -16.81 -8.44 -11.92
CA ARG B 254 -16.18 -9.54 -11.20
C ARG B 254 -14.74 -9.23 -10.82
N ASP B 255 -14.45 -9.34 -9.52
CA ASP B 255 -13.11 -9.10 -8.99
C ASP B 255 -12.29 -10.40 -8.96
N ARG B 256 -11.70 -10.78 -10.08
CA ARG B 256 -11.15 -12.13 -10.17
C ARG B 256 -9.73 -12.16 -10.71
N ALA B 257 -8.82 -11.35 -10.16
CA ALA B 257 -7.45 -11.29 -10.68
C ALA B 257 -6.66 -12.59 -10.52
N VAL B 258 -6.86 -13.28 -9.39
CA VAL B 258 -6.11 -14.50 -9.13
C VAL B 258 -6.37 -15.54 -10.21
N GLU B 259 -7.63 -15.75 -10.59
CA GLU B 259 -7.98 -16.68 -11.65
C GLU B 259 -7.36 -16.33 -12.98
N CYS B 260 -7.38 -15.04 -13.32
CA CYS B 260 -6.76 -14.59 -14.55
C CYS B 260 -5.29 -14.97 -14.56
N TYR B 261 -4.60 -14.73 -13.45
CA TYR B 261 -3.19 -15.04 -13.37
C TYR B 261 -2.96 -16.55 -13.43
N PHE B 262 -3.82 -17.31 -12.76
CA PHE B 262 -3.63 -18.74 -12.64
C PHE B 262 -3.42 -19.41 -13.98
N TRP B 263 -4.18 -19.00 -14.98
CA TRP B 263 -4.10 -19.54 -16.33
CA TRP B 263 -4.11 -19.60 -16.30
C TRP B 263 -2.69 -19.51 -16.88
N THR B 264 -2.01 -18.39 -16.65
CA THR B 264 -0.70 -18.16 -17.26
C THR B 264 0.37 -19.14 -16.78
N MET B 265 0.24 -19.64 -15.55
CA MET B 265 1.15 -20.65 -15.00
C MET B 265 0.97 -22.00 -15.67
N GLY B 266 -0.24 -22.25 -16.19
CA GLY B 266 -0.49 -23.44 -16.98
C GLY B 266 0.17 -23.34 -18.36
N VAL B 267 0.27 -22.11 -18.87
CA VAL B 267 0.85 -21.83 -20.18
C VAL B 267 2.40 -21.91 -20.14
N TYR B 268 2.99 -21.43 -19.06
CA TYR B 268 4.44 -21.56 -18.84
C TYR B 268 4.79 -21.26 -17.39
N ALA B 269 5.58 -22.14 -16.78
CA ALA B 269 6.00 -21.93 -15.38
C ALA B 269 7.41 -21.41 -15.24
N GLU B 270 8.22 -21.57 -16.29
CA GLU B 270 9.65 -21.28 -16.19
C GLU B 270 9.92 -19.80 -15.99
N PRO B 271 11.01 -19.49 -15.27
CA PRO B 271 11.34 -18.10 -14.93
C PRO B 271 11.42 -17.15 -16.11
N GLN B 272 11.96 -17.57 -17.25
CA GLN B 272 12.16 -16.61 -18.36
C GLN B 272 10.83 -16.14 -18.96
N TYR B 273 9.73 -16.79 -18.59
CA TYR B 273 8.43 -16.36 -19.10
C TYR B 273 7.70 -15.49 -18.08
N SER B 274 8.43 -14.89 -17.15
CA SER B 274 7.82 -14.06 -16.12
C SER B 274 7.07 -12.87 -16.75
N GLN B 275 7.76 -12.14 -17.62
CA GLN B 275 7.15 -10.97 -18.24
C GLN B 275 5.98 -11.42 -19.10
N ALA B 276 6.11 -12.56 -19.77
CA ALA B 276 5.02 -13.07 -20.62
C ALA B 276 3.78 -13.43 -19.80
N ARG B 277 3.97 -14.05 -18.64
CA ARG B 277 2.83 -14.37 -17.78
C ARG B 277 2.08 -13.15 -17.31
N VAL B 278 2.82 -12.10 -16.92
CA VAL B 278 2.19 -10.89 -16.44
C VAL B 278 1.40 -10.18 -17.54
N MET B 279 1.97 -10.06 -18.73
CA MET B 279 1.23 -9.47 -19.83
C MET B 279 -0.05 -10.26 -20.16
N LEU B 280 0.07 -11.58 -20.19
CA LEU B 280 -1.06 -12.45 -20.54
C LEU B 280 -2.19 -12.34 -19.53
N ALA B 281 -1.82 -12.40 -18.25
CA ALA B 281 -2.76 -12.23 -17.15
C ALA B 281 -3.59 -10.95 -17.35
N LYS B 282 -2.91 -9.88 -17.73
CA LYS B 282 -3.55 -8.57 -17.89
C LYS B 282 -4.60 -8.59 -19.02
N THR B 283 -4.31 -9.29 -20.10
CA THR B 283 -5.29 -9.44 -21.16
C THR B 283 -6.47 -10.27 -20.71
N ILE B 284 -6.21 -11.32 -19.95
CA ILE B 284 -7.28 -12.21 -19.53
C ILE B 284 -8.21 -11.41 -18.63
N ALA B 285 -7.64 -10.58 -17.77
CA ALA B 285 -8.42 -9.71 -16.88
C ALA B 285 -9.24 -8.68 -17.63
N MET B 286 -8.66 -8.12 -18.68
CA MET B 286 -9.38 -7.15 -19.50
C MET B 286 -10.56 -7.77 -20.24
N ILE B 287 -10.41 -9.03 -20.65
CA ILE B 287 -11.50 -9.76 -21.30
C ILE B 287 -12.69 -9.86 -20.39
N SER B 288 -12.46 -10.22 -19.13
CA SER B 288 -13.54 -10.35 -18.16
C SER B 288 -14.28 -9.02 -18.08
N ILE B 289 -13.51 -7.94 -18.11
CA ILE B 289 -14.07 -6.60 -18.03
C ILE B 289 -14.90 -6.23 -19.26
N VAL B 290 -14.42 -6.62 -20.44
CA VAL B 290 -15.17 -6.44 -21.68
C VAL B 290 -16.45 -7.29 -21.60
N ASP B 291 -16.34 -8.50 -21.03
CA ASP B 291 -17.51 -9.37 -20.73
C ASP B 291 -18.54 -8.74 -19.79
N ASP B 292 -18.07 -8.25 -18.65
CA ASP B 292 -18.96 -7.62 -17.67
C ASP B 292 -19.66 -6.39 -18.26
N THR B 293 -18.94 -5.71 -19.16
CA THR B 293 -19.47 -4.53 -19.83
C THR B 293 -20.51 -4.93 -20.89
N PHE B 294 -20.24 -6.01 -21.62
CA PHE B 294 -21.20 -6.51 -22.61
C PHE B 294 -22.46 -6.96 -21.91
N ASP B 295 -22.30 -7.56 -20.73
CA ASP B 295 -23.41 -8.19 -20.02
C ASP B 295 -24.10 -7.23 -19.06
N ALA B 296 -23.58 -6.01 -18.97
CA ALA B 296 -24.06 -5.02 -18.01
C ALA B 296 -25.53 -4.66 -18.21
N TYR B 297 -25.88 -4.31 -19.45
CA TYR B 297 -27.24 -3.87 -19.79
C TYR B 297 -27.84 -4.70 -20.91
N GLY B 298 -27.02 -5.02 -21.91
CA GLY B 298 -27.48 -5.77 -23.06
C GLY B 298 -28.36 -4.95 -23.98
N ILE B 299 -28.10 -3.64 -24.06
CA ILE B 299 -28.81 -2.78 -25.00
C ILE B 299 -28.06 -2.68 -26.33
N VAL B 300 -28.67 -3.18 -27.41
CA VAL B 300 -27.97 -3.40 -28.67
C VAL B 300 -27.31 -2.16 -29.24
N LYS B 301 -28.03 -1.04 -29.14
CA LYS B 301 -27.56 0.21 -29.68
C LYS B 301 -26.27 0.64 -28.98
N GLU B 302 -26.18 0.33 -27.70
CA GLU B 302 -24.98 0.65 -26.93
C GLU B 302 -23.86 -0.30 -27.36
N LEU B 303 -24.17 -1.58 -27.43
CA LEU B 303 -23.19 -2.60 -27.83
C LEU B 303 -22.65 -2.29 -29.22
N GLU B 304 -23.52 -1.79 -30.11
CA GLU B 304 -23.10 -1.46 -31.46
C GLU B 304 -22.03 -0.37 -31.47
N VAL B 305 -22.28 0.74 -30.76
CA VAL B 305 -21.33 1.84 -30.75
C VAL B 305 -20.04 1.43 -30.02
N TYR B 306 -20.16 0.59 -28.99
CA TYR B 306 -19.02 0.05 -28.28
C TYR B 306 -18.13 -0.74 -29.24
N THR B 307 -18.75 -1.69 -29.93
CA THR B 307 -18.06 -2.56 -30.89
C THR B 307 -17.34 -1.76 -31.98
N ASP B 308 -18.03 -0.77 -32.51
CA ASP B 308 -17.47 0.10 -33.54
C ASP B 308 -16.34 0.95 -32.97
N ALA B 309 -16.54 1.47 -31.78
CA ALA B 309 -15.53 2.29 -31.13
C ALA B 309 -14.25 1.47 -30.96
N ILE B 310 -14.41 0.19 -30.65
CA ILE B 310 -13.29 -0.71 -30.48
C ILE B 310 -12.61 -0.98 -31.81
N GLN B 311 -13.39 -1.19 -32.86
CA GLN B 311 -12.80 -1.42 -34.18
C GLN B 311 -11.90 -0.23 -34.55
N ARG B 312 -12.35 0.96 -34.19
CA ARG B 312 -11.63 2.17 -34.56
C ARG B 312 -10.44 2.42 -33.64
N TRP B 313 -10.59 2.07 -32.36
CA TRP B 313 -9.49 2.08 -31.40
C TRP B 313 -8.71 3.39 -31.38
N ASP B 314 -9.33 4.43 -30.83
CA ASP B 314 -8.70 5.73 -30.69
C ASP B 314 -9.38 6.46 -29.55
N ILE B 315 -8.61 7.28 -28.85
CA ILE B 315 -9.12 8.00 -27.68
C ILE B 315 -10.26 8.96 -28.03
N SER B 316 -10.26 9.43 -29.27
CA SER B 316 -11.30 10.34 -29.78
C SER B 316 -12.67 9.67 -29.75
N GLN B 317 -12.69 8.33 -29.75
CA GLN B 317 -13.94 7.59 -29.81
C GLN B 317 -14.68 7.56 -28.48
N ILE B 318 -13.98 7.90 -27.41
CA ILE B 318 -14.49 7.67 -26.06
C ILE B 318 -15.73 8.50 -25.75
N ASP B 319 -15.87 9.64 -26.42
CA ASP B 319 -16.99 10.53 -26.18
C ASP B 319 -18.28 10.03 -26.82
N ARG B 320 -18.17 9.02 -27.67
CA ARG B 320 -19.34 8.42 -28.33
C ARG B 320 -20.08 7.50 -27.37
N LEU B 321 -19.39 7.09 -26.32
CA LEU B 321 -19.84 5.99 -25.46
C LEU B 321 -20.62 6.41 -24.23
N PRO B 322 -21.60 5.59 -23.79
CA PRO B 322 -22.14 5.72 -22.43
C PRO B 322 -21.02 5.71 -21.42
N GLU B 323 -21.22 6.40 -20.32
CA GLU B 323 -20.18 6.61 -19.31
C GLU B 323 -19.53 5.29 -18.81
N TYR B 324 -20.35 4.27 -18.54
CA TYR B 324 -19.83 3.03 -17.98
C TYR B 324 -18.92 2.31 -18.97
N MET B 325 -19.16 2.53 -20.26
CA MET B 325 -18.32 1.94 -21.30
C MET B 325 -16.99 2.70 -21.49
N LYS B 326 -16.94 3.95 -21.05
CA LYS B 326 -15.69 4.75 -21.10
C LYS B 326 -14.58 4.15 -20.24
N ILE B 327 -14.99 3.54 -19.14
CA ILE B 327 -14.09 2.94 -18.17
C ILE B 327 -13.27 1.82 -18.80
N SER B 328 -13.95 0.89 -19.42
CA SER B 328 -13.25 -0.24 -20.05
C SER B 328 -12.48 0.21 -21.29
N TYR B 329 -13.07 1.10 -22.07
CA TYR B 329 -12.46 1.56 -23.31
C TYR B 329 -11.13 2.23 -23.02
N LYS B 330 -11.08 3.05 -21.98
CA LYS B 330 -9.85 3.76 -21.62
C LYS B 330 -8.82 2.75 -21.14
N ALA B 331 -9.28 1.70 -20.46
CA ALA B 331 -8.37 0.75 -19.86
C ALA B 331 -7.81 -0.15 -20.94
N LEU B 332 -8.63 -0.52 -21.91
CA LEU B 332 -8.15 -1.21 -23.09
C LEU B 332 -7.06 -0.41 -23.79
N LEU B 333 -7.37 0.84 -24.12
CA LEU B 333 -6.42 1.67 -24.88
C LEU B 333 -5.09 1.82 -24.16
N ASP B 334 -5.18 2.06 -22.86
CA ASP B 334 -3.99 2.23 -22.03
C ASP B 334 -3.17 0.96 -21.93
N LEU B 335 -3.85 -0.17 -21.80
CA LEU B 335 -3.17 -1.44 -21.65
C LEU B 335 -2.26 -1.77 -22.83
N TYR B 336 -2.81 -1.70 -24.04
CA TYR B 336 -2.03 -2.01 -25.23
C TYR B 336 -0.97 -0.95 -25.43
N ASP B 337 -1.26 0.28 -25.01
CA ASP B 337 -0.22 1.31 -24.95
C ASP B 337 0.94 0.86 -24.06
N ASP B 338 0.63 0.39 -22.85
CA ASP B 338 1.66 -0.11 -21.95
C ASP B 338 2.41 -1.27 -22.61
N TYR B 339 1.69 -2.18 -23.27
CA TYR B 339 2.37 -3.30 -23.95
C TYR B 339 3.44 -2.74 -24.89
N GLU B 340 3.08 -1.74 -25.69
CA GLU B 340 3.99 -1.13 -26.65
C GLU B 340 5.19 -0.49 -25.97
N LYS B 341 4.96 0.27 -24.90
CA LYS B 341 6.05 0.92 -24.19
C LYS B 341 6.96 -0.15 -23.60
N GLU B 342 6.34 -1.16 -23.01
CA GLU B 342 7.03 -2.21 -22.28
C GLU B 342 7.94 -3.07 -23.17
N LEU B 343 7.55 -3.24 -24.43
CA LEU B 343 8.30 -4.06 -25.40
C LEU B 343 9.30 -3.24 -26.22
N SER B 344 9.22 -1.92 -26.09
CA SER B 344 10.09 -1.02 -26.86
C SER B 344 11.56 -1.31 -26.60
N LYS B 345 11.87 -1.57 -25.34
CA LYS B 345 13.20 -1.98 -24.88
C LYS B 345 13.86 -3.02 -25.80
N ASP B 346 13.07 -3.96 -26.32
CA ASP B 346 13.58 -5.05 -27.15
C ASP B 346 13.29 -4.84 -28.63
N GLY B 347 12.79 -3.66 -28.98
CA GLY B 347 12.41 -3.38 -30.36
C GLY B 347 11.28 -4.26 -30.85
N ARG B 348 10.40 -4.66 -29.94
CA ARG B 348 9.29 -5.55 -30.27
C ARG B 348 7.90 -4.92 -30.10
N SER B 349 7.82 -3.60 -30.04
CA SER B 349 6.54 -2.92 -29.91
C SER B 349 5.58 -3.20 -31.06
N ASP B 350 6.14 -3.52 -32.23
CA ASP B 350 5.36 -3.70 -33.45
C ASP B 350 4.58 -5.01 -33.41
N VAL B 351 4.90 -5.81 -32.41
CA VAL B 351 4.28 -7.12 -32.27
C VAL B 351 2.91 -6.99 -31.55
N VAL B 352 2.71 -5.89 -30.84
CA VAL B 352 1.51 -5.70 -30.03
C VAL B 352 0.25 -5.64 -30.88
N HIS B 353 0.36 -5.10 -32.08
CA HIS B 353 -0.83 -4.93 -32.91
C HIS B 353 -1.51 -6.26 -33.30
N TYR B 354 -0.78 -7.37 -33.28
CA TYR B 354 -1.39 -8.67 -33.56
C TYR B 354 -2.34 -9.08 -32.45
N ALA B 355 -1.98 -8.76 -31.22
CA ALA B 355 -2.85 -9.06 -30.10
C ALA B 355 -4.05 -8.11 -30.11
N LYS B 356 -3.80 -6.86 -30.46
CA LYS B 356 -4.86 -5.85 -30.56
C LYS B 356 -5.89 -6.30 -31.59
N GLU B 357 -5.42 -6.89 -32.70
CA GLU B 357 -6.32 -7.42 -33.73
C GLU B 357 -7.29 -8.51 -33.22
N ARG B 358 -6.78 -9.41 -32.38
CA ARG B 358 -7.60 -10.47 -31.80
C ARG B 358 -8.62 -9.94 -30.78
N MET B 359 -8.25 -8.86 -30.08
CA MET B 359 -9.19 -8.21 -29.15
C MET B 359 -10.34 -7.61 -29.94
N LYS B 360 -10.03 -6.95 -31.05
CA LYS B 360 -11.06 -6.39 -31.91
C LYS B 360 -11.97 -7.51 -32.43
N GLU B 361 -11.36 -8.64 -32.80
CA GLU B 361 -12.09 -9.76 -33.36
C GLU B 361 -13.10 -10.33 -32.36
N ILE B 362 -12.66 -10.55 -31.13
CA ILE B 362 -13.53 -11.17 -30.15
C ILE B 362 -14.70 -10.22 -29.81
N VAL B 363 -14.45 -8.92 -29.82
CA VAL B 363 -15.50 -7.96 -29.57
C VAL B 363 -16.55 -8.03 -30.69
N ARG B 364 -16.12 -8.03 -31.95
CA ARG B 364 -17.04 -8.20 -33.08
C ARG B 364 -17.93 -9.43 -32.90
N ASN B 365 -17.34 -10.56 -32.51
CA ASN B 365 -18.09 -11.80 -32.37
C ASN B 365 -18.98 -11.83 -31.14
N TYR B 366 -18.57 -11.13 -30.08
CA TYR B 366 -19.38 -10.89 -28.89
C TYR B 366 -20.66 -10.12 -29.23
N PHE B 367 -20.52 -9.15 -30.11
CA PHE B 367 -21.64 -8.38 -30.55
C PHE B 367 -22.59 -9.22 -31.41
N ILE B 368 -22.02 -10.04 -32.28
CA ILE B 368 -22.82 -10.90 -33.14
C ILE B 368 -23.74 -11.81 -32.33
N GLU B 369 -23.20 -12.44 -31.30
CA GLU B 369 -23.98 -13.35 -30.49
C GLU B 369 -25.02 -12.61 -29.66
N ALA B 370 -24.68 -11.39 -29.22
CA ALA B 370 -25.65 -10.57 -28.49
C ALA B 370 -26.84 -10.26 -29.38
N LYS B 371 -26.56 -9.92 -30.64
CA LYS B 371 -27.61 -9.61 -31.59
C LYS B 371 -28.45 -10.82 -31.92
N TRP B 372 -27.81 -11.98 -32.11
CA TRP B 372 -28.54 -13.22 -32.32
C TRP B 372 -29.51 -13.42 -31.18
N PHE B 373 -29.01 -13.25 -29.97
CA PHE B 373 -29.85 -13.43 -28.79
C PHE B 373 -31.07 -12.49 -28.79
N ILE B 374 -30.84 -11.20 -29.04
CA ILE B 374 -31.92 -10.22 -29.11
C ILE B 374 -32.95 -10.58 -30.18
N GLU B 375 -32.45 -10.99 -31.34
CA GLU B 375 -33.29 -11.33 -32.47
C GLU B 375 -33.92 -12.71 -32.35
N GLY B 376 -33.59 -13.42 -31.27
CA GLY B 376 -34.06 -14.78 -31.07
C GLY B 376 -33.60 -15.74 -32.15
N TYR B 377 -32.42 -15.47 -32.70
CA TYR B 377 -31.92 -16.25 -33.82
C TYR B 377 -31.05 -17.44 -33.38
N MET B 378 -31.38 -18.62 -33.89
CA MET B 378 -30.62 -19.83 -33.62
C MET B 378 -29.77 -20.16 -34.83
N PRO B 379 -28.45 -19.92 -34.73
CA PRO B 379 -27.56 -20.17 -35.87
C PRO B 379 -27.40 -21.65 -36.18
N SER B 380 -27.08 -21.97 -37.43
CA SER B 380 -26.66 -23.31 -37.76
C SER B 380 -25.34 -23.62 -37.05
N VAL B 381 -24.91 -24.87 -37.12
CA VAL B 381 -23.65 -25.22 -36.50
C VAL B 381 -22.51 -24.45 -37.15
N SER B 382 -22.44 -24.43 -38.48
CA SER B 382 -21.36 -23.71 -39.17
C SER B 382 -21.29 -22.23 -38.78
N GLU B 383 -22.42 -21.52 -38.81
CA GLU B 383 -22.44 -20.11 -38.41
C GLU B 383 -22.02 -19.96 -36.96
N TYR B 384 -22.46 -20.89 -36.12
CA TYR B 384 -22.17 -20.84 -34.70
C TYR B 384 -20.66 -20.91 -34.53
N LEU B 385 -20.10 -21.99 -35.06
CA LEU B 385 -18.67 -22.25 -35.02
C LEU B 385 -17.88 -21.11 -35.65
N SER B 386 -18.39 -20.55 -36.74
CA SER B 386 -17.71 -19.44 -37.40
C SER B 386 -17.52 -18.28 -36.43
N ASN B 387 -18.49 -18.13 -35.53
CA ASN B 387 -18.45 -17.06 -34.54
C ASN B 387 -17.82 -17.46 -33.20
N ALA B 388 -18.05 -18.70 -32.77
CA ALA B 388 -17.77 -19.08 -31.38
C ALA B 388 -16.36 -19.60 -31.10
N LEU B 389 -15.54 -19.86 -32.12
CA LEU B 389 -14.13 -20.19 -31.82
C LEU B 389 -13.37 -18.98 -31.27
N ALA B 390 -13.57 -17.82 -31.89
CA ALA B 390 -12.93 -16.61 -31.35
C ALA B 390 -13.51 -16.28 -29.99
N THR B 391 -14.81 -16.50 -29.87
CA THR B 391 -15.52 -16.16 -28.66
C THR B 391 -15.15 -17.05 -27.44
N SER B 392 -14.48 -18.17 -27.70
CA SER B 392 -13.92 -19.02 -26.65
C SER B 392 -12.75 -18.37 -25.92
N THR B 393 -12.32 -17.26 -26.51
CA THR B 393 -11.12 -16.44 -26.18
C THR B 393 -9.78 -17.01 -26.66
N TYR B 394 -9.74 -18.23 -27.18
CA TYR B 394 -8.42 -18.86 -27.38
C TYR B 394 -7.60 -18.31 -28.55
N TYR B 395 -8.21 -17.61 -29.50
CA TYR B 395 -7.37 -16.91 -30.48
C TYR B 395 -6.58 -15.79 -29.80
N LEU B 396 -7.26 -15.01 -28.95
CA LEU B 396 -6.65 -13.91 -28.22
C LEU B 396 -5.62 -14.41 -27.21
N LEU B 397 -5.98 -15.38 -26.38
CA LEU B 397 -5.04 -15.92 -25.39
C LEU B 397 -3.80 -16.51 -26.03
N THR B 398 -3.99 -17.25 -27.12
CA THR B 398 -2.85 -17.83 -27.82
C THR B 398 -1.91 -16.72 -28.28
N THR B 399 -2.44 -15.79 -29.05
CA THR B 399 -1.68 -14.69 -29.60
C THR B 399 -1.01 -13.83 -28.52
N THR B 400 -1.75 -13.57 -27.45
CA THR B 400 -1.24 -12.75 -26.36
C THR B 400 -0.11 -13.46 -25.61
N SER B 401 -0.12 -14.80 -25.59
CA SER B 401 0.91 -15.55 -24.84
C SER B 401 2.33 -15.32 -25.39
N TYR B 402 2.42 -14.83 -26.62
CA TYR B 402 3.70 -14.56 -27.25
C TYR B 402 4.17 -13.10 -27.07
N LEU B 403 3.34 -12.24 -26.48
CA LEU B 403 3.77 -10.85 -26.33
C LEU B 403 5.06 -10.73 -25.51
N GLY B 404 5.13 -11.44 -24.40
CA GLY B 404 6.27 -11.31 -23.51
C GLY B 404 7.43 -12.23 -23.79
N MET B 405 7.36 -12.98 -24.90
CA MET B 405 8.43 -13.89 -25.29
C MET B 405 9.37 -13.25 -26.31
N LYS B 406 10.62 -13.03 -25.93
CA LYS B 406 11.61 -12.41 -26.79
C LYS B 406 11.81 -13.20 -28.07
N SER B 407 11.68 -14.52 -27.97
CA SER B 407 11.87 -15.42 -29.09
C SER B 407 10.68 -15.42 -30.04
N ALA B 408 9.58 -14.77 -29.66
CA ALA B 408 8.39 -14.73 -30.51
C ALA B 408 8.46 -13.58 -31.51
N THR B 409 8.62 -13.92 -32.78
CA THR B 409 8.90 -12.94 -33.81
C THR B 409 7.69 -12.58 -34.67
N LYS B 410 7.85 -11.52 -35.46
CA LYS B 410 6.86 -11.07 -36.42
C LYS B 410 6.33 -12.22 -37.30
N GLU B 411 7.23 -13.09 -37.75
CA GLU B 411 6.83 -14.23 -38.59
C GLU B 411 5.91 -15.20 -37.86
N HIS B 412 6.09 -15.33 -36.54
CA HIS B 412 5.24 -16.20 -35.74
C HIS B 412 3.86 -15.60 -35.66
N PHE B 413 3.78 -14.28 -35.46
CA PHE B 413 2.47 -13.64 -35.42
C PHE B 413 1.79 -13.68 -36.77
N GLU B 414 2.57 -13.47 -37.84
CA GLU B 414 1.99 -13.55 -39.19
C GLU B 414 1.48 -14.96 -39.43
N TRP B 415 2.21 -15.95 -38.94
CA TRP B 415 1.77 -17.34 -39.01
C TRP B 415 0.44 -17.57 -38.25
N LEU B 416 0.39 -17.16 -37.00
CA LEU B 416 -0.83 -17.28 -36.18
C LEU B 416 -2.05 -16.62 -36.81
N ALA B 417 -1.82 -15.47 -37.45
CA ALA B 417 -2.86 -14.68 -38.07
C ALA B 417 -3.59 -15.46 -39.17
N THR B 418 -2.95 -16.51 -39.69
CA THR B 418 -3.57 -17.32 -40.75
C THR B 418 -4.53 -18.37 -40.21
N ASN B 419 -4.79 -18.34 -38.90
CA ASN B 419 -5.58 -19.40 -38.25
C ASN B 419 -5.07 -20.80 -38.65
N PRO B 420 -3.83 -21.13 -38.25
CA PRO B 420 -3.26 -22.43 -38.65
C PRO B 420 -3.95 -23.56 -37.92
N LYS B 421 -3.79 -24.80 -38.39
CA LYS B 421 -4.58 -25.94 -37.91
C LYS B 421 -4.52 -26.12 -36.41
N ILE B 422 -3.33 -25.98 -35.83
CA ILE B 422 -3.18 -26.23 -34.41
C ILE B 422 -3.91 -25.18 -33.56
N LEU B 423 -4.07 -23.97 -34.07
CA LEU B 423 -4.84 -22.91 -33.37
C LEU B 423 -6.35 -23.17 -33.48
N GLU B 424 -6.81 -23.53 -34.68
CA GLU B 424 -8.23 -23.90 -34.88
C GLU B 424 -8.57 -25.08 -33.98
N ALA B 425 -7.69 -26.07 -33.95
CA ALA B 425 -7.94 -27.24 -33.11
C ALA B 425 -7.97 -26.82 -31.64
N ASN B 426 -7.05 -25.93 -31.25
CA ASN B 426 -6.99 -25.39 -29.88
C ASN B 426 -8.29 -24.67 -29.49
N ALA B 427 -8.73 -23.73 -30.31
CA ALA B 427 -9.96 -23.02 -30.02
C ALA B 427 -11.18 -23.97 -30.11
N THR B 428 -11.15 -24.91 -31.04
CA THR B 428 -12.27 -25.87 -31.18
C THR B 428 -12.41 -26.69 -29.92
N LEU B 429 -11.29 -27.18 -29.41
CA LEU B 429 -11.29 -27.92 -28.15
C LEU B 429 -11.94 -27.11 -27.04
N CYS B 430 -11.54 -25.85 -26.91
CA CYS B 430 -12.04 -25.00 -25.84
C CYS B 430 -13.54 -24.74 -25.98
N ARG B 431 -13.96 -24.41 -27.19
CA ARG B 431 -15.38 -24.20 -27.46
C ARG B 431 -16.22 -25.45 -27.14
N VAL B 432 -15.83 -26.62 -27.64
CA VAL B 432 -16.70 -27.79 -27.50
C VAL B 432 -16.71 -28.32 -26.08
N VAL B 433 -15.60 -28.24 -25.34
CA VAL B 433 -15.64 -28.79 -23.98
C VAL B 433 -16.44 -27.86 -23.09
N ASP B 434 -16.31 -26.56 -23.34
CA ASP B 434 -17.12 -25.57 -22.64
C ASP B 434 -18.59 -25.81 -22.95
N ASP B 435 -18.91 -26.00 -24.23
CA ASP B 435 -20.32 -26.18 -24.61
C ASP B 435 -20.90 -27.48 -24.07
N ILE B 436 -20.14 -28.58 -24.10
CA ILE B 436 -20.59 -29.85 -23.54
C ILE B 436 -20.87 -29.69 -22.05
N ALA B 437 -19.91 -29.11 -21.34
CA ALA B 437 -20.00 -28.92 -19.91
C ALA B 437 -21.19 -28.04 -19.50
N THR B 438 -21.40 -26.94 -20.21
CA THR B 438 -22.40 -25.96 -19.81
C THR B 438 -23.80 -26.24 -20.33
N TYR B 439 -23.98 -27.27 -21.15
CA TYR B 439 -25.33 -27.61 -21.58
C TYR B 439 -26.10 -28.19 -20.40
N GLU B 440 -25.37 -28.78 -19.46
CA GLU B 440 -26.00 -29.30 -18.25
C GLU B 440 -26.69 -28.19 -17.41
N VAL B 441 -27.15 -27.15 -18.11
CA VAL B 441 -27.92 -26.06 -17.54
C VAL B 441 -29.35 -26.09 -18.05
N GLN B 447 -31.65 -17.62 -24.60
CA GLN B 447 -30.33 -18.21 -24.40
C GLN B 447 -30.45 -19.52 -23.63
N ILE B 448 -30.75 -20.67 -24.26
CA ILE B 448 -30.84 -20.96 -25.72
C ILE B 448 -29.54 -20.67 -26.51
N ALA B 449 -29.44 -21.25 -27.71
CA ALA B 449 -28.34 -21.00 -28.64
C ALA B 449 -26.97 -21.32 -28.06
N THR B 450 -26.90 -22.39 -27.26
CA THR B 450 -25.64 -23.07 -26.99
C THR B 450 -25.25 -23.91 -28.20
N GLY B 451 -23.99 -24.30 -28.28
CA GLY B 451 -23.55 -25.16 -29.37
C GLY B 451 -24.26 -26.50 -29.46
N ILE B 452 -24.63 -27.09 -28.32
CA ILE B 452 -25.38 -28.34 -28.34
C ILE B 452 -26.79 -28.18 -28.91
N GLU B 453 -27.50 -27.12 -28.51
CA GLU B 453 -28.84 -26.84 -29.05
C GLU B 453 -28.84 -26.59 -30.55
N CYS B 454 -27.87 -25.78 -30.99
CA CYS B 454 -27.68 -25.50 -32.41
C CYS B 454 -27.44 -26.78 -33.21
N TYR B 455 -26.66 -27.70 -32.64
CA TYR B 455 -26.40 -28.98 -33.31
C TYR B 455 -27.66 -29.82 -33.39
N MET B 456 -28.43 -29.85 -32.30
CA MET B 456 -29.65 -30.62 -32.29
C MET B 456 -30.57 -30.21 -33.44
N ARG B 457 -30.83 -28.92 -33.56
CA ARG B 457 -31.73 -28.40 -34.58
C ARG B 457 -31.19 -28.55 -36.00
N ASP B 458 -29.93 -28.15 -36.21
CA ASP B 458 -29.35 -28.12 -37.54
C ASP B 458 -29.30 -29.50 -38.21
N TYR B 459 -28.82 -30.50 -37.48
CA TYR B 459 -28.67 -31.84 -38.03
C TYR B 459 -29.89 -32.69 -37.73
N GLY B 460 -30.79 -32.15 -36.90
CA GLY B 460 -32.01 -32.85 -36.54
C GLY B 460 -31.78 -34.10 -35.72
N VAL B 461 -30.98 -33.96 -34.67
CA VAL B 461 -30.62 -35.09 -33.83
C VAL B 461 -30.98 -34.85 -32.36
N SER B 462 -30.89 -35.90 -31.55
CA SER B 462 -31.19 -35.82 -30.13
C SER B 462 -30.07 -35.20 -29.30
N THR B 463 -30.33 -35.02 -28.02
CA THR B 463 -29.38 -34.37 -27.13
C THR B 463 -28.15 -35.26 -26.90
N GLU B 464 -28.36 -36.56 -26.81
CA GLU B 464 -27.27 -37.49 -26.52
C GLU B 464 -26.25 -37.59 -27.66
N VAL B 465 -26.74 -37.65 -28.90
CA VAL B 465 -25.88 -37.74 -30.09
C VAL B 465 -25.16 -36.42 -30.40
N ALA B 466 -25.83 -35.30 -30.18
CA ALA B 466 -25.17 -34.00 -30.33
C ALA B 466 -24.03 -33.98 -29.34
N MET B 467 -24.28 -34.51 -28.14
CA MET B 467 -23.25 -34.59 -27.11
C MET B 467 -22.07 -35.43 -27.58
N GLU B 468 -22.38 -36.50 -28.31
CA GLU B 468 -21.37 -37.46 -28.72
C GLU B 468 -20.58 -36.92 -29.88
N LYS B 469 -21.25 -36.17 -30.76
CA LYS B 469 -20.56 -35.53 -31.86
C LYS B 469 -19.63 -34.45 -31.35
N PHE B 470 -20.02 -33.78 -30.28
CA PHE B 470 -19.16 -32.77 -29.67
C PHE B 470 -17.96 -33.42 -28.98
N GLN B 471 -18.18 -34.54 -28.28
CA GLN B 471 -17.06 -35.30 -27.71
C GLN B 471 -16.08 -35.72 -28.80
N GLU B 472 -16.65 -36.14 -29.93
CA GLU B 472 -15.87 -36.53 -31.09
C GLU B 472 -15.06 -35.36 -31.64
N MET B 473 -15.68 -34.18 -31.68
CA MET B 473 -14.94 -33.01 -32.14
C MET B 473 -13.77 -32.70 -31.23
N ALA B 474 -13.94 -32.98 -29.94
CA ALA B 474 -12.85 -32.81 -28.98
C ALA B 474 -11.76 -33.84 -29.26
N ASP B 475 -12.18 -35.07 -29.56
CA ASP B 475 -11.23 -36.14 -29.87
C ASP B 475 -10.36 -35.76 -31.05
N ILE B 476 -11.00 -35.26 -32.10
CA ILE B 476 -10.32 -34.81 -33.31
C ILE B 476 -9.36 -33.65 -33.00
N ALA B 477 -9.82 -32.68 -32.20
CA ALA B 477 -8.95 -31.56 -31.85
C ALA B 477 -7.67 -32.06 -31.21
N TRP B 478 -7.80 -32.98 -30.26
CA TRP B 478 -6.60 -33.51 -29.59
C TRP B 478 -5.69 -34.20 -30.61
N LYS B 479 -6.28 -34.90 -31.57
CA LYS B 479 -5.48 -35.57 -32.59
C LYS B 479 -4.80 -34.57 -33.53
N ASP B 480 -5.50 -33.49 -33.87
CA ASP B 480 -4.90 -32.40 -34.64
C ASP B 480 -3.69 -31.82 -33.89
N VAL B 481 -3.86 -31.52 -32.60
CA VAL B 481 -2.76 -30.95 -31.81
C VAL B 481 -1.58 -31.91 -31.73
N ASN B 482 -1.85 -33.15 -31.34
CA ASN B 482 -0.82 -34.18 -31.26
C ASN B 482 -0.04 -34.37 -32.55
N GLU B 483 -0.68 -34.12 -33.68
CA GLU B 483 -0.02 -34.19 -34.99
C GLU B 483 0.78 -32.94 -35.31
N GLU B 484 0.23 -31.79 -34.94
CA GLU B 484 0.81 -30.52 -35.30
C GLU B 484 2.10 -30.20 -34.57
N ILE B 485 2.34 -30.85 -33.45
CA ILE B 485 3.57 -30.67 -32.70
C ILE B 485 4.68 -31.57 -33.25
N LEU B 486 4.32 -32.42 -34.20
CA LEU B 486 5.31 -33.31 -34.80
C LEU B 486 6.01 -32.71 -36.02
N ARG B 487 7.33 -32.78 -36.01
CA ARG B 487 8.12 -32.29 -37.13
C ARG B 487 7.81 -33.09 -38.38
N PRO B 488 7.82 -32.43 -39.55
CA PRO B 488 8.20 -31.03 -39.71
C PRO B 488 7.12 -30.05 -39.22
N THR B 489 7.53 -29.13 -38.35
CA THR B 489 6.61 -28.13 -37.82
C THR B 489 6.90 -26.80 -38.50
N PRO B 490 5.86 -25.96 -38.67
CA PRO B 490 5.98 -24.66 -39.34
C PRO B 490 6.68 -23.61 -38.46
N VAL B 491 6.62 -23.81 -37.16
CA VAL B 491 7.32 -22.96 -36.20
C VAL B 491 7.93 -23.83 -35.12
N SER B 492 8.74 -23.23 -34.26
CA SER B 492 9.50 -23.97 -33.25
C SER B 492 8.63 -24.59 -32.15
N SER B 493 9.16 -25.63 -31.51
CA SER B 493 8.46 -26.29 -30.41
C SER B 493 8.12 -25.31 -29.29
N GLU B 494 9.03 -24.37 -29.02
CA GLU B 494 8.78 -23.40 -27.97
C GLU B 494 7.48 -22.64 -28.27
N ILE B 495 7.29 -22.27 -29.53
CA ILE B 495 6.09 -21.58 -29.95
C ILE B 495 4.86 -22.50 -29.85
N LEU B 496 5.00 -23.72 -30.34
CA LEU B 496 3.89 -24.66 -30.34
C LEU B 496 3.46 -25.08 -28.94
N THR B 497 4.39 -25.11 -28.00
CA THR B 497 4.06 -25.59 -26.66
C THR B 497 3.07 -24.67 -25.92
N ARG B 498 3.05 -23.35 -26.18
CA ARG B 498 2.02 -22.52 -25.54
C ARG B 498 0.61 -22.96 -25.96
N ILE B 499 0.46 -23.37 -27.21
CA ILE B 499 -0.84 -23.80 -27.73
C ILE B 499 -1.24 -25.13 -27.15
N LEU B 500 -0.27 -26.06 -27.08
CA LEU B 500 -0.49 -27.34 -26.42
C LEU B 500 -0.95 -27.15 -24.98
N ASN B 501 -0.26 -26.29 -24.25
CA ASN B 501 -0.57 -26.07 -22.84
C ASN B 501 -1.95 -25.37 -22.69
N LEU B 502 -2.33 -24.51 -23.63
CA LEU B 502 -3.70 -23.94 -23.57
C LEU B 502 -4.74 -25.04 -23.78
N ALA B 503 -4.42 -26.00 -24.65
CA ALA B 503 -5.29 -27.15 -24.87
C ALA B 503 -5.36 -27.98 -23.59
N ARG B 504 -4.20 -28.23 -22.96
CA ARG B 504 -4.13 -28.97 -21.70
C ARG B 504 -4.99 -28.32 -20.58
N ILE B 505 -4.89 -27.01 -20.42
CA ILE B 505 -5.61 -26.35 -19.33
C ILE B 505 -7.11 -26.51 -19.49
N ILE B 506 -7.58 -26.24 -20.71
CA ILE B 506 -9.01 -26.20 -20.92
C ILE B 506 -9.57 -27.61 -20.75
N ASP B 507 -8.78 -28.62 -21.08
CA ASP B 507 -9.26 -29.98 -20.96
C ASP B 507 -9.47 -30.39 -19.49
N VAL B 508 -8.52 -30.07 -18.61
CA VAL B 508 -8.67 -30.44 -17.20
C VAL B 508 -9.73 -29.55 -16.51
N THR B 509 -9.77 -28.27 -16.86
CA THR B 509 -10.75 -27.34 -16.26
C THR B 509 -12.17 -27.86 -16.42
N TYR B 510 -12.46 -28.36 -17.61
CA TYR B 510 -13.80 -28.87 -17.93
C TYR B 510 -13.84 -30.38 -18.00
N LYS B 511 -13.13 -31.04 -17.09
CA LYS B 511 -13.13 -32.49 -17.08
C LYS B 511 -14.35 -33.00 -16.34
N HIS B 519 -20.28 -26.02 -12.67
CA HIS B 519 -19.68 -25.06 -11.74
C HIS B 519 -18.25 -25.44 -11.40
N PRO B 520 -17.31 -25.08 -12.29
CA PRO B 520 -15.87 -25.35 -12.17
C PRO B 520 -15.22 -24.49 -11.09
N GLU B 521 -14.32 -23.61 -11.49
CA GLU B 521 -13.67 -22.66 -10.58
C GLU B 521 -13.02 -23.28 -9.35
N LYS B 522 -13.82 -23.99 -8.55
CA LYS B 522 -13.22 -24.73 -7.45
C LYS B 522 -12.78 -26.11 -7.92
N VAL B 523 -12.87 -26.34 -9.22
CA VAL B 523 -12.12 -27.42 -9.85
C VAL B 523 -10.69 -26.93 -9.91
N LEU B 524 -10.55 -25.61 -10.00
CA LEU B 524 -9.25 -24.94 -10.09
C LEU B 524 -8.73 -24.48 -8.74
N LYS B 525 -9.59 -24.45 -7.72
CA LYS B 525 -9.18 -24.00 -6.40
C LYS B 525 -8.00 -24.79 -5.76
N PRO B 526 -8.05 -26.14 -5.78
CA PRO B 526 -6.90 -26.83 -5.18
C PRO B 526 -5.62 -26.68 -6.01
N HIS B 527 -5.74 -26.43 -7.31
CA HIS B 527 -4.56 -26.11 -8.11
C HIS B 527 -4.04 -24.71 -7.78
N ILE B 528 -4.97 -23.79 -7.58
CA ILE B 528 -4.59 -22.44 -7.16
C ILE B 528 -3.81 -22.55 -5.87
N ILE B 529 -4.38 -23.26 -4.91
CA ILE B 529 -3.75 -23.46 -3.62
C ILE B 529 -2.40 -24.18 -3.76
N ALA B 530 -2.33 -25.25 -4.56
CA ALA B 530 -1.10 -26.01 -4.72
C ALA B 530 -0.01 -25.21 -5.41
N LEU B 531 -0.39 -24.32 -6.31
CA LEU B 531 0.60 -23.63 -7.13
C LEU B 531 1.07 -22.31 -6.51
N VAL B 532 0.18 -21.56 -5.87
CA VAL B 532 0.56 -20.24 -5.33
C VAL B 532 0.28 -20.04 -3.85
N VAL B 533 -0.26 -21.03 -3.16
CA VAL B 533 -0.47 -20.83 -1.74
C VAL B 533 0.49 -21.67 -0.91
N ASP B 534 0.39 -22.99 -1.04
CA ASP B 534 1.13 -23.92 -0.21
C ASP B 534 2.51 -24.26 -0.78
N SER B 535 3.54 -24.09 0.05
CA SER B 535 4.89 -24.50 -0.34
C SER B 535 5.08 -25.96 0.04
N ILE B 536 6.06 -26.60 -0.61
CA ILE B 536 6.40 -27.97 -0.29
C ILE B 536 7.33 -28.01 0.93
N ASP B 537 6.98 -28.83 1.91
CA ASP B 537 7.80 -28.98 3.10
C ASP B 537 9.10 -29.68 2.71
N ILE B 538 10.22 -29.09 3.14
CA ILE B 538 11.54 -29.64 2.84
C ILE B 538 11.96 -30.72 3.83
N GLN C 22 42.60 42.24 -6.39
CA GLN C 22 42.99 42.62 -7.75
C GLN C 22 42.74 41.50 -8.76
N VAL C 23 42.58 40.28 -8.28
CA VAL C 23 42.17 39.18 -9.14
C VAL C 23 40.80 39.53 -9.71
N ALA C 24 40.00 40.18 -8.88
CA ALA C 24 38.69 40.65 -9.31
C ALA C 24 38.82 41.74 -10.36
N GLU C 25 39.81 42.62 -10.21
CA GLU C 25 40.00 43.70 -11.18
C GLU C 25 40.42 43.20 -12.57
N LYS C 26 41.37 42.29 -12.61
CA LYS C 26 41.80 41.66 -13.85
C LYS C 26 40.56 41.05 -14.55
N TYR C 27 39.76 40.28 -13.80
CA TYR C 27 38.49 39.74 -14.31
C TYR C 27 37.58 40.82 -14.93
N ALA C 28 37.39 41.92 -14.21
CA ALA C 28 36.48 42.97 -14.67
C ALA C 28 36.99 43.66 -15.93
N GLN C 29 38.30 43.83 -16.00
CA GLN C 29 38.91 44.55 -17.12
C GLN C 29 38.69 43.75 -18.39
N GLU C 30 38.98 42.46 -18.34
CA GLU C 30 38.79 41.60 -19.49
C GLU C 30 37.31 41.42 -19.85
N ILE C 31 36.44 41.28 -18.84
CA ILE C 31 35.01 41.13 -19.09
C ILE C 31 34.44 42.37 -19.79
N GLU C 32 34.93 43.54 -19.42
CA GLU C 32 34.49 44.79 -20.05
C GLU C 32 34.58 44.69 -21.57
N THR C 33 35.72 44.24 -22.07
CA THR C 33 35.89 44.08 -23.51
C THR C 33 35.04 42.96 -24.08
N LEU C 34 34.91 41.88 -23.31
CA LEU C 34 34.13 40.75 -23.74
C LEU C 34 32.64 41.11 -23.83
N LYS C 35 32.17 41.98 -22.96
CA LYS C 35 30.79 42.44 -22.99
C LYS C 35 30.51 43.21 -24.27
N GLU C 36 31.44 44.07 -24.65
CA GLU C 36 31.27 44.91 -25.82
C GLU C 36 31.28 44.08 -27.09
N GLN C 37 32.17 43.10 -27.13
CA GLN C 37 32.25 42.18 -28.28
C GLN C 37 30.96 41.36 -28.45
N THR C 38 30.40 40.94 -27.33
CA THR C 38 29.20 40.12 -27.34
C THR C 38 27.98 40.98 -27.70
N SER C 39 27.96 42.21 -27.21
CA SER C 39 26.91 43.11 -27.61
C SER C 39 26.88 43.26 -29.14
N THR C 40 28.07 43.39 -29.73
CA THR C 40 28.25 43.56 -31.17
C THR C 40 27.80 42.32 -31.93
N MET C 41 28.10 41.17 -31.34
CA MET C 41 27.71 39.86 -31.85
C MET C 41 26.18 39.75 -31.96
N LEU C 42 25.50 40.33 -30.97
CA LEU C 42 24.04 40.28 -30.93
C LEU C 42 23.44 41.23 -31.96
N SER C 43 24.08 42.38 -32.13
CA SER C 43 23.67 43.34 -33.14
C SER C 43 23.84 42.72 -34.54
N ALA C 44 24.95 42.02 -34.73
CA ALA C 44 25.28 41.44 -36.03
C ALA C 44 24.31 40.31 -36.35
N ALA C 45 23.97 39.55 -35.32
CA ALA C 45 22.88 38.57 -35.41
C ALA C 45 21.56 39.13 -35.98
N CYS C 46 21.57 40.35 -36.51
CA CYS C 46 20.37 40.90 -37.13
C CYS C 46 20.47 40.63 -38.63
N GLY C 47 21.68 40.36 -39.10
CA GLY C 47 21.90 39.99 -40.49
C GLY C 47 22.31 38.53 -40.58
N THR C 48 21.61 37.68 -39.85
CA THR C 48 21.75 36.23 -39.95
C THR C 48 20.40 35.53 -40.12
N THR C 49 20.38 34.22 -39.86
CA THR C 49 19.17 33.44 -40.00
C THR C 49 18.53 33.24 -38.62
N LEU C 50 17.22 33.03 -38.63
CA LEU C 50 16.46 32.83 -37.40
C LEU C 50 17.04 31.72 -36.52
N THR C 51 17.48 30.63 -37.14
CA THR C 51 17.96 29.47 -36.39
C THR C 51 19.18 29.81 -35.57
N GLU C 52 20.09 30.55 -36.18
CA GLU C 52 21.36 30.93 -35.55
C GLU C 52 21.25 32.15 -34.62
N LYS C 53 20.23 32.99 -34.84
CA LYS C 53 19.90 34.06 -33.89
C LYS C 53 19.44 33.46 -32.57
N LEU C 54 18.53 32.49 -32.70
CA LEU C 54 17.98 31.75 -31.57
C LEU C 54 19.07 31.00 -30.84
N ASN C 55 19.98 30.42 -31.60
CA ASN C 55 21.08 29.65 -31.05
C ASN C 55 22.04 30.51 -30.23
N LEU C 56 22.35 31.70 -30.73
CA LEU C 56 23.23 32.62 -30.00
C LEU C 56 22.58 33.12 -28.69
N ILE C 57 21.32 33.54 -28.77
CA ILE C 57 20.59 33.97 -27.57
C ILE C 57 20.51 32.84 -26.54
N ASP C 58 20.14 31.65 -26.98
CA ASP C 58 20.01 30.51 -26.08
C ASP C 58 21.32 30.23 -25.35
N ILE C 59 22.42 30.22 -26.09
CA ILE C 59 23.73 29.98 -25.50
C ILE C 59 24.17 31.06 -24.50
N ILE C 60 24.04 32.33 -24.89
CA ILE C 60 24.43 33.43 -24.01
C ILE C 60 23.58 33.35 -22.73
N GLU C 61 22.30 33.01 -22.87
CA GLU C 61 21.46 32.84 -21.69
C GLU C 61 21.90 31.69 -20.80
N ARG C 62 22.21 30.54 -21.39
CA ARG C 62 22.55 29.35 -20.61
C ARG C 62 23.98 29.41 -20.08
N LEU C 63 24.82 30.22 -20.72
CA LEU C 63 26.18 30.46 -20.21
C LEU C 63 26.16 31.44 -19.05
N GLY C 64 24.98 32.01 -18.79
CA GLY C 64 24.78 32.94 -17.68
C GLY C 64 25.24 34.39 -17.87
N ILE C 65 25.43 34.81 -19.11
CA ILE C 65 25.95 36.15 -19.37
C ILE C 65 24.95 37.08 -20.05
N ALA C 66 23.70 36.61 -20.20
CA ALA C 66 22.65 37.40 -20.83
C ALA C 66 22.25 38.61 -20.02
N TYR C 67 22.46 38.59 -18.71
CA TYR C 67 22.00 39.68 -17.87
C TYR C 67 22.77 40.98 -18.20
N HIS C 68 23.91 40.87 -18.89
CA HIS C 68 24.60 42.08 -19.35
C HIS C 68 23.85 42.70 -20.53
N PHE C 69 23.03 41.91 -21.22
CA PHE C 69 22.42 42.40 -22.46
C PHE C 69 20.89 42.25 -22.45
N GLU C 70 20.30 42.54 -21.30
CA GLU C 70 18.91 42.21 -21.02
C GLU C 70 17.95 42.83 -22.03
N LYS C 71 17.97 44.15 -22.17
CA LYS C 71 17.04 44.82 -23.08
C LYS C 71 17.33 44.48 -24.54
N GLN C 72 18.61 44.35 -24.89
CA GLN C 72 19.00 44.06 -26.27
C GLN C 72 18.44 42.69 -26.68
N ILE C 73 18.57 41.70 -25.80
CA ILE C 73 18.04 40.38 -26.07
C ILE C 73 16.49 40.44 -26.05
N GLU C 74 15.91 41.19 -25.12
CA GLU C 74 14.44 41.26 -25.00
C GLU C 74 13.83 41.90 -26.27
N ASP C 75 14.51 42.88 -26.85
CA ASP C 75 14.07 43.45 -28.13
C ASP C 75 14.12 42.46 -29.28
N MET C 76 15.25 41.76 -29.42
CA MET C 76 15.40 40.77 -30.48
C MET C 76 14.31 39.72 -30.41
N LEU C 77 13.99 39.25 -29.21
CA LEU C 77 12.98 38.23 -29.03
C LEU C 77 11.61 38.80 -29.40
N ASP C 78 11.33 40.03 -28.97
CA ASP C 78 10.08 40.73 -29.28
C ASP C 78 9.92 40.77 -30.79
N HIS C 79 10.98 41.19 -31.47
CA HIS C 79 10.96 41.29 -32.93
C HIS C 79 10.67 39.95 -33.62
N ILE C 80 11.26 38.87 -33.10
CA ILE C 80 11.06 37.53 -33.61
C ILE C 80 9.60 37.09 -33.40
N TYR C 81 9.05 37.42 -32.24
CA TYR C 81 7.67 37.09 -31.93
C TYR C 81 6.73 37.79 -32.92
N ARG C 82 7.01 39.04 -33.25
CA ARG C 82 6.11 39.83 -34.11
C ARG C 82 6.30 39.56 -35.61
N ALA C 83 7.49 39.12 -36.00
CA ALA C 83 7.84 39.03 -37.42
C ALA C 83 7.08 38.01 -38.24
N ASP C 84 6.98 36.78 -37.72
CA ASP C 84 6.40 35.73 -38.55
C ASP C 84 5.44 34.92 -37.70
N PRO C 85 4.32 35.55 -37.30
CA PRO C 85 3.41 34.95 -36.33
C PRO C 85 2.82 33.63 -36.80
N TYR C 86 2.57 33.46 -38.09
CA TYR C 86 2.04 32.20 -38.62
C TYR C 86 3.12 31.33 -39.20
N PHE C 87 4.17 31.16 -38.41
CA PHE C 87 5.44 30.48 -38.73
C PHE C 87 5.55 29.79 -40.08
N GLU C 88 5.42 30.56 -41.16
CA GLU C 88 5.47 29.99 -42.49
C GLU C 88 6.34 30.82 -43.42
N ALA C 89 7.47 30.29 -43.84
CA ALA C 89 8.11 29.11 -43.27
C ALA C 89 9.56 29.65 -43.12
N HIS C 90 10.63 29.18 -43.79
CA HIS C 90 11.01 27.80 -44.10
C HIS C 90 11.83 27.24 -42.96
N GLU C 91 12.43 28.14 -42.19
CA GLU C 91 13.22 27.77 -41.03
C GLU C 91 12.38 26.98 -40.04
N TYR C 92 11.08 27.26 -40.00
CA TYR C 92 10.23 26.63 -39.00
C TYR C 92 9.88 25.18 -39.32
N ASN C 93 10.31 24.69 -40.48
CA ASN C 93 10.19 23.27 -40.80
C ASN C 93 11.15 22.43 -39.96
N ASP C 94 12.11 23.10 -39.34
CA ASP C 94 13.11 22.41 -38.52
C ASP C 94 12.67 22.39 -37.06
N LEU C 95 12.43 21.20 -36.52
CA LEU C 95 11.89 21.01 -35.17
C LEU C 95 12.69 21.74 -34.10
N ASN C 96 14.00 21.71 -34.23
CA ASN C 96 14.86 22.35 -33.24
C ASN C 96 14.68 23.86 -33.18
N THR C 97 14.61 24.47 -34.36
CA THR C 97 14.44 25.91 -34.45
C THR C 97 13.10 26.32 -33.86
N SER C 98 12.06 25.53 -34.15
CA SER C 98 10.74 25.80 -33.62
C SER C 98 10.71 25.58 -32.11
N SER C 99 11.29 24.47 -31.65
CA SER C 99 11.31 24.17 -30.23
C SER C 99 12.04 25.26 -29.40
N VAL C 100 13.18 25.72 -29.87
CA VAL C 100 13.96 26.72 -29.15
C VAL C 100 13.21 28.06 -29.15
N GLN C 101 12.68 28.46 -30.31
CA GLN C 101 11.88 29.68 -30.36
C GLN C 101 10.71 29.63 -29.41
N PHE C 102 10.00 28.51 -29.39
CA PHE C 102 8.83 28.40 -28.51
C PHE C 102 9.23 28.62 -27.06
N ARG C 103 10.24 27.88 -26.59
CA ARG C 103 10.72 28.03 -25.21
C ARG C 103 11.21 29.44 -24.88
N LEU C 104 12.09 29.99 -25.70
CA LEU C 104 12.61 31.34 -25.42
C LEU C 104 11.50 32.40 -25.33
N LEU C 105 10.59 32.41 -26.30
CA LEU C 105 9.52 33.41 -26.35
C LEU C 105 8.58 33.27 -25.17
N ARG C 106 8.21 32.04 -24.83
CA ARG C 106 7.29 31.83 -23.72
C ARG C 106 7.91 32.21 -22.39
N GLN C 107 9.19 31.90 -22.20
CA GLN C 107 9.89 32.29 -20.99
C GLN C 107 10.00 33.82 -20.89
N HIS C 108 10.07 34.48 -22.03
CA HIS C 108 10.14 35.95 -22.00
C HIS C 108 8.73 36.57 -22.07
N GLY C 109 7.71 35.75 -21.82
CA GLY C 109 6.37 36.29 -21.67
C GLY C 109 5.58 36.50 -22.94
N TYR C 110 6.06 35.98 -24.06
CA TYR C 110 5.31 36.12 -25.31
C TYR C 110 4.42 34.89 -25.55
N ASN C 111 3.11 35.12 -25.63
CA ASN C 111 2.12 34.06 -25.75
C ASN C 111 2.07 33.48 -27.15
N VAL C 112 3.13 32.77 -27.51
CA VAL C 112 3.22 32.10 -28.80
C VAL C 112 2.44 30.79 -28.72
N SER C 113 1.60 30.55 -29.73
CA SER C 113 0.76 29.34 -29.78
C SER C 113 1.59 28.09 -30.03
N PRO C 114 1.22 26.99 -29.35
CA PRO C 114 1.87 25.70 -29.62
C PRO C 114 1.53 25.16 -31.02
N ASN C 115 0.59 25.80 -31.72
CA ASN C 115 0.34 25.52 -33.14
C ASN C 115 1.60 25.58 -34.00
N ILE C 116 2.66 26.19 -33.48
CA ILE C 116 3.93 26.22 -34.19
C ILE C 116 4.44 24.80 -34.38
N PHE C 117 3.90 23.86 -33.59
CA PHE C 117 4.36 22.48 -33.67
C PHE C 117 3.49 21.60 -34.54
N SER C 118 2.35 22.14 -34.99
CA SER C 118 1.38 21.38 -35.81
C SER C 118 2.03 20.67 -36.99
N ARG C 119 3.03 21.33 -37.56
CA ARG C 119 3.73 20.87 -38.74
C ARG C 119 4.39 19.52 -38.54
N PHE C 120 4.75 19.25 -37.30
CA PHE C 120 5.47 18.02 -36.96
C PHE C 120 4.52 16.89 -36.53
N GLN C 121 3.23 17.16 -36.66
CA GLN C 121 2.21 16.17 -36.32
C GLN C 121 1.43 15.70 -37.54
N ASP C 122 0.96 14.47 -37.48
CA ASP C 122 0.07 13.97 -38.52
C ASP C 122 -1.38 14.12 -38.09
N ALA C 123 -2.27 13.46 -38.83
CA ALA C 123 -3.72 13.58 -38.66
C ALA C 123 -4.19 13.46 -37.21
N ASN C 124 -3.86 12.34 -36.57
CA ASN C 124 -4.40 12.05 -35.24
C ASN C 124 -3.56 12.67 -34.12
N GLY C 125 -2.85 13.74 -34.43
CA GLY C 125 -2.13 14.52 -33.45
C GLY C 125 -0.86 13.91 -32.89
N LYS C 126 -0.42 12.80 -33.46
CA LYS C 126 0.80 12.15 -33.00
C LYS C 126 2.00 12.75 -33.75
N PHE C 127 3.09 12.97 -33.02
CA PHE C 127 4.30 13.48 -33.65
C PHE C 127 4.89 12.46 -34.61
N LYS C 128 5.42 12.95 -35.73
CA LYS C 128 5.95 12.09 -36.80
C LYS C 128 7.14 11.27 -36.31
N GLU C 129 7.09 9.96 -36.58
CA GLU C 129 8.11 9.04 -36.09
C GLU C 129 9.47 9.30 -36.73
N SER C 130 9.46 9.90 -37.92
CA SER C 130 10.69 10.28 -38.63
C SER C 130 11.60 11.20 -37.82
N LEU C 131 11.02 11.89 -36.84
CA LEU C 131 11.74 12.85 -36.03
C LEU C 131 12.68 12.20 -35.02
N ARG C 132 12.56 10.89 -34.85
CA ARG C 132 13.25 10.19 -33.76
C ARG C 132 14.76 10.17 -33.94
N SER C 133 15.24 10.66 -35.09
CA SER C 133 16.68 10.65 -35.36
C SER C 133 17.32 12.00 -35.05
N ASP C 134 16.50 13.03 -34.94
CA ASP C 134 17.00 14.37 -34.65
C ASP C 134 17.01 14.54 -33.13
N ILE C 135 18.04 13.95 -32.51
CA ILE C 135 18.12 13.91 -31.06
C ILE C 135 18.15 15.31 -30.46
N ARG C 136 18.91 16.19 -31.11
CA ARG C 136 19.04 17.58 -30.65
C ARG C 136 17.69 18.28 -30.67
N GLY C 137 16.94 18.04 -31.74
CA GLY C 137 15.60 18.59 -31.90
C GLY C 137 14.62 18.06 -30.87
N LEU C 138 14.69 16.76 -30.63
CA LEU C 138 13.87 16.11 -29.61
C LEU C 138 14.17 16.69 -28.23
N LEU C 139 15.44 16.97 -27.97
CA LEU C 139 15.86 17.49 -26.68
C LEU C 139 15.24 18.87 -26.46
N ASN C 140 15.31 19.74 -27.46
CA ASN C 140 14.72 21.06 -27.33
C ASN C 140 13.19 21.02 -27.37
N LEU C 141 12.60 20.01 -28.02
CA LEU C 141 11.13 19.85 -27.97
C LEU C 141 10.72 19.49 -26.55
N TYR C 142 11.45 18.57 -25.94
CA TYR C 142 11.25 18.23 -24.53
C TYR C 142 11.35 19.47 -23.66
N GLU C 143 12.39 20.25 -23.84
CA GLU C 143 12.57 21.48 -23.04
C GLU C 143 11.42 22.46 -23.24
N ALA C 144 10.99 22.59 -24.49
CA ALA C 144 9.88 23.50 -24.83
C ALA C 144 8.57 23.01 -24.20
N SER C 145 8.41 21.70 -24.08
CA SER C 145 7.16 21.15 -23.57
C SER C 145 6.97 21.52 -22.10
N HIS C 146 8.05 21.82 -21.39
CA HIS C 146 7.90 22.11 -19.96
C HIS C 146 7.53 23.54 -19.62
N VAL C 147 7.37 24.39 -20.62
CA VAL C 147 6.84 25.73 -20.35
C VAL C 147 5.32 25.77 -20.63
N ARG C 148 4.73 24.60 -20.86
CA ARG C 148 3.32 24.52 -21.24
C ARG C 148 2.40 24.99 -20.13
N THR C 149 1.24 25.50 -20.49
CA THR C 149 0.28 25.90 -19.49
C THR C 149 -0.93 24.99 -19.64
N HIS C 150 -2.14 25.45 -19.27
CA HIS C 150 -3.31 24.57 -19.29
C HIS C 150 -3.81 24.27 -20.69
N LYS C 151 -4.30 23.05 -20.90
CA LYS C 151 -5.04 22.70 -22.12
C LYS C 151 -4.26 22.93 -23.40
N GLU C 152 -2.98 22.60 -23.37
CA GLU C 152 -2.16 22.63 -24.56
C GLU C 152 -1.78 21.20 -24.93
N ASP C 153 -2.71 20.46 -25.55
CA ASP C 153 -2.51 19.04 -25.84
C ASP C 153 -1.30 18.76 -26.71
N ILE C 154 -1.04 19.62 -27.67
CA ILE C 154 0.14 19.47 -28.53
C ILE C 154 1.40 19.30 -27.67
N LEU C 155 1.49 20.09 -26.60
CA LEU C 155 2.65 20.08 -25.72
C LEU C 155 2.64 18.89 -24.75
N GLU C 156 1.47 18.50 -24.30
CA GLU C 156 1.32 17.28 -23.51
C GLU C 156 1.82 16.08 -24.30
N GLU C 157 1.46 16.04 -25.58
CA GLU C 157 1.91 14.98 -26.48
C GLU C 157 3.41 15.11 -26.74
N ALA C 158 3.89 16.34 -26.92
CA ALA C 158 5.31 16.57 -27.17
C ALA C 158 6.15 16.04 -26.03
N LEU C 159 5.65 16.20 -24.81
CA LEU C 159 6.38 15.73 -23.63
C LEU C 159 6.53 14.21 -23.67
N VAL C 160 5.41 13.48 -23.77
CA VAL C 160 5.46 12.02 -23.79
C VAL C 160 6.24 11.49 -25.01
N PHE C 161 6.08 12.14 -26.16
CA PHE C 161 6.80 11.76 -27.38
C PHE C 161 8.33 11.89 -27.24
N SER C 162 8.78 13.07 -26.79
CA SER C 162 10.22 13.34 -26.74
C SER C 162 10.90 12.50 -25.68
N VAL C 163 10.26 12.35 -24.53
CA VAL C 163 10.79 11.53 -23.45
C VAL C 163 11.02 10.09 -23.94
N GLY C 164 10.04 9.52 -24.65
CA GLY C 164 10.17 8.15 -25.14
C GLY C 164 11.37 7.95 -26.05
N HIS C 165 11.50 8.81 -27.06
CA HIS C 165 12.59 8.68 -28.01
C HIS C 165 13.94 9.09 -27.41
N LEU C 166 13.95 10.06 -26.49
CA LEU C 166 15.22 10.45 -25.87
C LEU C 166 15.76 9.30 -25.00
N GLU C 167 14.87 8.66 -24.26
CA GLU C 167 15.25 7.49 -23.45
C GLU C 167 15.78 6.32 -24.32
N SER C 168 15.13 6.09 -25.45
CA SER C 168 15.49 4.99 -26.34
C SER C 168 16.83 5.25 -27.03
N ALA C 169 17.19 6.52 -27.17
CA ALA C 169 18.39 6.88 -27.91
C ALA C 169 19.62 7.03 -27.02
N ALA C 170 19.39 7.38 -25.76
CA ALA C 170 20.47 7.71 -24.82
C ALA C 170 21.68 6.74 -24.81
N PRO C 171 21.45 5.41 -24.82
CA PRO C 171 22.60 4.51 -24.77
C PRO C 171 23.65 4.67 -25.87
N HIS C 172 23.27 5.15 -27.05
CA HIS C 172 24.23 5.23 -28.15
C HIS C 172 24.65 6.66 -28.48
N LEU C 173 24.21 7.60 -27.65
CA LEU C 173 24.62 8.99 -27.80
C LEU C 173 26.02 9.22 -27.26
N LYS C 174 26.77 10.08 -27.91
CA LYS C 174 28.09 10.40 -27.40
C LYS C 174 28.00 11.66 -26.53
N SER C 175 29.10 11.94 -25.83
CA SER C 175 29.18 13.07 -24.93
C SER C 175 29.63 14.31 -25.69
N PRO C 176 29.22 15.52 -25.23
CA PRO C 176 28.39 15.84 -24.06
C PRO C 176 26.89 15.73 -24.33
N LEU C 177 26.46 15.41 -25.55
CA LEU C 177 25.03 15.31 -25.81
C LEU C 177 24.35 14.28 -24.91
N SER C 178 25.00 13.15 -24.66
CA SER C 178 24.45 12.15 -23.75
C SER C 178 24.20 12.73 -22.36
N LYS C 179 25.17 13.45 -21.82
CA LYS C 179 25.03 14.12 -20.53
C LYS C 179 23.85 15.09 -20.52
N GLN C 180 23.74 15.92 -21.56
CA GLN C 180 22.63 16.90 -21.63
C GLN C 180 21.25 16.25 -21.58
N VAL C 181 21.10 15.19 -22.37
CA VAL C 181 19.84 14.48 -22.48
C VAL C 181 19.47 13.87 -21.13
N THR C 182 20.41 13.15 -20.51
CA THR C 182 20.17 12.60 -19.17
C THR C 182 19.80 13.70 -18.17
N HIS C 183 20.57 14.78 -18.17
CA HIS C 183 20.36 15.92 -17.28
C HIS C 183 18.95 16.53 -17.47
N ALA C 184 18.63 16.82 -18.71
CA ALA C 184 17.32 17.36 -19.04
C ALA C 184 16.20 16.45 -18.54
N LEU C 185 16.33 15.14 -18.75
CA LEU C 185 15.28 14.20 -18.33
C LEU C 185 15.06 14.18 -16.83
N GLU C 186 16.13 14.35 -16.05
CA GLU C 186 15.99 14.37 -14.59
C GLU C 186 15.28 15.62 -14.10
N GLN C 187 15.59 16.77 -14.69
CA GLN C 187 14.93 18.04 -14.33
C GLN C 187 15.06 19.04 -15.48
N SER C 188 13.95 19.49 -16.05
CA SER C 188 14.02 20.39 -17.21
C SER C 188 14.66 21.74 -16.87
N LEU C 189 15.18 22.40 -17.89
CA LEU C 189 15.81 23.71 -17.79
C LEU C 189 14.87 24.74 -17.19
N HIS C 190 13.64 24.77 -17.70
CA HIS C 190 12.67 25.77 -17.29
C HIS C 190 12.33 25.64 -15.82
N LYS C 191 12.45 24.43 -15.28
CA LYS C 191 12.09 24.17 -13.88
C LYS C 191 13.31 23.98 -12.97
N SER C 192 14.46 24.47 -13.40
CA SER C 192 15.67 24.33 -12.58
C SER C 192 16.20 25.68 -12.06
N ILE C 193 17.07 25.62 -11.06
CA ILE C 193 17.67 26.84 -10.51
C ILE C 193 18.66 27.42 -11.53
N PRO C 194 18.39 28.64 -12.02
CA PRO C 194 19.16 29.24 -13.13
C PRO C 194 20.68 29.14 -12.96
N ARG C 195 21.19 29.59 -11.80
CA ARG C 195 22.64 29.64 -11.60
C ARG C 195 23.22 28.24 -11.57
N VAL C 196 22.47 27.29 -11.01
CA VAL C 196 22.91 25.90 -11.00
C VAL C 196 23.02 25.37 -12.44
N GLU C 197 22.03 25.66 -13.27
CA GLU C 197 22.09 25.25 -14.67
C GLU C 197 23.22 25.93 -15.46
N ILE C 198 23.48 27.19 -15.14
CA ILE C 198 24.57 27.96 -15.77
C ILE C 198 25.92 27.29 -15.53
N ARG C 199 26.21 26.96 -14.29
CA ARG C 199 27.44 26.26 -13.94
C ARG C 199 27.54 24.93 -14.71
N TYR C 200 26.42 24.22 -14.83
CA TYR C 200 26.39 22.94 -15.52
C TYR C 200 26.64 23.10 -17.02
N PHE C 201 25.92 24.02 -17.64
CA PHE C 201 26.04 24.23 -19.07
C PHE C 201 27.44 24.71 -19.49
N ILE C 202 28.10 25.46 -18.61
CA ILE C 202 29.46 25.92 -18.90
C ILE C 202 30.37 24.67 -19.08
N SER C 203 30.19 23.66 -18.22
CA SER C 203 30.93 22.39 -18.35
C SER C 203 30.53 21.64 -19.62
N ILE C 204 29.24 21.68 -19.95
CA ILE C 204 28.78 21.09 -21.21
C ILE C 204 29.42 21.82 -22.38
N TYR C 205 29.36 23.15 -22.37
CA TYR C 205 29.86 23.94 -23.48
C TYR C 205 31.38 23.79 -23.62
N GLU C 206 32.07 23.72 -22.49
CA GLU C 206 33.52 23.49 -22.45
C GLU C 206 33.89 22.19 -23.15
N GLU C 207 33.05 21.17 -22.99
CA GLU C 207 33.32 19.85 -23.52
C GLU C 207 33.03 19.73 -25.01
N GLU C 208 32.19 20.63 -25.53
CA GLU C 208 31.84 20.61 -26.96
C GLU C 208 33.09 20.71 -27.82
N GLU C 209 32.99 20.22 -29.05
CA GLU C 209 34.13 20.28 -29.94
C GLU C 209 34.04 21.57 -30.77
N PHE C 210 32.81 22.01 -31.00
CA PHE C 210 32.50 23.14 -31.89
C PHE C 210 31.98 24.39 -31.16
N LYS C 211 32.72 24.88 -30.16
CA LYS C 211 32.27 26.00 -29.30
C LYS C 211 32.71 27.41 -29.71
N ASN C 212 32.05 28.43 -29.17
CA ASN C 212 32.56 29.78 -29.29
C ASN C 212 33.46 30.03 -28.08
N ASP C 213 34.76 30.13 -28.32
CA ASP C 213 35.72 30.21 -27.23
C ASP C 213 35.63 31.55 -26.49
N LEU C 214 35.26 32.61 -27.21
CA LEU C 214 35.08 33.95 -26.61
C LEU C 214 33.92 33.96 -25.62
N LEU C 215 32.78 33.41 -26.02
CA LEU C 215 31.64 33.29 -25.11
C LEU C 215 31.95 32.37 -23.94
N LEU C 216 32.65 31.28 -24.21
CA LEU C 216 32.97 30.36 -23.12
C LEU C 216 33.86 31.03 -22.08
N ARG C 217 34.88 31.75 -22.55
CA ARG C 217 35.80 32.41 -21.63
C ARG C 217 35.08 33.54 -20.88
N PHE C 218 34.24 34.29 -21.59
CA PHE C 218 33.38 35.31 -20.99
C PHE C 218 32.56 34.67 -19.86
N ALA C 219 31.94 33.53 -20.13
CA ALA C 219 31.12 32.86 -19.12
C ALA C 219 31.91 32.43 -17.87
N LYS C 220 33.09 31.86 -18.06
CA LYS C 220 33.86 31.42 -16.90
C LYS C 220 34.36 32.60 -16.07
N LEU C 221 34.88 33.64 -16.71
CA LEU C 221 35.35 34.80 -15.96
C LEU C 221 34.18 35.42 -15.19
N ASP C 222 33.03 35.52 -15.85
CA ASP C 222 31.89 36.13 -15.23
C ASP C 222 31.38 35.28 -14.06
N TYR C 223 31.32 33.96 -14.24
CA TYR C 223 30.93 33.08 -13.14
C TYR C 223 31.83 33.32 -11.92
N ASN C 224 33.16 33.28 -12.13
CA ASN C 224 34.11 33.46 -11.03
C ASN C 224 33.99 34.83 -10.34
N LEU C 225 33.82 35.89 -11.13
CA LEU C 225 33.74 37.23 -10.57
C LEU C 225 32.48 37.33 -9.70
N LEU C 226 31.37 36.85 -10.23
CA LEU C 226 30.12 36.85 -9.48
C LEU C 226 30.21 36.00 -8.24
N GLN C 227 30.88 34.86 -8.36
CA GLN C 227 31.02 33.96 -7.24
C GLN C 227 31.77 34.66 -6.11
N MET C 228 32.74 35.50 -6.47
CA MET C 228 33.44 36.33 -5.48
C MET C 228 32.48 37.26 -4.72
N LEU C 229 31.63 37.98 -5.45
CA LEU C 229 30.59 38.80 -4.83
C LEU C 229 29.70 37.94 -3.91
N HIS C 230 29.24 36.80 -4.41
CA HIS C 230 28.40 35.91 -3.61
C HIS C 230 29.08 35.46 -2.31
N LYS C 231 30.35 35.10 -2.38
CA LYS C 231 31.09 34.67 -1.18
C LYS C 231 31.19 35.83 -0.19
N HIS C 232 31.37 37.04 -0.70
CA HIS C 232 31.43 38.18 0.20
C HIS C 232 30.09 38.39 0.92
N GLU C 233 28.99 38.31 0.15
CA GLU C 233 27.65 38.43 0.72
C GLU C 233 27.47 37.35 1.79
N LEU C 234 27.94 36.15 1.50
CA LEU C 234 27.83 35.03 2.44
C LEU C 234 28.54 35.37 3.76
N SER C 235 29.68 36.01 3.66
CA SER C 235 30.44 36.41 4.85
C SER C 235 29.69 37.42 5.71
N GLU C 236 29.12 38.42 5.07
CA GLU C 236 28.37 39.46 5.77
C GLU C 236 27.16 38.86 6.51
N VAL C 237 26.37 38.06 5.78
CA VAL C 237 25.24 37.35 6.38
C VAL C 237 25.69 36.50 7.58
N SER C 238 26.74 35.71 7.39
CA SER C 238 27.24 34.86 8.44
C SER C 238 27.83 35.66 9.63
N ARG C 239 28.42 36.82 9.37
CA ARG C 239 28.92 37.62 10.48
C ARG C 239 27.77 38.20 11.29
N TRP C 240 26.74 38.66 10.58
CA TRP C 240 25.53 39.18 11.20
C TRP C 240 24.87 38.12 12.09
N TRP C 241 24.75 36.91 11.57
CA TRP C 241 24.18 35.78 12.30
C TRP C 241 24.99 35.49 13.56
N LYS C 242 26.31 35.50 13.44
CA LYS C 242 27.19 35.24 14.58
C LYS C 242 27.07 36.32 15.66
N ASP C 243 26.92 37.57 15.23
CA ASP C 243 26.80 38.67 16.18
C ASP C 243 25.56 38.55 17.03
N LEU C 244 24.49 38.03 16.43
CA LEU C 244 23.25 37.81 17.16
C LEU C 244 23.44 36.77 18.25
N ASP C 245 24.34 35.83 18.00
CA ASP C 245 24.80 34.91 19.06
C ASP C 245 23.66 34.07 19.64
N PHE C 246 22.77 33.60 18.78
CA PHE C 246 21.61 32.81 19.20
C PHE C 246 21.97 31.50 19.89
N VAL C 247 23.02 30.84 19.39
CA VAL C 247 23.43 29.52 19.88
C VAL C 247 24.00 29.57 21.29
N THR C 248 24.23 30.76 21.81
CA THR C 248 24.68 30.92 23.19
C THR C 248 23.48 30.85 24.15
N THR C 249 22.37 31.48 23.75
CA THR C 249 21.16 31.48 24.57
C THR C 249 20.18 30.38 24.15
N LEU C 250 20.17 30.06 22.86
CA LEU C 250 19.34 28.97 22.34
C LEU C 250 20.22 27.91 21.69
N PRO C 251 20.87 27.06 22.50
CA PRO C 251 21.89 26.14 21.98
C PRO C 251 21.31 25.06 21.05
N TYR C 252 20.01 24.79 21.20
CA TYR C 252 19.31 23.83 20.36
C TYR C 252 18.91 24.39 18.99
N ALA C 253 19.08 25.69 18.82
CA ALA C 253 18.73 26.32 17.57
C ALA C 253 19.67 25.88 16.46
N ARG C 254 19.13 25.73 15.26
CA ARG C 254 19.89 25.34 14.07
C ARG C 254 20.81 26.46 13.56
N ASP C 255 22.11 26.17 13.48
CA ASP C 255 23.12 27.11 12.99
C ASP C 255 23.30 26.96 11.47
N ARG C 256 22.45 27.61 10.68
CA ARG C 256 22.39 27.36 9.24
C ARG C 256 22.37 28.62 8.37
N ALA C 257 23.31 29.53 8.61
CA ALA C 257 23.37 30.79 7.86
C ALA C 257 23.68 30.54 6.39
N VAL C 258 24.55 29.58 6.11
CA VAL C 258 24.93 29.27 4.74
C VAL C 258 23.74 28.80 3.90
N GLU C 259 22.96 27.88 4.45
CA GLU C 259 21.76 27.38 3.78
C GLU C 259 20.75 28.50 3.52
N CYS C 260 20.55 29.37 4.51
CA CYS C 260 19.67 30.53 4.32
C CYS C 260 20.16 31.43 3.20
N TYR C 261 21.48 31.67 3.15
CA TYR C 261 22.00 32.51 2.08
C TYR C 261 21.85 31.83 0.74
N PHE C 262 22.05 30.50 0.71
CA PHE C 262 22.03 29.76 -0.55
C PHE C 262 20.73 29.97 -1.34
N TRP C 263 19.62 29.96 -0.63
CA TRP C 263 18.32 30.18 -1.26
CA TRP C 263 18.32 30.18 -1.25
C TRP C 263 18.33 31.44 -2.12
N THR C 264 18.91 32.52 -1.60
CA THR C 264 18.83 33.80 -2.28
C THR C 264 19.58 33.82 -3.62
N MET C 265 20.60 32.98 -3.76
CA MET C 265 21.31 32.92 -5.04
C MET C 265 20.43 32.32 -6.13
N GLY C 266 19.48 31.48 -5.71
CA GLY C 266 18.49 30.92 -6.62
C GLY C 266 17.46 31.96 -7.04
N VAL C 267 17.20 32.93 -6.18
CA VAL C 267 16.17 33.92 -6.46
C VAL C 267 16.73 34.95 -7.45
N TYR C 268 18.00 35.29 -7.27
CA TYR C 268 18.73 36.18 -8.19
C TYR C 268 20.25 36.10 -7.95
N ALA C 269 21.01 35.94 -9.03
CA ALA C 269 22.48 35.87 -8.93
C ALA C 269 23.17 37.16 -9.40
N GLU C 270 22.45 38.01 -10.13
CA GLU C 270 23.04 39.20 -10.76
C GLU C 270 23.52 40.17 -9.68
N PRO C 271 24.59 40.94 -9.97
CA PRO C 271 25.24 41.88 -9.02
C PRO C 271 24.30 42.93 -8.40
N GLN C 272 23.39 43.45 -9.22
CA GLN C 272 22.49 44.52 -8.75
C GLN C 272 21.51 44.10 -7.66
N TYR C 273 21.40 42.81 -7.41
CA TYR C 273 20.51 42.27 -6.36
C TYR C 273 21.29 41.84 -5.11
N SER C 274 22.48 42.37 -4.97
CA SER C 274 23.33 42.07 -3.83
C SER C 274 22.65 42.44 -2.52
N GLN C 275 22.19 43.68 -2.42
CA GLN C 275 21.52 44.11 -1.21
C GLN C 275 20.22 43.30 -1.02
N ALA C 276 19.55 43.03 -2.13
CA ALA C 276 18.31 42.26 -2.08
C ALA C 276 18.55 40.85 -1.53
N ARG C 277 19.66 40.24 -1.94
CA ARG C 277 20.00 38.91 -1.44
C ARG C 277 20.27 38.93 0.06
N VAL C 278 21.03 39.93 0.53
CA VAL C 278 21.40 39.98 1.94
C VAL C 278 20.19 40.17 2.85
N MET C 279 19.27 41.06 2.49
CA MET C 279 18.02 41.24 3.26
C MET C 279 17.17 39.97 3.29
N LEU C 280 17.02 39.32 2.15
CA LEU C 280 16.21 38.09 2.07
C LEU C 280 16.79 36.98 2.93
N ALA C 281 18.12 36.76 2.82
CA ALA C 281 18.82 35.74 3.62
C ALA C 281 18.55 35.90 5.12
N LYS C 282 18.59 37.15 5.58
CA LYS C 282 18.37 37.47 6.98
C LYS C 282 16.95 37.17 7.44
N THR C 283 15.98 37.39 6.56
CA THR C 283 14.63 37.01 6.89
C THR C 283 14.52 35.48 6.96
N ILE C 284 15.19 34.79 6.04
CA ILE C 284 15.13 33.34 6.00
C ILE C 284 15.77 32.78 7.28
N ALA C 285 16.86 33.41 7.73
CA ALA C 285 17.49 33.06 9.00
C ALA C 285 16.58 33.32 10.21
N MET C 286 15.89 34.46 10.20
CA MET C 286 14.98 34.78 11.30
C MET C 286 13.81 33.80 11.38
N ILE C 287 13.35 33.33 10.23
CA ILE C 287 12.35 32.26 10.20
C ILE C 287 12.82 31.00 10.90
N SER C 288 14.07 30.62 10.63
CA SER C 288 14.67 29.47 11.24
C SER C 288 14.62 29.61 12.77
N ILE C 289 14.92 30.82 13.25
CA ILE C 289 14.90 31.09 14.67
C ILE C 289 13.48 31.04 15.24
N VAL C 290 12.50 31.52 14.47
CA VAL C 290 11.09 31.41 14.87
C VAL C 290 10.58 29.96 14.91
N ASP C 291 10.97 29.14 13.93
CA ASP C 291 10.67 27.70 13.98
C ASP C 291 11.25 27.05 15.23
N ASP C 292 12.53 27.31 15.48
CA ASP C 292 13.20 26.76 16.65
C ASP C 292 12.58 27.26 17.95
N THR C 293 12.05 28.48 17.96
CA THR C 293 11.39 29.00 19.15
C THR C 293 10.04 28.31 19.32
N PHE C 294 9.34 28.11 18.21
CA PHE C 294 8.04 27.44 18.23
C PHE C 294 8.16 25.97 18.64
N ASP C 295 9.23 25.31 18.23
CA ASP C 295 9.39 23.88 18.48
C ASP C 295 10.15 23.58 19.79
N ALA C 296 10.59 24.61 20.50
CA ALA C 296 11.44 24.44 21.68
C ALA C 296 10.79 23.66 22.82
N TYR C 297 9.61 24.12 23.22
CA TYR C 297 8.94 23.51 24.37
C TYR C 297 7.56 23.02 23.95
N GLY C 298 6.89 23.79 23.12
CA GLY C 298 5.56 23.43 22.68
C GLY C 298 4.57 23.60 23.82
N ILE C 299 4.81 24.61 24.66
CA ILE C 299 3.86 24.97 25.70
C ILE C 299 2.87 25.98 25.12
N VAL C 300 1.61 25.57 25.03
CA VAL C 300 0.59 26.33 24.31
C VAL C 300 0.43 27.74 24.85
N LYS C 301 0.46 27.86 26.18
CA LYS C 301 0.35 29.16 26.82
C LYS C 301 1.50 30.07 26.43
N GLU C 302 2.68 29.50 26.25
CA GLU C 302 3.85 30.27 25.84
C GLU C 302 3.73 30.73 24.39
N LEU C 303 3.38 29.81 23.50
CA LEU C 303 3.23 30.15 22.08
C LEU C 303 2.15 31.19 21.87
N GLU C 304 1.10 31.12 22.67
CA GLU C 304 -0.04 32.03 22.55
C GLU C 304 0.35 33.48 22.78
N VAL C 305 1.04 33.75 23.89
CA VAL C 305 1.45 35.12 24.21
C VAL C 305 2.54 35.58 23.22
N TYR C 306 3.39 34.66 22.80
CA TYR C 306 4.42 34.92 21.80
C TYR C 306 3.76 35.39 20.52
N THR C 307 2.80 34.61 20.03
CA THR C 307 2.05 34.92 18.82
C THR C 307 1.36 36.28 18.89
N ASP C 308 0.75 36.59 20.03
CA ASP C 308 0.08 37.87 20.21
C ASP C 308 1.05 39.04 20.22
N ALA C 309 2.17 38.90 20.92
CA ALA C 309 3.17 39.95 20.98
C ALA C 309 3.70 40.28 19.59
N ILE C 310 3.77 39.26 18.74
CA ILE C 310 4.23 39.45 17.37
C ILE C 310 3.21 40.25 16.56
N GLN C 311 1.93 39.99 16.78
CA GLN C 311 0.87 40.75 16.12
C GLN C 311 0.92 42.24 16.49
N ARG C 312 1.24 42.52 17.75
CA ARG C 312 1.22 43.90 18.24
C ARG C 312 2.47 44.65 17.83
N TRP C 313 3.57 43.91 17.77
CA TRP C 313 4.86 44.38 17.27
C TRP C 313 5.36 45.70 17.90
N ASP C 314 5.77 45.63 19.17
CA ASP C 314 6.35 46.75 19.88
C ASP C 314 7.20 46.22 21.03
N ILE C 315 8.29 46.93 21.35
CA ILE C 315 9.24 46.41 22.36
C ILE C 315 8.60 46.27 23.73
N SER C 316 7.57 47.08 23.99
CA SER C 316 6.87 47.08 25.26
C SER C 316 6.30 45.71 25.60
N GLN C 317 6.13 44.90 24.56
CA GLN C 317 5.57 43.56 24.70
C GLN C 317 6.58 42.55 25.25
N ILE C 318 7.86 42.89 25.21
CA ILE C 318 8.93 41.92 25.44
C ILE C 318 8.93 41.34 26.86
N ASP C 319 8.35 42.08 27.80
CA ASP C 319 8.32 41.62 29.17
C ASP C 319 7.28 40.53 29.40
N ARG C 320 6.37 40.34 28.45
CA ARG C 320 5.32 39.34 28.57
C ARG C 320 5.84 37.92 28.30
N LEU C 321 7.02 37.84 27.68
CA LEU C 321 7.52 36.60 27.14
C LEU C 321 8.40 35.84 28.13
N PRO C 322 8.38 34.50 28.05
CA PRO C 322 9.43 33.70 28.72
C PRO C 322 10.80 34.18 28.25
N GLU C 323 11.82 34.06 29.08
CA GLU C 323 13.14 34.58 28.74
C GLU C 323 13.67 34.09 27.39
N TYR C 324 13.47 32.81 27.08
CA TYR C 324 14.01 32.26 25.85
C TYR C 324 13.34 32.88 24.62
N MET C 325 12.08 33.31 24.77
CA MET C 325 11.38 33.93 23.64
C MET C 325 11.78 35.39 23.41
N LYS C 326 12.29 36.05 24.45
CA LYS C 326 12.73 37.45 24.37
C LYS C 326 13.88 37.67 23.38
N ILE C 327 14.72 36.65 23.25
CA ILE C 327 15.88 36.69 22.38
C ILE C 327 15.49 36.88 20.92
N SER C 328 14.59 36.03 20.45
CA SER C 328 14.12 36.08 19.08
C SER C 328 13.26 37.31 18.83
N TYR C 329 12.45 37.67 19.81
CA TYR C 329 11.55 38.81 19.67
C TYR C 329 12.35 40.09 19.43
N LYS C 330 13.43 40.25 20.18
CA LYS C 330 14.27 41.43 20.06
C LYS C 330 14.95 41.47 18.70
N ALA C 331 15.28 40.30 18.17
CA ALA C 331 16.03 40.23 16.93
C ALA C 331 15.08 40.49 15.77
N LEU C 332 13.88 39.98 15.91
CA LEU C 332 12.80 40.28 14.97
C LEU C 332 12.58 41.77 14.85
N LEU C 333 12.32 42.43 15.98
CA LEU C 333 12.06 43.86 15.97
C LEU C 333 13.22 44.65 15.37
N ASP C 334 14.44 44.25 15.74
CA ASP C 334 15.63 44.94 15.27
C ASP C 334 15.84 44.76 13.76
N LEU C 335 15.59 43.57 13.26
CA LEU C 335 15.79 43.30 11.82
C LEU C 335 14.93 44.23 10.96
N TYR C 336 13.65 44.33 11.26
CA TYR C 336 12.76 45.14 10.45
C TYR C 336 13.03 46.65 10.65
N ASP C 337 13.47 47.01 11.85
CA ASP C 337 14.00 48.35 12.07
C ASP C 337 15.18 48.59 11.15
N ASP C 338 16.12 47.64 11.12
CA ASP C 338 17.30 47.76 10.27
C ASP C 338 16.88 47.93 8.82
N TYR C 339 15.88 47.16 8.40
CA TYR C 339 15.36 47.24 7.04
C TYR C 339 14.92 48.66 6.71
N GLU C 340 14.13 49.26 7.59
CA GLU C 340 13.65 50.62 7.39
C GLU C 340 14.80 51.60 7.27
N LYS C 341 15.79 51.48 8.13
CA LYS C 341 16.92 52.41 8.11
C LYS C 341 17.69 52.27 6.81
N GLU C 342 17.91 51.03 6.43
CA GLU C 342 18.73 50.70 5.28
C GLU C 342 18.10 51.18 3.97
N LEU C 343 16.78 51.20 3.92
CA LEU C 343 16.08 51.59 2.70
C LEU C 343 15.78 53.08 2.69
N SER C 344 16.00 53.73 3.83
CA SER C 344 15.72 55.17 3.96
C SER C 344 16.51 55.99 2.95
N LYS C 345 17.77 55.61 2.78
CA LYS C 345 18.64 56.19 1.77
C LYS C 345 17.94 56.38 0.42
N ASP C 346 17.08 55.42 0.07
CA ASP C 346 16.40 55.39 -1.23
C ASP C 346 14.95 55.79 -1.17
N GLY C 347 14.50 56.25 0.00
CA GLY C 347 13.10 56.58 0.19
C GLY C 347 12.16 55.40 0.06
N ARG C 348 12.64 54.21 0.40
CA ARG C 348 11.80 53.03 0.28
C ARG C 348 11.51 52.37 1.64
N SER C 349 11.68 53.12 2.73
CA SER C 349 11.41 52.59 4.07
C SER C 349 9.96 52.13 4.21
N ASP C 350 9.11 52.71 3.38
CA ASP C 350 7.67 52.49 3.46
C ASP C 350 7.21 51.09 3.01
N VAL C 351 8.08 50.35 2.31
CA VAL C 351 7.67 49.02 1.82
C VAL C 351 7.96 47.90 2.85
N VAL C 352 8.71 48.20 3.91
CA VAL C 352 9.12 47.18 4.87
C VAL C 352 7.91 46.58 5.60
N HIS C 353 6.90 47.39 5.86
CA HIS C 353 5.74 46.92 6.61
C HIS C 353 4.93 45.82 5.89
N TYR C 354 5.09 45.72 4.57
CA TYR C 354 4.47 44.62 3.82
C TYR C 354 5.08 43.24 4.11
N ALA C 355 6.39 43.20 4.31
CA ALA C 355 7.03 41.95 4.66
C ALA C 355 6.71 41.60 6.11
N LYS C 356 6.70 42.62 6.95
CA LYS C 356 6.37 42.45 8.36
C LYS C 356 4.98 41.83 8.54
N GLU C 357 4.02 42.24 7.73
CA GLU C 357 2.68 41.65 7.79
C GLU C 357 2.74 40.17 7.45
N ARG C 358 3.59 39.81 6.50
CA ARG C 358 3.74 38.42 6.11
C ARG C 358 4.36 37.57 7.23
N MET C 359 5.27 38.19 7.99
CA MET C 359 5.88 37.57 9.16
C MET C 359 4.85 37.34 10.25
N LYS C 360 4.00 38.34 10.48
CA LYS C 360 2.90 38.22 11.44
C LYS C 360 1.98 37.10 11.03
N GLU C 361 1.71 37.02 9.74
CA GLU C 361 0.79 36.02 9.24
C GLU C 361 1.30 34.60 9.49
N ILE C 362 2.58 34.36 9.20
CA ILE C 362 3.10 33.00 9.30
C ILE C 362 3.13 32.59 10.76
N VAL C 363 3.41 33.53 11.67
CA VAL C 363 3.45 33.23 13.09
C VAL C 363 2.05 32.81 13.54
N ARG C 364 1.03 33.54 13.09
CA ARG C 364 -0.36 33.18 13.34
C ARG C 364 -0.68 31.75 12.93
N ASN C 365 -0.22 31.36 11.73
CA ASN C 365 -0.52 30.04 11.20
C ASN C 365 0.31 28.95 11.86
N TYR C 366 1.51 29.32 12.28
CA TYR C 366 2.34 28.44 13.10
C TYR C 366 1.63 28.14 14.39
N PHE C 367 0.97 29.16 14.93
CA PHE C 367 0.23 28.98 16.16
C PHE C 367 -0.94 28.04 15.96
N ILE C 368 -1.68 28.22 14.88
CA ILE C 368 -2.86 27.40 14.61
C ILE C 368 -2.49 25.92 14.48
N GLU C 369 -1.48 25.64 13.67
CA GLU C 369 -1.10 24.25 13.41
C GLU C 369 -0.52 23.61 14.68
N ALA C 370 0.10 24.44 15.52
CA ALA C 370 0.58 23.97 16.81
C ALA C 370 -0.61 23.56 17.67
N LYS C 371 -1.65 24.40 17.67
CA LYS C 371 -2.85 24.11 18.45
C LYS C 371 -3.58 22.90 17.91
N TRP C 372 -3.66 22.81 16.58
CA TRP C 372 -4.21 21.63 15.93
C TRP C 372 -3.49 20.40 16.43
N PHE C 373 -2.17 20.50 16.48
CA PHE C 373 -1.32 19.41 16.92
C PHE C 373 -1.66 18.96 18.35
N ILE C 374 -1.71 19.91 19.27
CA ILE C 374 -2.05 19.63 20.66
C ILE C 374 -3.44 18.99 20.79
N GLU C 375 -4.41 19.51 20.04
CA GLU C 375 -5.78 19.00 20.09
C GLU C 375 -5.89 17.69 19.31
N GLY C 376 -4.80 17.32 18.64
CA GLY C 376 -4.78 16.11 17.83
C GLY C 376 -5.81 16.18 16.71
N TYR C 377 -6.03 17.38 16.19
CA TYR C 377 -7.07 17.57 15.19
C TYR C 377 -6.58 17.39 13.76
N MET C 378 -7.30 16.59 12.98
CA MET C 378 -6.95 16.39 11.57
C MET C 378 -7.88 17.22 10.68
N PRO C 379 -7.37 18.34 10.15
CA PRO C 379 -8.17 19.24 9.33
C PRO C 379 -8.57 18.61 8.00
N SER C 380 -9.65 19.11 7.41
CA SER C 380 -9.98 18.75 6.04
C SER C 380 -8.89 19.26 5.11
N VAL C 381 -8.97 18.88 3.84
CA VAL C 381 -7.99 19.35 2.87
C VAL C 381 -8.04 20.87 2.71
N SER C 382 -9.25 21.40 2.54
CA SER C 382 -9.48 22.84 2.38
C SER C 382 -8.93 23.64 3.58
N GLU C 383 -9.24 23.19 4.80
CA GLU C 383 -8.74 23.84 6.00
C GLU C 383 -7.21 23.81 6.07
N TYR C 384 -6.63 22.67 5.70
CA TYR C 384 -5.19 22.48 5.74
C TYR C 384 -4.51 23.48 4.82
N LEU C 385 -4.93 23.46 3.56
CA LEU C 385 -4.40 24.37 2.57
C LEU C 385 -4.56 25.83 2.97
N SER C 386 -5.71 26.13 3.55
CA SER C 386 -6.03 27.48 3.99
C SER C 386 -4.96 27.98 4.94
N ASN C 387 -4.41 27.07 5.73
CA ASN C 387 -3.41 27.41 6.71
C ASN C 387 -1.98 27.19 6.25
N ALA C 388 -1.78 26.11 5.48
CA ALA C 388 -0.45 25.56 5.23
C ALA C 388 0.27 26.19 4.05
N LEU C 389 -0.44 27.01 3.28
CA LEU C 389 0.19 27.73 2.19
C LEU C 389 1.15 28.78 2.77
N ALA C 390 0.71 29.48 3.82
CA ALA C 390 1.56 30.46 4.49
C ALA C 390 2.73 29.81 5.25
N THR C 391 2.47 28.65 5.87
CA THR C 391 3.50 27.96 6.64
C THR C 391 4.59 27.37 5.73
N SER C 392 4.33 27.38 4.42
CA SER C 392 5.37 27.04 3.47
C SER C 392 6.46 28.11 3.45
N THR C 393 6.19 29.24 4.09
CA THR C 393 7.04 30.46 4.12
C THR C 393 7.02 31.26 2.82
N TYR C 394 6.39 30.74 1.77
CA TYR C 394 6.59 31.35 0.45
C TYR C 394 5.86 32.69 0.21
N TYR C 395 4.81 32.97 0.96
CA TYR C 395 4.24 34.31 0.94
C TYR C 395 5.26 35.31 1.51
N LEU C 396 5.88 34.94 2.62
CA LEU C 396 6.92 35.77 3.25
C LEU C 396 8.18 35.88 2.38
N LEU C 397 8.69 34.75 1.89
CA LEU C 397 9.90 34.80 1.05
C LEU C 397 9.71 35.59 -0.24
N THR C 398 8.55 35.44 -0.88
CA THR C 398 8.28 36.18 -2.10
C THR C 398 8.28 37.65 -1.78
N THR C 399 7.48 38.06 -0.79
CA THR C 399 7.35 39.47 -0.43
C THR C 399 8.69 40.10 -0.04
N THR C 400 9.47 39.37 0.73
CA THR C 400 10.76 39.84 1.22
C THR C 400 11.82 39.98 0.13
N SER C 401 11.72 39.16 -0.93
CA SER C 401 12.70 39.19 -2.02
C SER C 401 12.70 40.52 -2.74
N TYR C 402 11.64 41.30 -2.56
CA TYR C 402 11.51 42.61 -3.20
C TYR C 402 11.98 43.77 -2.35
N LEU C 403 12.29 43.52 -1.07
CA LEU C 403 12.69 44.62 -0.19
C LEU C 403 13.88 45.37 -0.71
N GLY C 404 14.88 44.62 -1.19
CA GLY C 404 16.11 45.21 -1.65
C GLY C 404 16.16 45.56 -3.12
N MET C 405 15.04 45.44 -3.83
CA MET C 405 15.02 45.80 -5.24
C MET C 405 14.50 47.22 -5.40
N LYS C 406 15.35 48.14 -5.87
CA LYS C 406 14.95 49.53 -5.99
C LYS C 406 13.79 49.67 -6.95
N SER C 407 13.73 48.78 -7.94
CA SER C 407 12.66 48.86 -8.92
C SER C 407 11.32 48.40 -8.35
N ALA C 408 11.36 47.80 -7.16
CA ALA C 408 10.15 47.27 -6.53
C ALA C 408 9.43 48.33 -5.72
N THR C 409 8.27 48.72 -6.21
CA THR C 409 7.53 49.87 -5.69
C THR C 409 6.31 49.47 -4.87
N LYS C 410 5.71 50.45 -4.21
CA LYS C 410 4.48 50.22 -3.46
C LYS C 410 3.41 49.45 -4.22
N GLU C 411 3.22 49.78 -5.49
CA GLU C 411 2.18 49.14 -6.28
C GLU C 411 2.42 47.62 -6.41
N HIS C 412 3.68 47.21 -6.42
CA HIS C 412 4.04 45.81 -6.52
C HIS C 412 3.67 45.06 -5.24
N PHE C 413 4.00 45.67 -4.10
CA PHE C 413 3.66 45.08 -2.82
C PHE C 413 2.12 45.08 -2.66
N GLU C 414 1.46 46.12 -3.20
CA GLU C 414 -0.02 46.20 -3.14
C GLU C 414 -0.60 45.02 -3.89
N TRP C 415 -0.01 44.75 -5.06
CA TRP C 415 -0.40 43.62 -5.88
C TRP C 415 -0.18 42.32 -5.11
N LEU C 416 1.00 42.14 -4.52
CA LEU C 416 1.27 40.95 -3.71
C LEU C 416 0.25 40.74 -2.62
N ALA C 417 -0.24 41.87 -2.09
CA ALA C 417 -1.21 41.85 -1.01
C ALA C 417 -2.54 41.22 -1.46
N THR C 418 -2.82 41.21 -2.76
CA THR C 418 -4.07 40.61 -3.25
C THR C 418 -4.00 39.08 -3.41
N ASN C 419 -2.87 38.47 -3.02
CA ASN C 419 -2.63 37.03 -3.23
C ASN C 419 -2.92 36.66 -4.67
N PRO C 420 -2.18 37.22 -5.62
CA PRO C 420 -2.54 36.96 -7.03
C PRO C 420 -2.24 35.51 -7.39
N LYS C 421 -2.80 35.05 -8.50
CA LYS C 421 -2.75 33.65 -8.86
C LYS C 421 -1.32 33.09 -8.86
N ILE C 422 -0.40 33.86 -9.43
CA ILE C 422 0.95 33.34 -9.57
C ILE C 422 1.58 33.13 -8.20
N LEU C 423 1.20 33.94 -7.22
CA LEU C 423 1.70 33.77 -5.86
C LEU C 423 1.08 32.53 -5.20
N GLU C 424 -0.22 32.35 -5.43
CA GLU C 424 -0.92 31.19 -4.89
C GLU C 424 -0.30 29.89 -5.39
N ALA C 425 -0.02 29.83 -6.69
CA ALA C 425 0.57 28.63 -7.28
C ALA C 425 1.93 28.33 -6.68
N ASN C 426 2.70 29.39 -6.49
CA ASN C 426 4.04 29.28 -5.93
C ASN C 426 3.99 28.60 -4.56
N ALA C 427 3.14 29.12 -3.69
CA ALA C 427 2.96 28.57 -2.35
C ALA C 427 2.36 27.16 -2.43
N THR C 428 1.41 26.98 -3.34
CA THR C 428 0.80 25.66 -3.50
C THR C 428 1.84 24.63 -3.92
N LEU C 429 2.65 24.98 -4.91
CA LEU C 429 3.72 24.11 -5.37
C LEU C 429 4.62 23.73 -4.20
N CYS C 430 5.05 24.75 -3.45
CA CYS C 430 5.98 24.55 -2.36
C CYS C 430 5.40 23.68 -1.24
N ARG C 431 4.17 23.99 -0.82
CA ARG C 431 3.47 23.19 0.19
C ARG C 431 3.36 21.73 -0.29
N VAL C 432 2.92 21.56 -1.53
CA VAL C 432 2.55 20.26 -2.09
C VAL C 432 3.75 19.33 -2.34
N VAL C 433 4.89 19.87 -2.79
CA VAL C 433 6.06 19.01 -3.01
C VAL C 433 6.69 18.67 -1.67
N ASP C 434 6.61 19.60 -0.73
CA ASP C 434 7.10 19.36 0.62
C ASP C 434 6.35 18.20 1.25
N ASP C 435 5.03 18.20 1.11
CA ASP C 435 4.20 17.20 1.75
C ASP C 435 4.43 15.82 1.12
N ILE C 436 4.55 15.78 -0.21
CA ILE C 436 4.84 14.54 -0.92
C ILE C 436 6.15 13.93 -0.44
N ALA C 437 7.19 14.78 -0.43
CA ALA C 437 8.53 14.38 -0.05
C ALA C 437 8.66 13.93 1.41
N THR C 438 8.06 14.68 2.32
CA THR C 438 8.24 14.43 3.75
C THR C 438 7.29 13.39 4.31
N TYR C 439 6.38 12.87 3.50
CA TYR C 439 5.50 11.83 4.00
C TYR C 439 6.34 10.56 4.22
N GLU C 440 6.43 10.19 5.50
CA GLU C 440 7.15 9.06 6.11
C GLU C 440 8.47 9.50 6.72
N VAL C 441 8.50 10.16 7.90
CA VAL C 441 7.40 10.69 8.77
C VAL C 441 5.99 10.04 8.80
N GLU C 442 5.70 9.31 9.87
CA GLU C 442 4.41 8.61 9.99
C GLU C 442 3.27 9.61 10.09
N ALA C 449 -1.82 15.57 9.97
CA ALA C 449 -1.15 16.72 9.36
C ALA C 449 0.34 16.72 9.70
N THR C 450 1.20 16.77 8.70
CA THR C 450 0.86 16.80 7.27
C THR C 450 0.37 15.43 6.78
N GLY C 451 -0.37 15.35 5.68
CA GLY C 451 -0.93 16.43 4.88
C GLY C 451 -1.47 15.64 3.70
N ILE C 452 -0.72 14.59 3.38
CA ILE C 452 -1.16 13.51 2.51
C ILE C 452 -2.26 12.82 3.30
N GLU C 453 -2.03 12.74 4.61
CA GLU C 453 -2.97 12.13 5.55
C GLU C 453 -4.32 12.83 5.51
N CYS C 454 -4.30 14.15 5.46
CA CYS C 454 -5.52 14.93 5.39
C CYS C 454 -6.31 14.57 4.14
N TYR C 455 -5.62 14.44 3.01
CA TYR C 455 -6.29 14.07 1.78
C TYR C 455 -6.80 12.62 1.86
N MET C 456 -5.97 11.72 2.38
CA MET C 456 -6.36 10.33 2.58
C MET C 456 -7.62 10.23 3.43
N ARG C 457 -7.60 10.91 4.57
CA ARG C 457 -8.70 10.89 5.53
C ARG C 457 -9.98 11.53 4.99
N ASP C 458 -9.83 12.73 4.46
CA ASP C 458 -10.93 13.56 4.01
C ASP C 458 -11.69 12.88 2.88
N TYR C 459 -10.95 12.39 1.89
CA TYR C 459 -11.56 11.77 0.70
C TYR C 459 -11.73 10.24 0.77
N GLY C 460 -11.04 9.58 1.71
CA GLY C 460 -11.10 8.13 1.83
C GLY C 460 -10.51 7.44 0.61
N VAL C 461 -9.30 7.84 0.20
CA VAL C 461 -8.71 7.34 -1.04
C VAL C 461 -7.33 6.67 -0.96
N SER C 462 -6.88 6.32 0.24
CA SER C 462 -5.59 5.64 0.43
C SER C 462 -4.39 6.52 0.04
N THR C 463 -3.19 6.02 0.29
CA THR C 463 -1.98 6.80 0.05
C THR C 463 -1.58 7.04 -1.42
N GLU C 464 -1.76 6.04 -2.29
CA GLU C 464 -1.32 6.18 -3.68
C GLU C 464 -2.13 7.23 -4.40
N VAL C 465 -3.44 7.24 -4.16
CA VAL C 465 -4.32 8.18 -4.83
C VAL C 465 -4.11 9.61 -4.32
N ALA C 466 -3.88 9.79 -3.03
CA ALA C 466 -3.60 11.10 -2.46
C ALA C 466 -2.35 11.71 -3.08
N MET C 467 -1.34 10.88 -3.28
CA MET C 467 -0.08 11.30 -3.90
C MET C 467 -0.21 11.79 -5.34
N GLU C 468 -1.21 11.30 -6.08
CA GLU C 468 -1.15 11.40 -7.55
C GLU C 468 -1.38 12.67 -8.42
N LYS C 469 -2.24 13.70 -8.21
CA LYS C 469 -3.19 14.13 -7.18
C LYS C 469 -2.52 15.28 -6.41
N PHE C 470 -1.69 14.97 -5.43
CA PHE C 470 -0.86 16.04 -4.88
C PHE C 470 0.12 16.38 -5.99
N GLN C 471 0.59 15.33 -6.67
CA GLN C 471 1.43 15.52 -7.86
C GLN C 471 0.68 16.33 -8.91
N GLU C 472 -0.62 16.04 -9.07
CA GLU C 472 -1.46 16.76 -10.02
C GLU C 472 -1.56 18.21 -9.64
N MET C 473 -1.68 18.50 -8.35
CA MET C 473 -1.67 19.88 -7.89
C MET C 473 -0.34 20.55 -8.22
N ALA C 474 0.74 19.77 -8.23
CA ALA C 474 2.03 20.35 -8.63
C ALA C 474 1.99 20.69 -10.13
N ASP C 475 1.46 19.77 -10.94
CA ASP C 475 1.33 20.00 -12.37
C ASP C 475 0.51 21.26 -12.65
N ILE C 476 -0.62 21.38 -11.97
CA ILE C 476 -1.49 22.54 -12.11
C ILE C 476 -0.78 23.87 -11.74
N ALA C 477 -0.05 23.87 -10.63
CA ALA C 477 0.66 25.08 -10.17
C ALA C 477 1.71 25.55 -11.18
N TRP C 478 2.47 24.62 -11.73
CA TRP C 478 3.42 24.95 -12.79
C TRP C 478 2.71 25.51 -14.03
N LYS C 479 1.54 24.96 -14.36
CA LYS C 479 0.79 25.46 -15.50
C LYS C 479 0.26 26.85 -15.19
N ASP C 480 -0.15 27.07 -13.95
CA ASP C 480 -0.53 28.41 -13.52
C ASP C 480 0.64 29.42 -13.64
N VAL C 481 1.81 29.03 -13.13
CA VAL C 481 2.96 29.94 -13.19
C VAL C 481 3.24 30.29 -14.65
N ASN C 482 3.35 29.28 -15.50
CA ASN C 482 3.60 29.48 -16.92
C ASN C 482 2.55 30.38 -17.63
N GLU C 483 1.31 30.37 -17.15
CA GLU C 483 0.30 31.22 -17.77
C GLU C 483 0.43 32.68 -17.31
N GLU C 484 0.76 32.85 -16.04
CA GLU C 484 0.87 34.18 -15.41
C GLU C 484 2.09 34.99 -15.85
N ILE C 485 3.11 34.34 -16.39
CA ILE C 485 4.26 35.08 -16.90
C ILE C 485 4.01 35.55 -18.35
N LEU C 486 2.91 35.16 -18.95
CA LEU C 486 2.65 35.56 -20.34
C LEU C 486 2.00 36.96 -20.40
N ARG C 487 2.55 37.82 -21.25
CA ARG C 487 2.01 39.17 -21.41
C ARG C 487 0.61 39.16 -22.03
N PRO C 488 -0.26 40.11 -21.63
CA PRO C 488 -0.01 41.22 -20.69
C PRO C 488 0.00 40.74 -19.25
N THR C 489 1.07 41.08 -18.54
CA THR C 489 1.23 40.69 -17.15
C THR C 489 0.88 41.88 -16.30
N PRO C 490 0.44 41.64 -15.05
CA PRO C 490 0.07 42.77 -14.18
C PRO C 490 1.26 43.55 -13.65
N VAL C 491 2.42 42.90 -13.60
CA VAL C 491 3.66 43.55 -13.18
C VAL C 491 4.77 43.09 -14.13
N SER C 492 5.94 43.73 -14.04
CA SER C 492 7.04 43.49 -14.99
C SER C 492 7.64 42.09 -14.85
N SER C 493 8.28 41.65 -15.93
CA SER C 493 8.94 40.36 -15.96
C SER C 493 9.94 40.22 -14.80
N GLU C 494 10.65 41.31 -14.47
CA GLU C 494 11.63 41.33 -13.38
C GLU C 494 11.00 40.98 -12.04
N ILE C 495 9.79 41.50 -11.80
CA ILE C 495 9.07 41.22 -10.57
C ILE C 495 8.60 39.76 -10.56
N LEU C 496 8.07 39.29 -11.69
CA LEU C 496 7.56 37.93 -11.78
C LEU C 496 8.65 36.83 -11.71
N THR C 497 9.84 37.14 -12.23
CA THR C 497 10.91 36.17 -12.32
C THR C 497 11.34 35.73 -10.91
N ARG C 498 11.14 36.59 -9.94
CA ARG C 498 11.42 36.25 -8.56
C ARG C 498 10.51 35.12 -8.04
N ILE C 499 9.25 35.16 -8.44
CA ILE C 499 8.30 34.13 -8.03
C ILE C 499 8.60 32.83 -8.77
N LEU C 500 8.88 32.93 -10.07
CA LEU C 500 9.29 31.79 -10.89
C LEU C 500 10.51 31.12 -10.30
N ASN C 501 11.49 31.92 -9.86
CA ASN C 501 12.73 31.34 -9.32
C ASN C 501 12.48 30.65 -7.99
N LEU C 502 11.58 31.21 -7.18
CA LEU C 502 11.20 30.53 -5.94
C LEU C 502 10.52 29.19 -6.21
N ALA C 503 9.75 29.12 -7.29
CA ALA C 503 9.09 27.89 -7.71
C ALA C 503 10.15 26.91 -8.14
N ARG C 504 11.11 27.40 -8.91
CA ARG C 504 12.23 26.59 -9.38
C ARG C 504 13.02 25.97 -8.27
N ILE C 505 13.36 26.74 -7.25
CA ILE C 505 14.24 26.22 -6.22
CA ILE C 505 14.20 26.26 -6.16
C ILE C 505 13.52 25.15 -5.38
N ILE C 506 12.22 25.31 -5.17
CA ILE C 506 11.51 24.31 -4.38
C ILE C 506 11.32 22.99 -5.16
N ASP C 507 11.16 23.08 -6.48
CA ASP C 507 10.92 21.89 -7.28
C ASP C 507 12.21 21.06 -7.30
N VAL C 508 13.34 21.76 -7.43
CA VAL C 508 14.64 21.10 -7.44
C VAL C 508 14.97 20.51 -6.07
N THR C 509 14.73 21.30 -5.02
CA THR C 509 15.01 20.86 -3.65
C THR C 509 14.35 19.52 -3.32
N TYR C 510 13.10 19.40 -3.71
CA TYR C 510 12.27 18.24 -3.40
C TYR C 510 12.03 17.34 -4.61
N LYS C 511 13.04 17.16 -5.47
CA LYS C 511 12.82 16.33 -6.63
C LYS C 511 13.09 14.86 -6.28
N PRO C 520 17.48 14.65 2.05
CA PRO C 520 16.73 15.76 1.45
C PRO C 520 17.33 17.13 1.80
N GLU C 521 18.35 17.11 2.66
CA GLU C 521 19.05 18.32 3.06
C GLU C 521 20.41 18.41 2.36
N LYS C 522 20.95 17.25 2.02
CA LYS C 522 22.19 17.18 1.25
C LYS C 522 21.92 17.18 -0.25
N VAL C 523 20.67 17.46 -0.63
CA VAL C 523 20.37 17.70 -2.04
C VAL C 523 21.02 19.00 -2.49
N LEU C 524 21.18 19.93 -1.54
CA LEU C 524 21.68 21.27 -1.86
C LEU C 524 23.18 21.39 -1.69
N LYS C 525 23.79 20.43 -0.99
CA LYS C 525 25.22 20.51 -0.68
C LYS C 525 26.09 20.63 -1.95
N PRO C 526 25.85 19.78 -2.98
CA PRO C 526 26.71 19.95 -4.17
C PRO C 526 26.48 21.26 -4.91
N HIS C 527 25.28 21.83 -4.77
CA HIS C 527 24.95 23.13 -5.34
C HIS C 527 25.64 24.26 -4.56
N ILE C 528 25.72 24.09 -3.25
CA ILE C 528 26.44 25.03 -2.40
C ILE C 528 27.91 25.08 -2.81
N ILE C 529 28.51 23.90 -2.94
CA ILE C 529 29.91 23.78 -3.37
C ILE C 529 30.14 24.40 -4.74
N ALA C 530 29.25 24.10 -5.68
CA ALA C 530 29.38 24.60 -7.03
C ALA C 530 29.25 26.12 -7.10
N LEU C 531 28.37 26.70 -6.30
CA LEU C 531 28.07 28.13 -6.40
C LEU C 531 28.96 28.98 -5.50
N VAL C 532 29.31 28.48 -4.32
CA VAL C 532 30.07 29.29 -3.38
C VAL C 532 31.41 28.72 -2.91
N VAL C 533 31.77 27.52 -3.35
CA VAL C 533 33.10 26.99 -2.97
C VAL C 533 34.10 26.93 -4.14
N ASP C 534 33.77 26.16 -5.17
CA ASP C 534 34.72 25.91 -6.25
C ASP C 534 34.64 26.97 -7.33
N SER C 535 35.81 27.52 -7.67
CA SER C 535 35.94 28.44 -8.78
C SER C 535 36.10 27.63 -10.06
N ILE C 536 35.83 28.24 -11.20
CA ILE C 536 36.09 27.56 -12.45
C ILE C 536 37.55 27.79 -12.83
N ASP C 537 38.27 26.73 -13.19
CA ASP C 537 39.65 26.93 -13.59
C ASP C 537 39.72 27.66 -14.92
N ILE C 538 40.45 28.77 -14.92
CA ILE C 538 40.59 29.61 -16.09
C ILE C 538 41.72 29.11 -16.99
N ALA D 28 28.04 30.65 45.74
CA ALA D 28 27.73 30.74 47.16
C ALA D 28 27.49 29.36 47.76
N GLN D 29 28.51 28.84 48.45
CA GLN D 29 28.44 27.51 49.05
C GLN D 29 27.52 27.33 50.27
N GLU D 30 27.22 26.06 50.52
CA GLU D 30 26.34 25.60 51.58
C GLU D 30 26.26 24.08 51.44
N ILE D 31 26.53 23.61 50.22
CA ILE D 31 26.54 22.19 49.90
C ILE D 31 27.50 21.41 50.81
N GLU D 32 28.62 22.04 51.16
CA GLU D 32 29.59 21.43 52.07
C GLU D 32 28.97 20.93 53.38
N THR D 33 28.11 21.75 54.00
CA THR D 33 27.47 21.33 55.25
C THR D 33 26.49 20.20 54.99
N LEU D 34 25.78 20.27 53.86
CA LEU D 34 24.81 19.24 53.48
C LEU D 34 25.49 17.90 53.16
N LYS D 35 26.70 17.97 52.60
CA LYS D 35 27.46 16.76 52.32
C LYS D 35 27.81 16.00 53.60
N GLU D 36 28.27 16.75 54.61
CA GLU D 36 28.71 16.14 55.85
C GLU D 36 27.53 15.50 56.58
N GLN D 37 26.38 16.15 56.55
CA GLN D 37 25.15 15.60 57.13
C GLN D 37 24.67 14.35 56.36
N THR D 38 24.84 14.34 55.04
CA THR D 38 24.45 13.18 54.26
C THR D 38 25.42 12.05 54.56
N SER D 39 26.70 12.38 54.75
CA SER D 39 27.69 11.38 55.14
C SER D 39 27.30 10.70 56.45
N THR D 40 26.81 11.49 57.39
CA THR D 40 26.39 10.97 58.69
C THR D 40 25.16 10.06 58.59
N MET D 41 24.22 10.40 57.70
CA MET D 41 23.04 9.57 57.48
C MET D 41 23.42 8.17 57.05
N LEU D 42 24.49 8.09 56.26
CA LEU D 42 24.98 6.82 55.75
C LEU D 42 25.76 6.03 56.83
N SER D 43 26.45 6.73 57.73
CA SER D 43 27.17 6.11 58.85
C SER D 43 26.28 5.35 59.83
N ALA D 44 26.41 5.71 61.12
CA ALA D 44 25.63 5.09 62.19
C ALA D 44 24.58 6.05 62.75
N ALA D 45 23.94 6.80 61.86
CA ALA D 45 22.77 7.61 62.17
C ALA D 45 21.64 6.88 61.52
N CYS D 46 21.57 5.60 61.85
CA CYS D 46 20.62 4.67 61.27
C CYS D 46 19.37 4.32 62.11
N GLY D 47 19.05 3.03 62.13
CA GLY D 47 17.95 2.47 62.91
C GLY D 47 18.35 1.57 64.07
N THR D 48 18.80 0.35 63.78
CA THR D 48 19.55 0.04 62.56
C THR D 48 18.90 -0.99 61.66
N THR D 49 18.48 -0.55 60.47
CA THR D 49 17.94 -1.47 59.49
C THR D 49 18.80 -1.46 58.23
N LEU D 50 18.94 -2.63 57.62
CA LEU D 50 19.55 -2.76 56.30
C LEU D 50 18.68 -2.03 55.27
N THR D 51 17.37 -2.06 55.51
CA THR D 51 16.37 -1.54 54.56
C THR D 51 16.52 -0.04 54.29
N GLU D 52 16.78 0.76 55.33
CA GLU D 52 16.87 2.21 55.16
C GLU D 52 18.20 2.59 54.54
N LYS D 53 19.19 1.74 54.72
CA LYS D 53 20.48 1.88 54.03
C LYS D 53 20.40 1.76 52.53
N LEU D 54 19.76 0.71 52.08
CA LEU D 54 19.58 0.50 50.66
C LEU D 54 18.75 1.61 50.04
N ASN D 55 17.67 1.98 50.72
CA ASN D 55 16.76 3.01 50.22
C ASN D 55 17.44 4.39 50.17
N LEU D 56 18.26 4.70 51.16
CA LEU D 56 19.02 5.95 51.19
C LEU D 56 20.04 6.00 50.05
N ILE D 57 20.77 4.90 49.86
CA ILE D 57 21.72 4.79 48.74
C ILE D 57 21.04 5.01 47.40
N ASP D 58 19.91 4.32 47.18
CA ASP D 58 19.18 4.43 45.92
C ASP D 58 18.77 5.87 45.69
N ILE D 59 18.21 6.49 46.71
CA ILE D 59 17.77 7.89 46.65
C ILE D 59 18.91 8.89 46.40
N ILE D 60 20.00 8.73 47.13
CA ILE D 60 21.16 9.60 46.96
C ILE D 60 21.74 9.45 45.56
N GLU D 61 21.80 8.21 45.07
CA GLU D 61 22.28 7.94 43.72
C GLU D 61 21.38 8.54 42.65
N ARG D 62 20.07 8.35 42.76
CA ARG D 62 19.14 8.80 41.73
C ARG D 62 18.92 10.33 41.78
N LEU D 63 19.23 10.93 42.92
CA LEU D 63 19.23 12.39 43.06
C LEU D 63 20.53 13.00 42.53
N GLY D 64 21.47 12.14 42.15
CA GLY D 64 22.70 12.59 41.51
C GLY D 64 23.78 13.18 42.40
N ILE D 65 23.71 12.92 43.70
CA ILE D 65 24.68 13.50 44.64
C ILE D 65 25.58 12.43 45.27
N ALA D 66 25.42 11.21 44.79
CA ALA D 66 26.20 10.07 45.29
C ALA D 66 27.69 10.20 44.97
N TYR D 67 28.04 11.02 43.99
CA TYR D 67 29.43 11.14 43.57
C TYR D 67 30.27 11.83 44.66
N HIS D 68 29.61 12.50 45.60
CA HIS D 68 30.33 13.09 46.73
C HIS D 68 30.75 12.03 47.75
N PHE D 69 30.08 10.88 47.72
CA PHE D 69 30.26 9.86 48.73
C PHE D 69 30.64 8.53 48.11
N GLU D 70 31.51 8.61 47.10
CA GLU D 70 31.92 7.47 46.30
C GLU D 70 32.46 6.36 47.16
N LYS D 71 33.47 6.72 47.94
CA LYS D 71 34.21 5.79 48.77
C LYS D 71 33.34 5.23 49.90
N GLN D 72 32.53 6.08 50.52
CA GLN D 72 31.69 5.65 51.63
C GLN D 72 30.61 4.66 51.20
N ILE D 73 29.93 4.95 50.09
CA ILE D 73 28.88 4.09 49.58
C ILE D 73 29.43 2.73 49.13
N GLU D 74 30.55 2.76 48.44
CA GLU D 74 31.15 1.55 47.89
C GLU D 74 31.61 0.64 49.04
N ASP D 75 32.11 1.25 50.11
CA ASP D 75 32.50 0.49 51.30
C ASP D 75 31.29 -0.14 51.97
N MET D 76 30.22 0.64 52.12
CA MET D 76 28.97 0.16 52.69
C MET D 76 28.36 -1.01 51.92
N LEU D 77 28.38 -0.93 50.59
CA LEU D 77 27.82 -2.00 49.78
C LEU D 77 28.64 -3.29 49.87
N ASP D 78 29.96 -3.17 49.82
CA ASP D 78 30.85 -4.31 49.99
C ASP D 78 30.58 -5.01 51.31
N HIS D 79 30.50 -4.20 52.37
CA HIS D 79 30.25 -4.71 53.72
C HIS D 79 28.91 -5.46 53.74
N ILE D 80 27.91 -4.92 53.07
CA ILE D 80 26.59 -5.56 52.97
C ILE D 80 26.59 -6.87 52.19
N TYR D 81 27.23 -6.86 51.03
CA TYR D 81 27.30 -8.06 50.18
C TYR D 81 28.03 -9.22 50.83
N ARG D 82 29.15 -8.94 51.48
CA ARG D 82 29.98 -10.00 52.05
C ARG D 82 29.34 -10.56 53.31
N ALA D 83 28.50 -9.76 53.94
CA ALA D 83 27.83 -10.16 55.18
C ALA D 83 26.81 -11.27 54.90
N ASP D 84 26.05 -11.11 53.82
CA ASP D 84 24.96 -12.01 53.46
C ASP D 84 24.94 -12.27 51.96
N PRO D 85 25.95 -13.01 51.45
CA PRO D 85 26.15 -13.17 50.01
C PRO D 85 24.96 -13.80 49.31
N TYR D 86 24.29 -14.71 49.99
CA TYR D 86 23.14 -15.40 49.40
C TYR D 86 21.80 -14.76 49.78
N PHE D 87 21.86 -13.55 50.34
CA PHE D 87 20.65 -12.81 50.75
C PHE D 87 19.71 -13.59 51.65
N GLU D 88 20.28 -14.47 52.46
CA GLU D 88 19.51 -15.27 53.40
C GLU D 88 19.53 -14.64 54.81
N ALA D 89 18.37 -14.24 55.34
CA ALA D 89 17.06 -14.27 54.70
C ALA D 89 16.31 -13.05 55.23
N HIS D 90 14.99 -12.99 55.02
CA HIS D 90 14.10 -11.88 55.48
C HIS D 90 14.72 -11.16 56.66
N GLU D 91 15.11 -9.89 56.51
CA GLU D 91 14.58 -8.85 55.60
C GLU D 91 14.54 -9.05 54.08
N TYR D 92 15.40 -9.91 53.53
CA TYR D 92 15.52 -10.04 52.09
C TYR D 92 14.36 -10.70 51.35
N ASN D 93 13.30 -11.07 52.07
CA ASN D 93 12.04 -11.34 51.37
C ASN D 93 11.46 -9.98 50.92
N ASP D 94 10.15 -9.79 51.10
CA ASP D 94 9.48 -8.53 50.75
C ASP D 94 9.51 -8.12 49.26
N LEU D 95 10.42 -8.72 48.48
CA LEU D 95 10.64 -8.46 47.05
C LEU D 95 11.34 -7.13 46.75
N ASN D 96 10.92 -6.06 47.42
CA ASN D 96 11.53 -4.75 47.22
C ASN D 96 12.98 -4.68 47.70
N THR D 97 13.22 -5.24 48.89
CA THR D 97 14.55 -5.22 49.49
C THR D 97 15.55 -6.01 48.65
N SER D 98 15.17 -7.19 48.18
CA SER D 98 16.05 -8.00 47.34
C SER D 98 16.24 -7.38 45.98
N SER D 99 15.18 -6.81 45.41
CA SER D 99 15.25 -6.18 44.09
C SER D 99 16.21 -4.99 44.05
N VAL D 100 16.08 -4.11 45.04
CA VAL D 100 16.91 -2.92 45.10
C VAL D 100 18.36 -3.26 45.35
N GLN D 101 18.62 -4.07 46.37
CA GLN D 101 19.99 -4.47 46.69
C GLN D 101 20.66 -5.17 45.50
N PHE D 102 19.95 -6.09 44.85
CA PHE D 102 20.47 -6.84 43.71
C PHE D 102 21.00 -5.90 42.63
N ARG D 103 20.16 -4.94 42.24
CA ARG D 103 20.52 -3.94 41.25
C ARG D 103 21.75 -3.14 41.68
N LEU D 104 21.71 -2.59 42.89
CA LEU D 104 22.79 -1.77 43.40
C LEU D 104 24.12 -2.52 43.40
N LEU D 105 24.09 -3.74 43.93
CA LEU D 105 25.29 -4.55 44.01
C LEU D 105 25.85 -4.95 42.64
N ARG D 106 24.97 -5.30 41.71
CA ARG D 106 25.41 -5.67 40.38
C ARG D 106 25.99 -4.46 39.66
N GLN D 107 25.32 -3.31 39.80
CA GLN D 107 25.77 -2.08 39.17
C GLN D 107 27.11 -1.63 39.72
N HIS D 108 27.38 -1.95 40.97
CA HIS D 108 28.67 -1.61 41.57
C HIS D 108 29.71 -2.72 41.43
N GLY D 109 29.44 -3.65 40.52
CA GLY D 109 30.41 -4.65 40.11
C GLY D 109 30.46 -5.95 40.89
N TYR D 110 29.49 -6.18 41.76
CA TYR D 110 29.42 -7.45 42.50
C TYR D 110 28.54 -8.45 41.78
N ASN D 111 29.14 -9.56 41.38
CA ASN D 111 28.39 -10.56 40.64
C ASN D 111 27.47 -11.32 41.59
N VAL D 112 26.41 -10.67 42.05
CA VAL D 112 25.48 -11.37 42.94
C VAL D 112 24.61 -12.27 42.09
N SER D 113 24.46 -13.50 42.56
CA SER D 113 23.67 -14.50 41.86
C SER D 113 22.20 -14.16 41.91
N PRO D 114 21.50 -14.32 40.79
CA PRO D 114 20.04 -14.14 40.73
C PRO D 114 19.25 -15.20 41.50
N ASN D 115 19.94 -16.21 42.06
CA ASN D 115 19.32 -17.18 42.98
C ASN D 115 18.59 -16.55 44.17
N ILE D 116 18.87 -15.30 44.48
CA ILE D 116 18.19 -14.60 45.57
C ILE D 116 16.70 -14.41 45.32
N PHE D 117 16.28 -14.56 44.07
CA PHE D 117 14.89 -14.37 43.70
C PHE D 117 14.13 -15.68 43.73
N SER D 118 14.87 -16.76 43.92
CA SER D 118 14.28 -18.09 43.92
C SER D 118 13.10 -18.15 44.87
N ARG D 119 13.22 -17.45 45.99
CA ARG D 119 12.19 -17.46 47.03
C ARG D 119 10.87 -16.86 46.52
N PHE D 120 10.95 -16.01 45.49
CA PHE D 120 9.74 -15.36 44.97
C PHE D 120 9.14 -16.19 43.85
N GLN D 121 9.73 -17.36 43.61
CA GLN D 121 9.23 -18.26 42.58
C GLN D 121 8.70 -19.54 43.22
N ASP D 122 7.66 -20.10 42.62
CA ASP D 122 7.19 -21.41 43.03
C ASP D 122 7.73 -22.47 42.07
N ALA D 123 7.11 -23.65 42.09
CA ALA D 123 7.58 -24.83 41.38
C ALA D 123 8.02 -24.58 39.92
N ASN D 124 7.12 -24.04 39.09
CA ASN D 124 7.39 -23.98 37.65
C ASN D 124 8.18 -22.75 37.19
N GLY D 125 8.93 -22.15 38.10
CA GLY D 125 9.81 -21.05 37.75
C GLY D 125 9.10 -19.73 37.47
N LYS D 126 7.79 -19.71 37.73
CA LYS D 126 7.01 -18.49 37.57
C LYS D 126 6.96 -17.73 38.89
N PHE D 127 7.10 -16.40 38.82
CA PHE D 127 7.02 -15.57 40.01
C PHE D 127 5.62 -15.65 40.59
N LYS D 128 5.54 -15.65 41.92
CA LYS D 128 4.28 -15.84 42.62
C LYS D 128 3.29 -14.72 42.30
N GLU D 129 2.05 -15.11 42.00
CA GLU D 129 1.02 -14.16 41.60
C GLU D 129 0.62 -13.21 42.72
N SER D 130 0.80 -13.65 43.97
CA SER D 130 0.49 -12.82 45.12
C SER D 130 1.25 -11.48 45.12
N LEU D 131 2.36 -11.42 44.38
CA LEU D 131 3.19 -10.21 44.31
C LEU D 131 2.60 -9.08 43.44
N ARG D 132 1.57 -9.40 42.64
CA ARG D 132 1.06 -8.51 41.61
C ARG D 132 0.38 -7.24 42.14
N SER D 133 0.24 -7.15 43.46
CA SER D 133 -0.41 -6.00 44.10
C SER D 133 0.62 -5.01 44.65
N ASP D 134 1.87 -5.47 44.76
CA ASP D 134 2.99 -4.68 45.28
C ASP D 134 3.69 -3.92 44.15
N ILE D 135 3.13 -2.77 43.79
CA ILE D 135 3.58 -2.00 42.63
C ILE D 135 5.05 -1.54 42.70
N ARG D 136 5.46 -1.00 43.85
CA ARG D 136 6.84 -0.53 44.02
C ARG D 136 7.81 -1.70 43.87
N GLY D 137 7.44 -2.84 44.45
CA GLY D 137 8.23 -4.05 44.35
C GLY D 137 8.33 -4.53 42.91
N LEU D 138 7.21 -4.51 42.21
CA LEU D 138 7.18 -4.86 40.78
C LEU D 138 8.08 -3.92 39.99
N LEU D 139 8.03 -2.63 40.36
CA LEU D 139 8.81 -1.61 39.69
C LEU D 139 10.30 -1.86 39.86
N ASN D 140 10.73 -2.16 41.09
CA ASN D 140 12.14 -2.45 41.32
C ASN D 140 12.59 -3.84 40.89
N LEU D 141 11.66 -4.79 40.85
CA LEU D 141 11.99 -6.11 40.27
C LEU D 141 12.30 -5.91 38.79
N TYR D 142 11.43 -5.14 38.12
CA TYR D 142 11.64 -4.77 36.73
C TYR D 142 13.01 -4.08 36.49
N GLU D 143 13.35 -3.08 37.30
CA GLU D 143 14.62 -2.37 37.13
C GLU D 143 15.78 -3.35 37.29
N ALA D 144 15.65 -4.27 38.24
CA ALA D 144 16.70 -5.24 38.51
C ALA D 144 16.88 -6.15 37.31
N SER D 145 15.79 -6.42 36.59
CA SER D 145 15.85 -7.38 35.51
C SER D 145 16.72 -6.86 34.37
N HIS D 146 16.91 -5.55 34.29
CA HIS D 146 17.64 -4.99 33.17
C HIS D 146 19.15 -4.96 33.35
N VAL D 147 19.64 -5.42 34.50
CA VAL D 147 21.07 -5.59 34.66
C VAL D 147 21.46 -7.05 34.35
N ARG D 148 20.50 -7.82 33.84
CA ARG D 148 20.69 -9.26 33.63
C ARG D 148 21.73 -9.53 32.54
N THR D 149 22.39 -10.69 32.64
CA THR D 149 23.38 -11.09 31.66
C THR D 149 22.91 -12.34 30.95
N HIS D 150 23.86 -13.11 30.43
CA HIS D 150 23.50 -14.29 29.66
C HIS D 150 23.02 -15.41 30.57
N LYS D 151 22.04 -16.16 30.07
CA LYS D 151 21.61 -17.40 30.72
C LYS D 151 21.18 -17.18 32.15
N GLU D 152 20.50 -16.07 32.41
CA GLU D 152 19.91 -15.83 33.71
C GLU D 152 18.40 -15.89 33.57
N ASP D 153 17.90 -17.12 33.52
CA ASP D 153 16.50 -17.42 33.27
C ASP D 153 15.56 -16.74 34.27
N ILE D 154 16.00 -16.71 35.52
CA ILE D 154 15.26 -16.07 36.60
C ILE D 154 14.91 -14.62 36.27
N LEU D 155 15.87 -13.89 35.70
CA LEU D 155 15.66 -12.48 35.36
C LEU D 155 14.90 -12.28 34.06
N GLU D 156 15.09 -13.19 33.10
CA GLU D 156 14.30 -13.17 31.88
C GLU D 156 12.83 -13.30 32.22
N GLU D 157 12.56 -14.21 33.14
CA GLU D 157 11.23 -14.43 33.64
C GLU D 157 10.76 -13.25 34.49
N ALA D 158 11.66 -12.72 35.31
CA ALA D 158 11.33 -11.56 36.15
C ALA D 158 10.90 -10.39 35.31
N LEU D 159 11.59 -10.18 34.20
CA LEU D 159 11.26 -9.11 33.27
C LEU D 159 9.86 -9.30 32.68
N VAL D 160 9.60 -10.50 32.17
CA VAL D 160 8.30 -10.80 31.57
C VAL D 160 7.16 -10.64 32.59
N PHE D 161 7.40 -11.11 33.80
CA PHE D 161 6.43 -11.03 34.89
C PHE D 161 6.11 -9.59 35.29
N SER D 162 7.15 -8.80 35.58
CA SER D 162 6.96 -7.46 36.12
C SER D 162 6.36 -6.48 35.11
N VAL D 163 6.81 -6.58 33.86
CA VAL D 163 6.29 -5.72 32.80
C VAL D 163 4.77 -5.89 32.62
N GLY D 164 4.31 -7.14 32.58
CA GLY D 164 2.91 -7.44 32.37
C GLY D 164 1.98 -6.78 33.37
N HIS D 165 2.31 -6.92 34.65
CA HIS D 165 1.48 -6.37 35.72
C HIS D 165 1.60 -4.85 35.83
N LEU D 166 2.79 -4.31 35.56
CA LEU D 166 3.00 -2.87 35.61
C LEU D 166 2.19 -2.15 34.55
N GLU D 167 2.13 -2.73 33.35
CA GLU D 167 1.30 -2.19 32.28
C GLU D 167 -0.18 -2.18 32.66
N SER D 168 -0.64 -3.27 33.28
CA SER D 168 -2.04 -3.41 33.67
C SER D 168 -2.39 -2.48 34.82
N ALA D 169 -1.39 -2.09 35.60
CA ALA D 169 -1.63 -1.28 36.78
C ALA D 169 -1.47 0.22 36.51
N ALA D 170 -0.58 0.55 35.59
CA ALA D 170 -0.22 1.95 35.31
C ALA D 170 -1.38 2.96 35.10
N PRO D 171 -2.39 2.60 34.27
CA PRO D 171 -3.45 3.59 34.01
C PRO D 171 -4.22 4.10 35.23
N HIS D 172 -4.33 3.32 36.29
CA HIS D 172 -5.16 3.72 37.42
C HIS D 172 -4.34 4.15 38.63
N LEU D 173 -3.03 4.25 38.45
CA LEU D 173 -2.16 4.73 39.51
C LEU D 173 -2.22 6.26 39.60
N LYS D 174 -2.13 6.77 40.82
CA LYS D 174 -2.05 8.21 41.07
C LYS D 174 -0.62 8.65 41.37
N SER D 175 -0.45 9.95 41.64
CA SER D 175 0.80 10.48 42.19
C SER D 175 1.91 10.37 41.11
N PRO D 176 3.19 10.60 41.46
CA PRO D 176 4.14 10.27 40.40
C PRO D 176 4.49 8.78 40.26
N LEU D 177 3.89 7.90 41.06
CA LEU D 177 4.17 6.47 40.92
C LEU D 177 3.78 6.02 39.50
N SER D 178 2.64 6.51 39.02
CA SER D 178 2.22 6.26 37.64
C SER D 178 3.29 6.77 36.67
N LYS D 179 3.78 7.98 36.95
CA LYS D 179 4.84 8.60 36.15
C LYS D 179 6.09 7.73 36.12
N GLN D 180 6.54 7.32 37.31
CA GLN D 180 7.73 6.47 37.46
C GLN D 180 7.58 5.16 36.70
N VAL D 181 6.44 4.51 36.88
CA VAL D 181 6.18 3.24 36.24
C VAL D 181 6.21 3.41 34.72
N THR D 182 5.46 4.41 34.22
CA THR D 182 5.45 4.72 32.80
C THR D 182 6.87 5.00 32.29
N HIS D 183 7.58 5.87 33.01
CA HIS D 183 8.95 6.25 32.68
C HIS D 183 9.89 5.05 32.61
N ALA D 184 9.89 4.25 33.67
CA ALA D 184 10.72 3.05 33.76
C ALA D 184 10.47 2.09 32.59
N LEU D 185 9.19 1.88 32.28
CA LEU D 185 8.81 1.01 31.18
C LEU D 185 9.32 1.53 29.84
N GLU D 186 9.33 2.85 29.67
CA GLU D 186 9.81 3.42 28.42
C GLU D 186 11.32 3.29 28.27
N GLN D 187 12.05 3.49 29.35
CA GLN D 187 13.49 3.26 29.34
C GLN D 187 13.98 3.05 30.79
N SER D 188 14.46 1.85 31.07
CA SER D 188 14.87 1.49 32.42
C SER D 188 16.04 2.36 32.89
N LEU D 189 16.18 2.47 34.20
CA LEU D 189 17.22 3.27 34.84
C LEU D 189 18.61 2.85 34.40
N HIS D 190 18.86 1.55 34.45
CA HIS D 190 20.18 1.01 34.16
C HIS D 190 20.65 1.29 32.74
N LYS D 191 19.70 1.43 31.80
CA LYS D 191 20.01 1.63 30.40
C LYS D 191 19.74 3.07 29.91
N SER D 192 19.67 4.01 30.85
CA SER D 192 19.42 5.41 30.54
C SER D 192 20.63 6.28 30.81
N ILE D 193 20.63 7.49 30.26
CA ILE D 193 21.69 8.48 30.47
C ILE D 193 21.62 9.02 31.90
N PRO D 194 22.67 8.78 32.69
CA PRO D 194 22.66 9.11 34.12
C PRO D 194 22.16 10.51 34.46
N ARG D 195 22.68 11.54 33.80
CA ARG D 195 22.28 12.91 34.14
C ARG D 195 20.81 13.17 33.77
N VAL D 196 20.37 12.60 32.66
CA VAL D 196 18.98 12.77 32.23
C VAL D 196 18.03 12.18 33.27
N GLU D 197 18.34 10.98 33.77
CA GLU D 197 17.52 10.36 34.81
C GLU D 197 17.59 11.16 36.11
N ILE D 198 18.74 11.75 36.40
CA ILE D 198 18.90 12.56 37.61
C ILE D 198 17.89 13.72 37.65
N ARG D 199 17.84 14.49 36.57
CA ARG D 199 16.91 15.61 36.47
C ARG D 199 15.47 15.16 36.62
N TYR D 200 15.15 14.00 36.04
CA TYR D 200 13.79 13.47 36.12
C TYR D 200 13.45 13.03 37.54
N PHE D 201 14.35 12.29 38.17
CA PHE D 201 14.08 11.81 39.52
C PHE D 201 13.97 12.95 40.51
N ILE D 202 14.71 14.04 40.30
CA ILE D 202 14.63 15.19 41.20
C ILE D 202 13.19 15.73 41.22
N SER D 203 12.57 15.82 40.05
CA SER D 203 11.19 16.26 39.93
C SER D 203 10.25 15.22 40.55
N ILE D 204 10.57 13.94 40.38
CA ILE D 204 9.82 12.87 41.02
C ILE D 204 9.94 12.97 42.55
N TYR D 205 11.17 13.11 43.03
CA TYR D 205 11.42 13.20 44.46
C TYR D 205 10.76 14.42 45.07
N GLU D 206 10.74 15.51 44.30
CA GLU D 206 10.04 16.73 44.68
C GLU D 206 8.53 16.52 44.88
N GLU D 207 7.94 15.70 44.02
CA GLU D 207 6.49 15.50 43.98
C GLU D 207 5.98 14.53 45.06
N GLU D 208 6.86 13.66 45.58
CA GLU D 208 6.49 12.74 46.64
C GLU D 208 5.99 13.58 47.83
N GLU D 209 5.15 13.01 48.69
CA GLU D 209 4.61 13.79 49.79
C GLU D 209 5.53 13.73 51.02
N PHE D 210 6.15 12.57 51.21
CA PHE D 210 7.00 12.35 52.38
C PHE D 210 8.48 12.18 52.02
N LYS D 211 9.04 13.17 51.32
CA LYS D 211 10.42 13.10 50.87
C LYS D 211 11.31 13.72 51.94
N ASN D 212 12.62 13.52 51.82
CA ASN D 212 13.57 14.20 52.68
C ASN D 212 13.95 15.57 52.12
N ASP D 213 13.59 16.63 52.83
CA ASP D 213 13.77 17.99 52.31
C ASP D 213 15.24 18.42 52.27
N LEU D 214 16.05 17.89 53.17
CA LEU D 214 17.47 18.18 53.18
C LEU D 214 18.15 17.59 51.94
N LEU D 215 17.82 16.34 51.64
CA LEU D 215 18.33 15.66 50.45
C LEU D 215 17.84 16.30 49.14
N LEU D 216 16.58 16.73 49.13
CA LEU D 216 15.98 17.36 47.95
C LEU D 216 16.67 18.68 47.59
N ARG D 217 16.90 19.52 48.59
CA ARG D 217 17.55 20.81 48.35
C ARG D 217 19.01 20.61 47.94
N PHE D 218 19.67 19.67 48.59
CA PHE D 218 21.03 19.24 48.26
C PHE D 218 21.09 18.86 46.77
N ALA D 219 20.11 18.08 46.32
CA ALA D 219 20.03 17.65 44.92
C ALA D 219 19.87 18.80 43.93
N LYS D 220 18.99 19.76 44.25
CA LYS D 220 18.75 20.91 43.36
C LYS D 220 19.94 21.86 43.31
N LEU D 221 20.53 22.13 44.46
CA LEU D 221 21.67 23.02 44.54
C LEU D 221 22.82 22.47 43.72
N ASP D 222 23.05 21.17 43.83
CA ASP D 222 24.16 20.50 43.18
C ASP D 222 23.95 20.46 41.65
N TYR D 223 22.73 20.14 41.23
CA TYR D 223 22.37 20.11 39.80
C TYR D 223 22.71 21.44 39.15
N ASN D 224 22.23 22.54 39.74
CA ASN D 224 22.49 23.88 39.21
C ASN D 224 23.97 24.23 39.17
N LEU D 225 24.70 23.85 40.22
CA LEU D 225 26.10 24.18 40.31
C LEU D 225 26.84 23.45 39.20
N LEU D 226 26.57 22.16 39.05
CA LEU D 226 27.20 21.39 37.99
C LEU D 226 26.81 21.85 36.58
N GLN D 227 25.56 22.24 36.41
CA GLN D 227 25.08 22.73 35.12
C GLN D 227 25.81 24.01 34.69
N MET D 228 26.16 24.84 35.66
CA MET D 228 26.97 26.03 35.40
C MET D 228 28.34 25.69 34.82
N LEU D 229 28.98 24.71 35.42
CA LEU D 229 30.23 24.20 34.90
C LEU D 229 30.03 23.70 33.46
N HIS D 230 28.97 22.93 33.27
CA HIS D 230 28.65 22.38 31.96
C HIS D 230 28.48 23.48 30.92
N LYS D 231 27.79 24.56 31.28
CA LYS D 231 27.59 25.68 30.35
C LYS D 231 28.91 26.34 29.99
N HIS D 232 29.82 26.39 30.95
CA HIS D 232 31.12 26.98 30.70
C HIS D 232 31.91 26.14 29.70
N GLU D 233 31.92 24.82 29.92
CA GLU D 233 32.62 23.92 29.02
C GLU D 233 32.08 24.04 27.60
N LEU D 234 30.75 24.12 27.49
CA LEU D 234 30.10 24.26 26.19
C LEU D 234 30.55 25.53 25.48
N SER D 235 30.67 26.62 26.24
CA SER D 235 31.12 27.90 25.69
C SER D 235 32.54 27.81 25.16
N GLU D 236 33.39 27.11 25.90
CA GLU D 236 34.77 26.86 25.50
C GLU D 236 34.87 26.04 24.21
N VAL D 237 34.16 24.91 24.18
CA VAL D 237 34.07 24.09 22.97
C VAL D 237 33.56 24.87 21.76
N SER D 238 32.47 25.60 21.96
CA SER D 238 31.82 26.34 20.88
C SER D 238 32.74 27.46 20.37
N ARG D 239 33.50 28.07 21.28
CA ARG D 239 34.46 29.11 20.88
C ARG D 239 35.64 28.53 20.10
N TRP D 240 36.11 27.37 20.54
CA TRP D 240 37.18 26.66 19.83
C TRP D 240 36.73 26.32 18.41
N TRP D 241 35.51 25.81 18.28
CA TRP D 241 34.96 25.46 16.98
C TRP D 241 34.89 26.67 16.04
N LYS D 242 34.44 27.81 16.57
CA LYS D 242 34.31 29.02 15.78
C LYS D 242 35.66 29.56 15.31
N ASP D 243 36.68 29.41 16.15
CA ASP D 243 38.02 29.88 15.80
C ASP D 243 38.61 29.07 14.64
N LEU D 244 38.27 27.79 14.56
CA LEU D 244 38.74 26.97 13.45
C LEU D 244 38.16 27.49 12.13
N ASP D 245 36.99 28.11 12.21
CA ASP D 245 36.42 28.85 11.09
C ASP D 245 36.17 27.95 9.88
N PHE D 246 35.64 26.75 10.14
CA PHE D 246 35.36 25.78 9.08
C PHE D 246 34.29 26.26 8.11
N VAL D 247 33.27 26.93 8.64
CA VAL D 247 32.12 27.31 7.81
C VAL D 247 32.48 28.37 6.78
N THR D 248 33.67 28.96 6.91
CA THR D 248 34.16 29.92 5.93
C THR D 248 34.87 29.23 4.76
N THR D 249 35.66 28.20 5.07
CA THR D 249 36.37 27.44 4.04
C THR D 249 35.59 26.18 3.62
N LEU D 250 34.84 25.60 4.54
CA LEU D 250 33.96 24.50 4.19
C LEU D 250 32.52 24.84 4.55
N PRO D 251 31.87 25.69 3.74
CA PRO D 251 30.55 26.26 4.07
C PRO D 251 29.44 25.22 4.15
N TYR D 252 29.65 24.06 3.52
CA TYR D 252 28.70 22.96 3.59
C TYR D 252 28.83 22.13 4.87
N ALA D 253 29.84 22.42 5.67
CA ALA D 253 30.02 21.68 6.92
C ALA D 253 28.95 22.03 7.95
N ARG D 254 28.51 21.01 8.67
CA ARG D 254 27.48 21.12 9.70
C ARG D 254 28.01 21.83 10.94
N ASP D 255 27.37 22.92 11.34
CA ASP D 255 27.81 23.66 12.50
C ASP D 255 27.14 23.14 13.77
N ARG D 256 27.67 22.06 14.36
CA ARG D 256 26.94 21.38 15.42
C ARG D 256 27.75 21.07 16.69
N ALA D 257 28.46 22.05 17.23
CA ALA D 257 29.31 21.84 18.41
C ALA D 257 28.52 21.45 19.65
N VAL D 258 27.32 22.01 19.79
CA VAL D 258 26.44 21.75 20.92
C VAL D 258 26.09 20.26 20.99
N GLU D 259 25.75 19.68 19.84
CA GLU D 259 25.50 18.25 19.77
C GLU D 259 26.74 17.48 20.18
N CYS D 260 27.89 17.90 19.69
CA CYS D 260 29.15 17.27 20.06
C CYS D 260 29.43 17.35 21.57
N TYR D 261 29.21 18.51 22.18
CA TYR D 261 29.46 18.63 23.63
C TYR D 261 28.45 17.81 24.45
N PHE D 262 27.19 17.79 24.02
CA PHE D 262 26.15 17.14 24.80
C PHE D 262 26.51 15.71 25.14
N TRP D 263 27.05 15.00 24.16
CA TRP D 263 27.38 13.60 24.30
CA TRP D 263 27.40 13.60 24.29
C TRP D 263 28.27 13.33 25.52
N THR D 264 29.23 14.21 25.76
CA THR D 264 30.20 14.00 26.82
C THR D 264 29.57 14.01 28.21
N MET D 265 28.45 14.73 28.36
CA MET D 265 27.74 14.78 29.64
C MET D 265 27.10 13.45 30.00
N GLY D 266 26.79 12.65 28.99
CA GLY D 266 26.30 11.30 29.17
C GLY D 266 27.42 10.39 29.61
N VAL D 267 28.64 10.71 29.20
CA VAL D 267 29.83 9.91 29.50
C VAL D 267 30.28 10.09 30.94
N TYR D 268 30.24 11.34 31.41
CA TYR D 268 30.52 11.71 32.80
C TYR D 268 30.01 13.12 33.08
N ALA D 269 29.31 13.28 34.19
CA ALA D 269 28.78 14.59 34.57
C ALA D 269 29.58 15.24 35.69
N GLU D 270 30.36 14.45 36.43
CA GLU D 270 31.09 14.93 37.62
C GLU D 270 32.16 15.99 37.28
N PRO D 271 32.42 16.92 38.22
CA PRO D 271 33.34 18.05 38.01
C PRO D 271 34.76 17.66 37.56
N GLN D 272 35.34 16.60 38.11
CA GLN D 272 36.73 16.24 37.80
C GLN D 272 36.90 15.76 36.37
N TYR D 273 35.79 15.48 35.68
CA TYR D 273 35.86 15.04 34.29
C TYR D 273 35.58 16.17 33.31
N SER D 274 35.75 17.39 33.81
CA SER D 274 35.59 18.61 33.02
C SER D 274 36.54 18.62 31.84
N GLN D 275 37.82 18.40 32.12
CA GLN D 275 38.82 18.44 31.07
C GLN D 275 38.59 17.31 30.08
N ALA D 276 38.17 16.17 30.59
CA ALA D 276 37.90 15.03 29.72
C ALA D 276 36.75 15.34 28.76
N ARG D 277 35.72 16.03 29.25
CA ARG D 277 34.55 16.38 28.43
C ARG D 277 34.94 17.32 27.28
N VAL D 278 35.80 18.30 27.56
CA VAL D 278 36.18 19.26 26.53
C VAL D 278 36.97 18.56 25.41
N MET D 279 37.97 17.78 25.79
CA MET D 279 38.76 17.02 24.83
C MET D 279 37.89 16.03 24.04
N LEU D 280 37.00 15.32 24.73
CA LEU D 280 36.14 14.37 24.06
C LEU D 280 35.24 15.10 23.08
N ALA D 281 34.69 16.23 23.52
CA ALA D 281 33.84 17.06 22.66
C ALA D 281 34.50 17.41 21.33
N LYS D 282 35.76 17.83 21.41
CA LYS D 282 36.55 18.25 20.25
C LYS D 282 36.79 17.13 19.25
N THR D 283 37.01 15.91 19.73
CA THR D 283 37.17 14.76 18.87
C THR D 283 35.87 14.43 18.14
N ILE D 284 34.75 14.59 18.84
CA ILE D 284 33.46 14.29 18.25
C ILE D 284 33.20 15.27 17.11
N ALA D 285 33.58 16.53 17.31
CA ALA D 285 33.44 17.57 16.30
C ALA D 285 34.35 17.33 15.08
N MET D 286 35.59 16.92 15.31
CA MET D 286 36.52 16.62 14.22
C MET D 286 36.08 15.41 13.40
N ILE D 287 35.46 14.42 14.06
CA ILE D 287 34.86 13.31 13.31
C ILE D 287 33.85 13.83 12.32
N SER D 288 33.01 14.74 12.80
CA SER D 288 31.98 15.34 11.98
C SER D 288 32.58 15.98 10.72
N ILE D 289 33.68 16.69 10.90
CA ILE D 289 34.34 17.33 9.77
C ILE D 289 34.97 16.31 8.81
N VAL D 290 35.50 15.21 9.36
CA VAL D 290 36.02 14.14 8.52
C VAL D 290 34.90 13.47 7.70
N ASP D 291 33.73 13.30 8.31
CA ASP D 291 32.53 12.84 7.58
C ASP D 291 32.16 13.82 6.46
N ASP D 292 32.09 15.11 6.80
CA ASP D 292 31.77 16.12 5.80
C ASP D 292 32.81 16.15 4.69
N THR D 293 34.07 15.85 5.03
CA THR D 293 35.14 15.82 4.03
C THR D 293 35.03 14.58 3.15
N PHE D 294 34.71 13.44 3.75
CA PHE D 294 34.54 12.21 2.98
C PHE D 294 33.35 12.38 2.05
N ASP D 295 32.33 13.09 2.54
CA ASP D 295 31.05 13.20 1.83
C ASP D 295 30.97 14.40 0.89
N ALA D 296 32.02 15.20 0.86
CA ALA D 296 32.00 16.43 0.07
C ALA D 296 31.79 16.15 -1.41
N TYR D 297 32.62 15.26 -1.95
CA TYR D 297 32.61 14.97 -3.38
C TYR D 297 32.44 13.48 -3.66
N GLY D 298 33.13 12.66 -2.86
CA GLY D 298 33.12 11.22 -3.05
C GLY D 298 33.92 10.75 -4.24
N ILE D 299 35.03 11.43 -4.52
CA ILE D 299 35.95 11.00 -5.59
C ILE D 299 37.03 10.04 -5.06
N VAL D 300 36.99 8.80 -5.53
CA VAL D 300 37.80 7.74 -4.95
C VAL D 300 39.30 8.07 -4.99
N LYS D 301 39.77 8.68 -6.08
CA LYS D 301 41.18 9.06 -6.17
C LYS D 301 41.57 9.99 -5.02
N GLU D 302 40.68 10.91 -4.67
CA GLU D 302 40.90 11.86 -3.58
C GLU D 302 40.82 11.24 -2.19
N LEU D 303 39.78 10.45 -1.95
CA LEU D 303 39.60 9.81 -0.66
C LEU D 303 40.80 8.94 -0.32
N GLU D 304 41.36 8.26 -1.32
CA GLU D 304 42.53 7.42 -1.10
C GLU D 304 43.75 8.20 -0.59
N VAL D 305 44.11 9.29 -1.27
CA VAL D 305 45.28 10.05 -0.87
C VAL D 305 45.01 10.66 0.50
N TYR D 306 43.76 11.05 0.75
CA TYR D 306 43.32 11.56 2.04
C TYR D 306 43.58 10.50 3.10
N THR D 307 43.04 9.31 2.86
CA THR D 307 43.21 8.18 3.76
C THR D 307 44.69 7.86 3.98
N ASP D 308 45.46 7.87 2.91
CA ASP D 308 46.88 7.54 3.01
C ASP D 308 47.65 8.61 3.82
N ALA D 309 47.34 9.88 3.57
CA ALA D 309 47.99 10.98 4.26
C ALA D 309 47.77 10.90 5.77
N ILE D 310 46.59 10.43 6.13
CA ILE D 310 46.17 10.27 7.53
C ILE D 310 46.93 9.14 8.21
N GLN D 311 47.12 8.05 7.48
CA GLN D 311 47.91 6.93 8.01
C GLN D 311 49.33 7.41 8.34
N ARG D 312 49.86 8.29 7.48
CA ARG D 312 51.22 8.77 7.66
C ARG D 312 51.29 9.88 8.71
N TRP D 313 50.22 10.67 8.81
CA TRP D 313 50.07 11.69 9.86
C TRP D 313 51.31 12.57 9.98
N ASP D 314 51.52 13.44 9.00
CA ASP D 314 52.65 14.35 9.04
C ASP D 314 52.38 15.61 8.23
N ILE D 315 52.90 16.73 8.69
CA ILE D 315 52.62 18.00 8.03
C ILE D 315 53.13 17.96 6.60
N SER D 316 54.18 17.16 6.38
CA SER D 316 54.79 16.99 5.06
C SER D 316 53.78 16.41 4.04
N GLN D 317 52.74 15.77 4.54
CA GLN D 317 51.76 15.15 3.68
C GLN D 317 50.74 16.13 3.09
N ILE D 318 50.64 17.32 3.68
CA ILE D 318 49.52 18.22 3.38
C ILE D 318 49.50 18.74 1.94
N ASP D 319 50.65 18.77 1.28
CA ASP D 319 50.75 19.26 -0.09
C ASP D 319 50.22 18.25 -1.11
N ARG D 320 49.97 17.04 -0.65
CA ARG D 320 49.43 15.99 -1.52
C ARG D 320 47.93 16.17 -1.77
N LEU D 321 47.30 16.95 -0.91
CA LEU D 321 45.86 17.03 -0.82
C LEU D 321 45.23 18.13 -1.67
N PRO D 322 44.01 17.88 -2.17
CA PRO D 322 43.15 18.95 -2.69
C PRO D 322 42.97 20.04 -1.61
N GLU D 323 42.79 21.30 -2.02
CA GLU D 323 42.68 22.39 -1.04
C GLU D 323 41.65 22.16 0.05
N TYR D 324 40.47 21.63 -0.31
CA TYR D 324 39.43 21.51 0.70
C TYR D 324 39.84 20.50 1.76
N MET D 325 40.59 19.50 1.35
CA MET D 325 41.04 18.48 2.28
C MET D 325 42.19 18.94 3.17
N LYS D 326 42.89 19.98 2.73
CA LYS D 326 43.99 20.54 3.52
C LYS D 326 43.47 21.13 4.83
N ILE D 327 42.24 21.62 4.79
CA ILE D 327 41.65 22.28 5.94
C ILE D 327 41.48 21.32 7.10
N SER D 328 40.84 20.19 6.84
CA SER D 328 40.59 19.22 7.89
C SER D 328 41.88 18.56 8.35
N TYR D 329 42.78 18.26 7.40
CA TYR D 329 44.04 17.58 7.73
C TYR D 329 44.85 18.39 8.74
N LYS D 330 44.89 19.71 8.55
CA LYS D 330 45.62 20.59 9.46
C LYS D 330 45.00 20.64 10.83
N ALA D 331 43.69 20.59 10.90
CA ALA D 331 42.99 20.75 12.17
C ALA D 331 43.11 19.47 12.96
N LEU D 332 43.09 18.36 12.24
CA LEU D 332 43.35 17.04 12.81
C LEU D 332 44.69 17.06 13.52
N LEU D 333 45.73 17.42 12.77
CA LEU D 333 47.10 17.46 13.28
C LEU D 333 47.22 18.42 14.46
N ASP D 334 46.62 19.60 14.34
CA ASP D 334 46.67 20.59 15.41
C ASP D 334 45.93 20.10 16.66
N LEU D 335 44.77 19.45 16.48
CA LEU D 335 44.00 18.96 17.62
C LEU D 335 44.79 17.96 18.47
N TYR D 336 45.35 16.95 17.84
CA TYR D 336 46.11 15.95 18.58
C TYR D 336 47.41 16.54 19.12
N ASP D 337 47.99 17.52 18.42
CA ASP D 337 49.11 18.27 19.00
C ASP D 337 48.70 18.97 20.29
N ASP D 338 47.57 19.68 20.23
CA ASP D 338 47.04 20.36 21.41
C ASP D 338 46.77 19.40 22.57
N TYR D 339 46.19 18.23 22.25
CA TYR D 339 45.93 17.21 23.28
C TYR D 339 47.21 16.88 24.05
N GLU D 340 48.29 16.65 23.30
CA GLU D 340 49.59 16.35 23.89
C GLU D 340 50.13 17.46 24.79
N LYS D 341 50.04 18.70 24.30
CA LYS D 341 50.53 19.85 25.04
C LYS D 341 49.71 20.02 26.32
N GLU D 342 48.40 19.82 26.17
CA GLU D 342 47.46 20.01 27.26
C GLU D 342 47.69 18.98 28.36
N LEU D 343 48.10 17.77 27.97
CA LEU D 343 48.29 16.70 28.94
C LEU D 343 49.72 16.72 29.50
N SER D 344 50.61 17.50 28.88
CA SER D 344 52.02 17.55 29.29
C SER D 344 52.17 17.97 30.73
N LYS D 345 51.37 18.95 31.12
CA LYS D 345 51.28 19.41 32.49
C LYS D 345 51.21 18.24 33.49
N ASP D 346 50.53 17.14 33.10
CA ASP D 346 50.36 16.00 34.00
C ASP D 346 51.25 14.80 33.64
N GLY D 347 52.15 14.99 32.68
CA GLY D 347 53.02 13.91 32.26
C GLY D 347 52.28 12.73 31.65
N ARG D 348 51.14 13.00 31.03
CA ARG D 348 50.32 11.95 30.45
C ARG D 348 50.21 12.10 28.94
N SER D 349 51.14 12.84 28.35
CA SER D 349 51.14 13.07 26.89
C SER D 349 51.28 11.80 26.05
N ASP D 350 51.90 10.77 26.60
CA ASP D 350 52.21 9.58 25.82
C ASP D 350 50.98 8.73 25.50
N VAL D 351 49.85 9.05 26.12
CA VAL D 351 48.61 8.28 25.90
C VAL D 351 47.84 8.79 24.69
N VAL D 352 48.21 9.95 24.18
CA VAL D 352 47.48 10.59 23.10
C VAL D 352 47.48 9.74 21.81
N HIS D 353 48.58 9.06 21.51
CA HIS D 353 48.69 8.32 20.26
C HIS D 353 47.75 7.12 20.16
N TYR D 354 47.25 6.60 21.29
CA TYR D 354 46.30 5.50 21.22
C TYR D 354 45.01 5.99 20.60
N ALA D 355 44.66 7.23 20.89
CA ALA D 355 43.47 7.80 20.29
C ALA D 355 43.72 8.09 18.83
N LYS D 356 44.94 8.53 18.50
CA LYS D 356 45.31 8.81 17.12
C LYS D 356 45.19 7.57 16.24
N GLU D 357 45.59 6.41 16.77
CA GLU D 357 45.49 5.16 16.03
C GLU D 357 44.02 4.86 15.72
N ARG D 358 43.14 5.14 16.67
CA ARG D 358 41.71 4.95 16.46
C ARG D 358 41.18 5.93 15.41
N MET D 359 41.80 7.11 15.33
CA MET D 359 41.44 8.06 14.27
C MET D 359 41.92 7.51 12.92
N LYS D 360 43.13 6.96 12.89
CA LYS D 360 43.63 6.36 11.65
C LYS D 360 42.70 5.23 11.22
N GLU D 361 42.26 4.42 12.19
CA GLU D 361 41.42 3.29 11.87
C GLU D 361 40.08 3.69 11.27
N ILE D 362 39.41 4.68 11.85
CA ILE D 362 38.07 4.99 11.37
C ILE D 362 38.11 5.54 9.94
N VAL D 363 39.17 6.27 9.62
CA VAL D 363 39.34 6.80 8.28
C VAL D 363 39.56 5.65 7.29
N ARG D 364 40.42 4.70 7.65
CA ARG D 364 40.64 3.51 6.83
C ARG D 364 39.32 2.82 6.49
N ASN D 365 38.47 2.68 7.50
CA ASN D 365 37.21 1.98 7.31
C ASN D 365 36.19 2.86 6.61
N TYR D 366 36.29 4.17 6.78
CA TYR D 366 35.46 5.09 5.99
C TYR D 366 35.77 4.93 4.51
N PHE D 367 37.07 4.78 4.18
CA PHE D 367 37.44 4.62 2.78
C PHE D 367 36.93 3.29 2.24
N ILE D 368 37.03 2.22 3.02
CA ILE D 368 36.55 0.91 2.56
C ILE D 368 35.06 0.98 2.19
N GLU D 369 34.29 1.59 3.07
CA GLU D 369 32.85 1.70 2.90
C GLU D 369 32.51 2.58 1.70
N ALA D 370 33.32 3.61 1.49
CA ALA D 370 33.19 4.48 0.31
C ALA D 370 33.49 3.71 -0.97
N LYS D 371 34.54 2.89 -0.94
CA LYS D 371 34.95 2.11 -2.12
C LYS D 371 33.92 1.06 -2.49
N TRP D 372 33.38 0.39 -1.48
CA TRP D 372 32.33 -0.58 -1.68
C TRP D 372 31.21 0.07 -2.45
N PHE D 373 30.81 1.24 -1.98
CA PHE D 373 29.70 1.98 -2.54
C PHE D 373 29.90 2.27 -4.03
N ILE D 374 31.06 2.83 -4.36
CA ILE D 374 31.38 3.10 -5.76
C ILE D 374 31.40 1.82 -6.61
N GLU D 375 31.98 0.76 -6.06
CA GLU D 375 32.10 -0.51 -6.77
C GLU D 375 30.81 -1.32 -6.76
N GLY D 376 29.80 -0.81 -6.06
CA GLY D 376 28.53 -1.50 -5.94
C GLY D 376 28.64 -2.82 -5.23
N TYR D 377 29.57 -2.91 -4.27
CA TYR D 377 29.82 -4.16 -3.58
C TYR D 377 28.99 -4.29 -2.31
N MET D 378 28.35 -5.45 -2.15
CA MET D 378 27.58 -5.77 -0.96
C MET D 378 28.31 -6.74 -0.05
N PRO D 379 28.86 -6.25 1.08
CA PRO D 379 29.58 -7.18 1.97
C PRO D 379 28.66 -8.18 2.64
N SER D 380 29.21 -9.34 3.00
CA SER D 380 28.54 -10.26 3.91
C SER D 380 28.42 -9.58 5.28
N VAL D 381 27.74 -10.23 6.21
CA VAL D 381 27.63 -9.70 7.56
C VAL D 381 29.02 -9.61 8.17
N SER D 382 29.80 -10.67 8.02
CA SER D 382 31.15 -10.71 8.59
C SER D 382 32.00 -9.54 8.12
N GLU D 383 32.08 -9.34 6.81
CA GLU D 383 32.83 -8.23 6.27
C GLU D 383 32.24 -6.89 6.69
N TYR D 384 30.91 -6.78 6.71
CA TYR D 384 30.26 -5.50 7.06
C TYR D 384 30.63 -5.10 8.48
N LEU D 385 30.29 -5.97 9.43
CA LEU D 385 30.59 -5.73 10.86
C LEU D 385 32.09 -5.55 11.08
N SER D 386 32.89 -6.31 10.34
CA SER D 386 34.34 -6.21 10.44
C SER D 386 34.80 -4.79 10.19
N ASN D 387 34.07 -4.09 9.31
CA ASN D 387 34.37 -2.72 8.97
C ASN D 387 33.56 -1.69 9.75
N ALA D 388 32.29 -2.01 10.01
CA ALA D 388 31.28 -1.03 10.42
C ALA D 388 31.28 -0.81 11.92
N LEU D 389 32.01 -1.62 12.65
CA LEU D 389 32.12 -1.38 14.09
C LEU D 389 32.93 -0.09 14.36
N ALA D 390 34.01 0.10 13.61
CA ALA D 390 34.82 1.30 13.74
C ALA D 390 34.06 2.55 13.27
N THR D 391 33.28 2.42 12.19
CA THR D 391 32.53 3.58 11.66
C THR D 391 31.35 4.01 12.54
N SER D 392 31.04 3.21 13.53
CA SER D 392 30.09 3.69 14.54
C SER D 392 30.75 4.81 15.36
N THR D 393 32.07 4.97 15.19
CA THR D 393 32.97 5.88 15.90
C THR D 393 33.30 5.44 17.33
N TYR D 394 32.68 4.38 17.81
CA TYR D 394 32.72 4.07 19.24
C TYR D 394 34.03 3.50 19.78
N TYR D 395 34.85 2.95 18.90
CA TYR D 395 36.21 2.62 19.28
C TYR D 395 36.93 3.94 19.58
N LEU D 396 36.76 4.91 18.69
CA LEU D 396 37.41 6.21 18.85
C LEU D 396 36.86 7.02 20.04
N LEU D 397 35.54 7.10 20.17
CA LEU D 397 34.95 7.83 21.30
C LEU D 397 35.35 7.23 22.64
N THR D 398 35.32 5.91 22.74
CA THR D 398 35.74 5.24 23.96
C THR D 398 37.18 5.57 24.32
N THR D 399 38.11 5.37 23.39
CA THR D 399 39.53 5.62 23.66
C THR D 399 39.72 7.09 24.03
N THR D 400 39.03 7.96 23.32
CA THR D 400 39.17 9.38 23.54
C THR D 400 38.61 9.82 24.90
N SER D 401 37.62 9.11 25.42
CA SER D 401 37.00 9.49 26.68
C SER D 401 38.00 9.39 27.84
N TYR D 402 39.10 8.68 27.63
CA TYR D 402 40.13 8.52 28.66
C TYR D 402 41.27 9.52 28.58
N LEU D 403 41.32 10.31 27.50
CA LEU D 403 42.43 11.28 27.36
C LEU D 403 42.48 12.25 28.54
N GLY D 404 41.32 12.78 28.93
CA GLY D 404 41.27 13.76 30.00
C GLY D 404 41.10 13.17 31.40
N MET D 405 41.17 11.85 31.54
CA MET D 405 41.06 11.20 32.85
C MET D 405 42.44 10.88 33.44
N LYS D 406 42.78 11.51 34.57
CA LYS D 406 44.10 11.32 35.19
C LYS D 406 44.36 9.87 35.57
N SER D 407 43.28 9.21 35.96
CA SER D 407 43.33 7.84 36.43
C SER D 407 43.52 6.82 35.31
N ALA D 408 43.45 7.27 34.06
CA ALA D 408 43.61 6.39 32.90
C ALA D 408 45.07 6.23 32.51
N THR D 409 45.58 5.01 32.67
CA THR D 409 47.00 4.76 32.52
C THR D 409 47.30 4.11 31.18
N LYS D 410 48.59 4.06 30.82
CA LYS D 410 49.04 3.41 29.60
C LYS D 410 48.51 1.98 29.48
N GLU D 411 48.48 1.27 30.60
CA GLU D 411 48.00 -0.12 30.66
C GLU D 411 46.52 -0.22 30.28
N HIS D 412 45.75 0.81 30.62
CA HIS D 412 44.34 0.86 30.27
C HIS D 412 44.18 1.01 28.76
N PHE D 413 44.99 1.87 28.15
CA PHE D 413 44.95 2.02 26.70
C PHE D 413 45.46 0.76 25.97
N GLU D 414 46.46 0.08 26.52
CA GLU D 414 46.97 -1.15 25.89
C GLU D 414 45.86 -2.20 25.83
N TRP D 415 45.14 -2.30 26.94
CA TRP D 415 43.97 -3.18 27.05
C TRP D 415 42.92 -2.84 26.02
N LEU D 416 42.56 -1.56 25.93
CA LEU D 416 41.58 -1.13 24.93
C LEU D 416 41.97 -1.49 23.50
N ALA D 417 43.26 -1.36 23.21
CA ALA D 417 43.75 -1.59 21.87
C ALA D 417 43.49 -3.02 21.40
N THR D 418 43.33 -3.94 22.35
CA THR D 418 43.08 -5.34 22.01
C THR D 418 41.62 -5.61 21.68
N ASN D 419 40.80 -4.55 21.58
CA ASN D 419 39.36 -4.71 21.34
C ASN D 419 38.73 -5.70 22.34
N PRO D 420 38.72 -5.35 23.64
CA PRO D 420 38.20 -6.30 24.64
C PRO D 420 36.68 -6.45 24.51
N LYS D 421 36.13 -7.49 25.12
CA LYS D 421 34.72 -7.86 24.91
C LYS D 421 33.77 -6.70 25.18
N ILE D 422 33.99 -5.97 26.29
CA ILE D 422 33.06 -4.91 26.62
C ILE D 422 33.13 -3.78 25.59
N LEU D 423 34.29 -3.59 24.96
CA LEU D 423 34.40 -2.55 23.95
C LEU D 423 33.69 -2.98 22.66
N GLU D 424 33.88 -4.25 22.31
CA GLU D 424 33.22 -4.83 21.14
C GLU D 424 31.71 -4.70 21.25
N ALA D 425 31.16 -5.03 22.42
CA ALA D 425 29.73 -4.97 22.64
C ALA D 425 29.21 -3.55 22.52
N ASN D 426 29.98 -2.61 23.07
CA ASN D 426 29.62 -1.19 23.00
C ASN D 426 29.46 -0.72 21.55
N ALA D 427 30.48 -0.98 20.73
CA ALA D 427 30.45 -0.59 19.32
C ALA D 427 29.39 -1.41 18.59
N THR D 428 29.26 -2.67 18.97
CA THR D 428 28.26 -3.54 18.34
C THR D 428 26.87 -3.01 18.59
N LEU D 429 26.59 -2.67 19.85
CA LEU D 429 25.31 -2.04 20.22
C LEU D 429 25.05 -0.76 19.41
N CYS D 430 26.06 0.10 19.35
CA CYS D 430 25.92 1.36 18.64
C CYS D 430 25.64 1.14 17.15
N ARG D 431 26.38 0.23 16.54
CA ARG D 431 26.20 -0.10 15.12
C ARG D 431 24.78 -0.62 14.83
N VAL D 432 24.32 -1.62 15.58
CA VAL D 432 23.05 -2.26 15.23
C VAL D 432 21.82 -1.41 15.53
N VAL D 433 21.82 -0.62 16.59
CA VAL D 433 20.64 0.23 16.82
C VAL D 433 20.63 1.34 15.76
N ASP D 434 21.81 1.79 15.34
CA ASP D 434 21.90 2.77 14.26
C ASP D 434 21.36 2.14 12.97
N ASP D 435 21.78 0.92 12.68
CA ASP D 435 21.38 0.28 11.45
C ASP D 435 19.89 0.00 11.47
N ILE D 436 19.38 -0.44 12.62
CA ILE D 436 17.94 -0.67 12.78
C ILE D 436 17.19 0.60 12.48
N ALA D 437 17.59 1.69 13.14
CA ALA D 437 16.92 2.97 13.00
C ALA D 437 16.97 3.53 11.57
N THR D 438 18.14 3.44 10.93
CA THR D 438 18.31 4.13 9.65
C THR D 438 17.75 3.29 8.49
N TYR D 439 17.39 2.03 8.75
CA TYR D 439 16.73 1.25 7.72
C TYR D 439 15.26 1.66 7.65
N GLU D 440 14.98 2.61 6.77
CA GLU D 440 13.65 3.12 6.51
C GLU D 440 13.85 3.91 5.24
N VAL D 441 15.11 3.96 4.83
CA VAL D 441 15.53 4.67 3.65
C VAL D 441 15.95 3.68 2.55
N GLU D 442 15.83 4.14 1.32
CA GLU D 442 16.15 3.32 0.17
C GLU D 442 16.23 4.16 -1.10
N LYS D 443 15.66 5.36 -1.01
CA LYS D 443 15.63 6.31 -2.12
C LYS D 443 16.68 7.42 -1.95
N GLY D 444 17.21 7.93 -3.06
CA GLY D 444 16.80 7.55 -4.40
C GLY D 444 17.50 6.33 -4.95
N ILE D 448 22.68 3.73 2.22
CA ILE D 448 23.73 3.24 1.32
C ILE D 448 23.79 1.71 1.28
N ALA D 449 24.29 1.13 2.36
CA ALA D 449 24.35 -0.31 2.50
C ALA D 449 23.39 -0.81 3.57
N THR D 450 23.48 -0.18 4.75
CA THR D 450 22.94 -0.63 6.04
C THR D 450 23.16 -2.12 6.30
N GLY D 451 23.05 -2.49 7.56
CA GLY D 451 23.44 -3.82 7.98
C GLY D 451 22.28 -4.74 7.76
N ILE D 452 21.08 -4.18 7.81
CA ILE D 452 19.89 -4.98 7.58
C ILE D 452 19.88 -5.57 6.17
N GLU D 453 20.22 -4.77 5.16
CA GLU D 453 20.31 -5.28 3.78
C GLU D 453 21.39 -6.34 3.61
N CYS D 454 22.55 -6.12 4.23
CA CYS D 454 23.64 -7.08 4.18
C CYS D 454 23.22 -8.40 4.80
N TYR D 455 22.50 -8.33 5.91
CA TYR D 455 22.02 -9.53 6.57
C TYR D 455 20.95 -10.25 5.73
N MET D 456 20.03 -9.49 5.16
CA MET D 456 19.00 -10.08 4.30
C MET D 456 19.64 -10.86 3.17
N ARG D 457 20.58 -10.24 2.48
CA ARG D 457 21.27 -10.89 1.38
C ARG D 457 22.14 -12.06 1.85
N ASP D 458 22.95 -11.83 2.88
CA ASP D 458 23.90 -12.83 3.34
C ASP D 458 23.20 -14.10 3.84
N TYR D 459 22.18 -13.93 4.67
CA TYR D 459 21.47 -15.06 5.27
C TYR D 459 20.24 -15.53 4.50
N GLY D 460 19.83 -14.74 3.50
CA GLY D 460 18.65 -15.09 2.71
C GLY D 460 17.38 -15.06 3.53
N VAL D 461 17.18 -13.97 4.26
CA VAL D 461 16.03 -13.83 5.13
C VAL D 461 15.29 -12.53 4.80
N SER D 462 14.09 -12.38 5.35
CA SER D 462 13.27 -11.18 5.15
C SER D 462 13.75 -10.03 6.04
N THR D 463 13.12 -8.86 5.90
CA THR D 463 13.50 -7.71 6.69
C THR D 463 13.14 -7.96 8.16
N GLU D 464 12.02 -8.62 8.36
CA GLU D 464 11.49 -8.87 9.70
C GLU D 464 12.41 -9.79 10.49
N VAL D 465 12.94 -10.81 9.83
CA VAL D 465 13.89 -11.72 10.49
C VAL D 465 15.22 -11.00 10.68
N ALA D 466 15.64 -10.25 9.67
CA ALA D 466 16.86 -9.48 9.74
C ALA D 466 16.80 -8.44 10.85
N MET D 467 15.68 -7.72 10.95
CA MET D 467 15.49 -6.74 12.01
C MET D 467 15.52 -7.38 13.39
N GLU D 468 14.98 -8.60 13.46
CA GLU D 468 14.80 -9.30 14.72
C GLU D 468 16.14 -9.87 15.16
N LYS D 469 16.95 -10.29 14.21
CA LYS D 469 18.29 -10.73 14.52
C LYS D 469 19.18 -9.54 14.97
N PHE D 470 18.96 -8.36 14.39
CA PHE D 470 19.69 -7.18 14.81
C PHE D 470 19.26 -6.75 16.21
N GLN D 471 17.96 -6.82 16.50
CA GLN D 471 17.47 -6.59 17.85
C GLN D 471 18.12 -7.56 18.83
N GLU D 472 18.23 -8.83 18.41
CA GLU D 472 18.90 -9.85 19.22
C GLU D 472 20.36 -9.49 19.46
N MET D 473 21.06 -8.96 18.45
CA MET D 473 22.43 -8.53 18.63
C MET D 473 22.54 -7.41 19.67
N ALA D 474 21.52 -6.55 19.72
CA ALA D 474 21.48 -5.49 20.72
C ALA D 474 21.29 -6.07 22.12
N ASP D 475 20.36 -7.01 22.24
CA ASP D 475 20.14 -7.68 23.52
C ASP D 475 21.45 -8.35 23.98
N ILE D 476 22.11 -9.05 23.07
CA ILE D 476 23.38 -9.72 23.35
C ILE D 476 24.46 -8.73 23.78
N ALA D 477 24.53 -7.58 23.11
CA ALA D 477 25.47 -6.53 23.49
C ALA D 477 25.21 -6.04 24.92
N TRP D 478 23.94 -5.82 25.26
CA TRP D 478 23.59 -5.40 26.61
C TRP D 478 23.96 -6.47 27.66
N LYS D 479 23.77 -7.74 27.31
CA LYS D 479 24.10 -8.80 28.24
C LYS D 479 25.61 -8.94 28.44
N ASP D 480 26.38 -8.74 27.36
CA ASP D 480 27.83 -8.68 27.45
C ASP D 480 28.33 -7.57 28.38
N VAL D 481 27.84 -6.35 28.16
CA VAL D 481 28.25 -5.21 28.95
C VAL D 481 27.94 -5.48 30.42
N ASN D 482 26.70 -5.89 30.68
CA ASN D 482 26.28 -6.22 32.04
C ASN D 482 27.16 -7.28 32.71
N GLU D 483 27.71 -8.20 31.92
CA GLU D 483 28.56 -9.24 32.48
C GLU D 483 29.98 -8.72 32.68
N GLU D 484 30.43 -7.91 31.73
CA GLU D 484 31.80 -7.42 31.73
C GLU D 484 32.09 -6.39 32.83
N ILE D 485 31.06 -5.75 33.37
CA ILE D 485 31.28 -4.81 34.47
C ILE D 485 31.32 -5.54 35.80
N LEU D 486 31.06 -6.85 35.78
CA LEU D 486 31.04 -7.63 37.01
C LEU D 486 32.44 -8.17 37.35
N ARG D 487 32.88 -7.94 38.57
CA ARG D 487 34.17 -8.44 39.02
C ARG D 487 34.21 -9.97 38.98
N PRO D 488 35.38 -10.54 38.64
CA PRO D 488 36.66 -9.84 38.40
C PRO D 488 36.70 -9.13 37.05
N THR D 489 37.06 -7.86 37.09
CA THR D 489 37.19 -7.04 35.88
C THR D 489 38.67 -6.80 35.59
N PRO D 490 39.01 -6.61 34.31
CA PRO D 490 40.41 -6.39 33.92
C PRO D 490 40.88 -4.97 34.25
N VAL D 491 39.95 -4.03 34.35
CA VAL D 491 40.27 -2.67 34.70
C VAL D 491 39.26 -2.12 35.71
N SER D 492 39.55 -0.95 36.27
CA SER D 492 38.74 -0.40 37.35
C SER D 492 37.35 -0.02 36.86
N SER D 493 36.40 0.06 37.79
CA SER D 493 35.02 0.44 37.50
C SER D 493 34.92 1.78 36.81
N GLU D 494 35.78 2.71 37.22
CA GLU D 494 35.79 4.04 36.66
C GLU D 494 36.03 3.99 35.15
N ILE D 495 36.94 3.13 34.74
CA ILE D 495 37.25 2.98 33.33
C ILE D 495 36.06 2.34 32.58
N LEU D 496 35.48 1.31 33.19
CA LEU D 496 34.39 0.56 32.60
C LEU D 496 33.12 1.39 32.48
N THR D 497 32.95 2.35 33.40
CA THR D 497 31.76 3.17 33.46
C THR D 497 31.62 4.11 32.25
N ARG D 498 32.75 4.55 31.69
CA ARG D 498 32.71 5.34 30.46
C ARG D 498 32.09 4.55 29.32
N ILE D 499 32.44 3.26 29.24
CA ILE D 499 31.95 2.39 28.18
C ILE D 499 30.46 2.08 28.42
N LEU D 500 30.08 1.79 29.67
CA LEU D 500 28.67 1.61 30.05
C LEU D 500 27.83 2.82 29.66
N ASN D 501 28.35 4.01 29.93
CA ASN D 501 27.60 5.22 29.65
C ASN D 501 27.45 5.54 28.15
N LEU D 502 28.49 5.25 27.36
CA LEU D 502 28.37 5.43 25.91
C LEU D 502 27.30 4.51 25.36
N ALA D 503 27.19 3.34 25.97
CA ALA D 503 26.17 2.36 25.61
C ALA D 503 24.81 2.91 25.99
N ARG D 504 24.73 3.50 27.18
CA ARG D 504 23.49 4.08 27.65
C ARG D 504 22.97 5.16 26.70
N ILE D 505 23.85 6.08 26.32
CA ILE D 505 23.43 7.21 25.50
C ILE D 505 22.92 6.73 24.15
N ILE D 506 23.62 5.78 23.52
CA ILE D 506 23.24 5.36 22.18
C ILE D 506 21.91 4.61 22.25
N ASP D 507 21.65 3.92 23.36
CA ASP D 507 20.39 3.20 23.50
C ASP D 507 19.20 4.18 23.58
N VAL D 508 19.39 5.28 24.32
CA VAL D 508 18.36 6.30 24.49
C VAL D 508 18.10 7.08 23.19
N THR D 509 19.18 7.46 22.52
CA THR D 509 19.12 8.23 21.28
C THR D 509 18.25 7.56 20.23
N TYR D 510 18.42 6.26 20.11
CA TYR D 510 17.73 5.50 19.08
C TYR D 510 16.57 4.67 19.63
N LYS D 511 15.83 5.25 20.57
CA LYS D 511 14.67 4.59 21.13
C LYS D 511 13.45 4.82 20.26
N GLU D 521 18.12 12.63 16.81
CA GLU D 521 18.05 13.99 16.27
C GLU D 521 17.36 14.95 17.24
N LYS D 522 16.03 15.03 17.15
CA LYS D 522 15.25 15.83 18.10
C LYS D 522 14.79 15.01 19.30
N VAL D 523 15.31 13.79 19.40
CA VAL D 523 15.19 13.01 20.63
C VAL D 523 16.04 13.66 21.71
N LEU D 524 17.07 14.37 21.27
CA LEU D 524 18.04 14.97 22.18
C LEU D 524 17.77 16.41 22.58
N LYS D 525 16.92 17.12 21.83
CA LYS D 525 16.68 18.53 22.14
C LYS D 525 16.16 18.78 23.57
N PRO D 526 15.12 18.04 24.02
CA PRO D 526 14.69 18.33 25.40
C PRO D 526 15.73 17.96 26.45
N HIS D 527 16.60 16.99 26.17
CA HIS D 527 17.69 16.67 27.08
C HIS D 527 18.74 17.78 27.07
N ILE D 528 19.00 18.34 25.89
CA ILE D 528 19.87 19.51 25.78
C ILE D 528 19.31 20.65 26.60
N ILE D 529 18.03 20.94 26.43
CA ILE D 529 17.38 22.00 27.19
C ILE D 529 17.41 21.75 28.70
N ALA D 530 17.07 20.53 29.10
CA ALA D 530 17.02 20.20 30.51
C ALA D 530 18.41 20.27 31.14
N LEU D 531 19.43 19.91 30.36
CA LEU D 531 20.79 19.78 30.89
C LEU D 531 21.68 21.03 30.86
N VAL D 532 21.61 21.83 29.80
CA VAL D 532 22.50 22.99 29.71
C VAL D 532 21.76 24.31 29.55
N VAL D 533 20.43 24.27 29.51
CA VAL D 533 19.68 25.53 29.41
C VAL D 533 18.91 25.86 30.69
N ASP D 534 17.96 25.01 31.07
CA ASP D 534 17.07 25.35 32.18
C ASP D 534 17.61 24.93 33.54
N SER D 535 17.68 25.89 34.45
CA SER D 535 18.04 25.63 35.82
C SER D 535 16.81 25.23 36.62
N ILE D 536 17.02 24.57 37.75
CA ILE D 536 15.93 24.21 38.66
C ILE D 536 15.60 25.38 39.58
N ASP D 537 14.32 25.71 39.70
CA ASP D 537 13.89 26.79 40.58
C ASP D 537 14.08 26.44 42.05
N ILE D 538 14.71 27.37 42.78
CA ILE D 538 14.97 27.22 44.22
C ILE D 538 13.80 27.70 45.06
#